data_3IQZ
#
_entry.id   3IQZ
#
_cell.length_a   62.810
_cell.length_b   167.700
_cell.length_c   95.860
_cell.angle_alpha   90.00
_cell.angle_beta   101.25
_cell.angle_gamma   90.00
#
_symmetry.space_group_name_H-M   'P 1 21 1'
#
loop_
_entity.id
_entity.type
_entity.pdbx_description
1 polymer 'F420-dependent methylenetetrahydromethanopterin dehydrogenase'
2 non-polymer '5,10-DIMETHYLENE TETRAHYDROMETHANOPTERIN'
3 non-polymer 'CALCIUM ION'
4 non-polymer GLYCEROL
5 non-polymer 'SODIUM ION'
6 water water
#
_entity_poly.entity_id   1
_entity_poly.type   'polypeptide(L)'
_entity_poly.pdbx_seq_one_letter_code
;MTVAKAIFIKCGNLGTSMMMDMLLDERADREDVEFRVVGTSVKMDPECVEAAVEMALDIAEDFEPDFIVYGGPNPAAPGP
SKAREMLADSEYPAVIIGDAPGLKVKDEMEEQGLGYILVKPDAMLGARREFLDPVEMAIYNADLMKVLAATGVFRVVQEA
FDELIEKAKEDEISENDLPKLVIDRNTLLEREEFENPYAMVKAMAALEIAENVADVSVEGCFVEQDKERYVPIVASAHEM
MRKAAELADEARELEKSNDAVLRTPHAPDGKVLSKRKFMEDPE
;
_entity_poly.pdbx_strand_id   A,B,C,D,E,F
#
loop_
_chem_comp.id
_chem_comp.type
_chem_comp.name
_chem_comp.formula
CA non-polymer 'CALCIUM ION' 'Ca 2'
GOL non-polymer GLYCEROL 'C3 H8 O3'
H4M non-polymer '5,10-DIMETHYLENE TETRAHYDROMETHANOPTERIN' 'C31 H45 N6 O16 P'
NA non-polymer 'SODIUM ION' 'Na 1'
#
# COMPACT_ATOMS: atom_id res chain seq x y z
N THR A 2 45.75 18.28 6.62
CA THR A 2 46.24 17.01 6.01
C THR A 2 45.09 16.26 5.32
N VAL A 3 45.43 15.55 4.25
CA VAL A 3 44.48 14.81 3.44
C VAL A 3 44.75 13.33 3.60
N ALA A 4 43.76 12.59 4.07
CA ALA A 4 43.89 11.14 4.21
C ALA A 4 43.64 10.48 2.86
N LYS A 5 44.42 9.45 2.54
CA LYS A 5 44.27 8.75 1.29
C LYS A 5 44.00 7.27 1.47
N ALA A 6 43.19 6.68 0.59
CA ALA A 6 42.89 5.25 0.69
C ALA A 6 42.58 4.65 -0.67
N ILE A 7 42.82 3.36 -0.80
CA ILE A 7 42.47 2.65 -2.02
C ILE A 7 41.39 1.62 -1.66
N PHE A 8 40.33 1.58 -2.46
CA PHE A 8 39.30 0.58 -2.29
C PHE A 8 39.40 -0.47 -3.38
N ILE A 9 39.39 -1.74 -3.00
CA ILE A 9 39.43 -2.81 -3.97
C ILE A 9 38.10 -3.53 -3.95
N LYS A 10 37.45 -3.65 -5.10
CA LYS A 10 36.16 -4.33 -5.17
C LYS A 10 36.19 -5.52 -6.12
N CYS A 11 36.04 -6.72 -5.58
CA CYS A 11 35.94 -7.92 -6.40
C CYS A 11 34.69 -8.65 -5.97
N GLY A 12 33.85 -9.03 -6.93
CA GLY A 12 32.49 -9.45 -6.61
C GLY A 12 31.67 -8.25 -6.16
N ASN A 13 30.45 -8.48 -5.70
CA ASN A 13 29.57 -7.38 -5.29
C ASN A 13 28.77 -7.70 -4.01
N LEU A 14 28.74 -6.71 -3.13
CA LEU A 14 27.98 -6.74 -1.89
C LEU A 14 27.34 -5.38 -1.80
N GLY A 15 26.18 -5.28 -1.16
CA GLY A 15 25.59 -3.95 -1.02
C GLY A 15 26.62 -3.01 -0.39
N THR A 16 27.29 -3.46 0.65
CA THR A 16 28.19 -2.57 1.37
C THR A 16 29.39 -2.21 0.54
N SER A 17 29.89 -3.15 -0.24
CA SER A 17 31.15 -2.84 -0.93
C SER A 17 30.88 -1.94 -2.12
N MET A 18 29.66 -2.00 -2.63
CA MET A 18 29.25 -1.18 -3.74
C MET A 18 29.20 0.29 -3.29
N MET A 19 28.78 0.54 -2.06
CA MET A 19 28.63 1.90 -1.56
C MET A 19 29.71 2.44 -0.61
N MET A 20 30.66 1.59 -0.19
CA MET A 20 31.54 1.97 0.93
C MET A 20 32.29 3.30 0.73
N ASP A 21 32.93 3.51 -0.42
CA ASP A 21 33.67 4.75 -0.62
C ASP A 21 32.76 5.98 -0.70
N MET A 22 31.62 5.83 -1.36
CA MET A 22 30.70 6.93 -1.57
C MET A 22 30.02 7.41 -0.29
N LEU A 23 29.85 6.53 0.70
CA LEU A 23 29.29 6.92 1.99
C LEU A 23 30.18 7.91 2.70
N LEU A 24 31.42 8.01 2.27
CA LEU A 24 32.40 8.85 2.96
C LEU A 24 32.55 10.26 2.39
N ASP A 25 31.92 10.55 1.26
CA ASP A 25 32.07 11.86 0.63
C ASP A 25 30.82 12.15 -0.24
N GLU A 26 29.64 12.15 0.40
CA GLU A 26 28.34 12.10 -0.27
C GLU A 26 28.02 13.20 -1.29
N ARG A 27 28.65 14.35 -1.11
CA ARG A 27 28.49 15.45 -2.07
C ARG A 27 29.80 15.80 -2.77
N ALA A 28 30.85 14.99 -2.58
CA ALA A 28 32.19 15.22 -3.14
C ALA A 28 32.83 16.53 -2.71
N ASP A 29 32.46 17.08 -1.55
CA ASP A 29 33.05 18.38 -1.13
C ASP A 29 34.05 18.22 0.02
N ARG A 30 34.38 17.00 0.39
CA ARG A 30 35.41 16.83 1.42
C ARG A 30 36.76 17.23 0.83
N GLU A 31 37.50 18.08 1.54
CA GLU A 31 38.84 18.42 1.15
C GLU A 31 39.90 17.65 1.93
N ASP A 32 39.48 16.73 2.79
CA ASP A 32 40.43 16.06 3.65
C ASP A 32 40.64 14.60 3.26
N VAL A 33 40.14 14.20 2.10
CA VAL A 33 40.24 12.80 1.68
C VAL A 33 40.47 12.71 0.19
N GLU A 34 41.15 11.66 -0.23
CA GLU A 34 41.32 11.39 -1.64
C GLU A 34 41.41 9.85 -1.81
N PHE A 35 40.63 9.34 -2.76
CA PHE A 35 40.47 7.90 -2.91
C PHE A 35 40.78 7.41 -4.32
N ARG A 36 41.26 6.18 -4.41
CA ARG A 36 41.31 5.45 -5.67
C ARG A 36 40.52 4.17 -5.50
N VAL A 37 39.85 3.73 -6.56
CA VAL A 37 39.02 2.53 -6.49
C VAL A 37 39.41 1.65 -7.65
N VAL A 38 39.75 0.40 -7.36
CA VAL A 38 40.10 -0.53 -8.41
C VAL A 38 39.39 -1.83 -8.17
N GLY A 39 39.22 -2.60 -9.24
CA GLY A 39 38.54 -3.89 -9.11
C GLY A 39 38.53 -4.66 -10.39
N THR A 40 38.03 -5.88 -10.33
CA THR A 40 37.90 -6.74 -11.49
C THR A 40 36.42 -7.01 -11.76
N SER A 41 35.57 -6.06 -11.38
CA SER A 41 34.12 -6.21 -11.51
C SER A 41 33.61 -7.38 -10.68
N VAL A 42 32.71 -8.17 -11.25
CA VAL A 42 32.08 -9.22 -10.46
C VAL A 42 32.97 -10.43 -10.22
N LYS A 43 34.07 -10.55 -10.96
CA LYS A 43 34.88 -11.77 -10.84
C LYS A 43 35.74 -11.76 -9.56
N MET A 44 35.72 -12.85 -8.80
CA MET A 44 36.45 -12.88 -7.54
C MET A 44 37.21 -14.17 -7.28
N ASP A 45 37.53 -14.91 -8.35
CA ASP A 45 38.38 -16.09 -8.24
C ASP A 45 39.81 -15.62 -7.95
N PRO A 46 40.67 -16.53 -7.48
CA PRO A 46 42.07 -16.23 -7.13
C PRO A 46 42.86 -15.35 -8.14
N GLU A 47 42.85 -15.69 -9.43
CA GLU A 47 43.62 -14.89 -10.38
C GLU A 47 43.13 -13.45 -10.42
N CYS A 48 41.81 -13.28 -10.48
CA CYS A 48 41.24 -11.94 -10.57
C CYS A 48 41.52 -11.12 -9.33
N VAL A 49 41.36 -11.74 -8.17
CA VAL A 49 41.59 -11.05 -6.92
C VAL A 49 43.05 -10.63 -6.81
N GLU A 50 43.96 -11.53 -7.17
CA GLU A 50 45.40 -11.21 -7.17
C GLU A 50 45.72 -10.05 -8.12
N ALA A 51 45.11 -10.07 -9.29
CA ALA A 51 45.31 -9.01 -10.27
C ALA A 51 44.75 -7.69 -9.74
N ALA A 52 43.64 -7.77 -9.00
CA ALA A 52 43.04 -6.55 -8.44
C ALA A 52 43.94 -5.96 -7.36
N VAL A 53 44.46 -6.82 -6.49
CA VAL A 53 45.30 -6.35 -5.40
C VAL A 53 46.63 -5.79 -5.94
N GLU A 54 47.12 -6.34 -7.05
CA GLU A 54 48.34 -5.83 -7.68
C GLU A 54 48.18 -4.44 -8.26
N MET A 55 47.04 -4.20 -8.91
CA MET A 55 46.70 -2.86 -9.36
C MET A 55 46.80 -1.91 -8.20
N ALA A 56 46.12 -2.24 -7.11
CA ALA A 56 46.14 -1.44 -5.90
C ALA A 56 47.56 -1.18 -5.41
N LEU A 57 48.36 -2.23 -5.30
CA LEU A 57 49.71 -2.07 -4.81
C LEU A 57 50.59 -1.28 -5.78
N ASP A 58 50.45 -1.51 -7.08
CA ASP A 58 51.16 -0.70 -8.07
C ASP A 58 50.83 0.77 -7.89
N ILE A 59 49.54 1.07 -7.85
CA ILE A 59 49.07 2.44 -7.66
C ILE A 59 49.52 3.00 -6.32
N ALA A 60 49.61 2.14 -5.31
CA ALA A 60 49.98 2.58 -3.96
C ALA A 60 51.39 3.15 -3.88
N GLU A 61 52.29 2.63 -4.70
CA GLU A 61 53.67 3.11 -4.74
C GLU A 61 53.73 4.64 -4.86
N ASP A 62 52.99 5.19 -5.81
CA ASP A 62 52.98 6.64 -6.00
C ASP A 62 51.92 7.33 -5.16
N PHE A 63 50.78 6.67 -5.00
CA PHE A 63 49.65 7.25 -4.26
C PHE A 63 49.91 7.35 -2.74
N GLU A 64 50.65 6.38 -2.20
CA GLU A 64 50.97 6.35 -0.76
C GLU A 64 49.72 6.43 0.15
N PRO A 65 48.77 5.50 -0.03
CA PRO A 65 47.55 5.50 0.77
C PRO A 65 47.83 5.19 2.22
N ASP A 66 47.07 5.81 3.13
CA ASP A 66 47.15 5.51 4.57
C ASP A 66 46.56 4.17 4.94
N PHE A 67 45.60 3.71 4.15
CA PHE A 67 45.07 2.35 4.36
C PHE A 67 44.43 1.83 3.09
N ILE A 68 44.21 0.53 3.06
CA ILE A 68 43.60 -0.10 1.91
C ILE A 68 42.38 -0.89 2.34
N VAL A 69 41.32 -0.82 1.55
CA VAL A 69 40.11 -1.56 1.85
C VAL A 69 39.81 -2.57 0.75
N TYR A 70 39.55 -3.81 1.15
CA TYR A 70 39.12 -4.82 0.20
C TYR A 70 37.67 -5.18 0.53
N GLY A 71 36.79 -5.09 -0.47
CA GLY A 71 35.38 -5.37 -0.24
C GLY A 71 34.75 -6.33 -1.23
N GLY A 72 34.02 -7.32 -0.69
CA GLY A 72 33.28 -8.25 -1.52
C GLY A 72 32.84 -9.50 -0.79
N PRO A 73 32.21 -10.40 -1.52
CA PRO A 73 31.64 -11.56 -0.85
C PRO A 73 32.67 -12.48 -0.19
N ASN A 74 32.21 -13.15 0.85
CA ASN A 74 32.93 -14.25 1.51
C ASN A 74 34.43 -14.12 1.65
N PRO A 75 34.88 -13.39 2.69
CA PRO A 75 36.32 -13.31 3.01
C PRO A 75 36.99 -14.69 3.19
N ALA A 76 36.20 -15.74 3.45
CA ALA A 76 36.78 -17.09 3.57
C ALA A 76 36.98 -17.84 2.25
N ALA A 77 36.46 -17.29 1.16
CA ALA A 77 36.60 -17.96 -0.14
C ALA A 77 38.03 -17.82 -0.68
N PRO A 78 38.39 -18.63 -1.67
CA PRO A 78 39.78 -18.65 -2.17
C PRO A 78 40.28 -17.28 -2.65
N GLY A 79 39.51 -16.62 -3.50
CA GLY A 79 39.89 -15.30 -4.01
C GLY A 79 40.17 -14.34 -2.88
N PRO A 80 39.15 -14.07 -2.06
CA PRO A 80 39.30 -13.16 -0.92
C PRO A 80 40.36 -13.60 0.10
N SER A 81 40.62 -14.91 0.21
CA SER A 81 41.71 -15.37 1.08
C SER A 81 43.08 -14.93 0.54
N LYS A 82 43.23 -15.01 -0.77
CA LYS A 82 44.44 -14.52 -1.42
C LYS A 82 44.64 -13.04 -1.11
N ALA A 83 43.55 -12.27 -1.13
CA ALA A 83 43.65 -10.83 -0.90
C ALA A 83 44.07 -10.55 0.53
N ARG A 84 43.42 -11.21 1.48
CA ARG A 84 43.78 -11.06 2.90
C ARG A 84 45.27 -11.36 3.15
N GLU A 85 45.75 -12.45 2.56
CA GLU A 85 47.15 -12.80 2.70
C GLU A 85 48.06 -11.72 2.09
N MET A 86 47.77 -11.30 0.87
CA MET A 86 48.58 -10.28 0.25
C MET A 86 48.54 -8.98 1.03
N LEU A 87 47.36 -8.61 1.53
CA LEU A 87 47.24 -7.32 2.22
C LEU A 87 47.88 -7.39 3.61
N ALA A 88 47.71 -8.52 4.28
CA ALA A 88 48.35 -8.73 5.57
C ALA A 88 49.85 -8.60 5.46
N ASP A 89 50.40 -9.17 4.39
CA ASP A 89 51.84 -9.16 4.16
C ASP A 89 52.39 -7.83 3.64
N SER A 90 51.51 -6.96 3.12
CA SER A 90 51.94 -5.64 2.62
C SER A 90 52.23 -4.67 3.76
N GLU A 91 52.79 -3.51 3.42
CA GLU A 91 53.10 -2.49 4.41
C GLU A 91 51.88 -1.63 4.82
N TYR A 92 50.76 -1.77 4.11
CA TYR A 92 49.61 -0.87 4.34
C TYR A 92 48.58 -1.47 5.30
N PRO A 93 48.12 -0.69 6.29
CA PRO A 93 47.00 -1.17 7.10
C PRO A 93 45.82 -1.44 6.19
N ALA A 94 45.11 -2.53 6.44
CA ALA A 94 44.03 -2.91 5.55
C ALA A 94 42.78 -3.35 6.30
N VAL A 95 41.63 -3.13 5.67
CA VAL A 95 40.31 -3.49 6.20
C VAL A 95 39.52 -4.37 5.23
N ILE A 96 38.95 -5.46 5.73
CA ILE A 96 38.14 -6.34 4.89
C ILE A 96 36.65 -6.11 5.11
N ILE A 97 35.94 -5.73 4.04
CA ILE A 97 34.49 -5.61 4.06
C ILE A 97 33.86 -6.90 3.51
N GLY A 98 33.03 -7.56 4.31
CA GLY A 98 32.43 -8.82 3.89
C GLY A 98 31.02 -9.05 4.42
N ASP A 99 30.58 -10.32 4.37
CA ASP A 99 29.22 -10.75 4.71
C ASP A 99 29.31 -11.85 5.79
N ALA A 100 28.19 -12.50 6.13
CA ALA A 100 28.21 -13.49 7.25
C ALA A 100 29.24 -14.59 7.09
N PRO A 101 29.37 -15.13 5.87
CA PRO A 101 30.33 -16.21 5.71
C PRO A 101 31.76 -15.85 6.15
N GLY A 102 32.09 -14.56 6.19
CA GLY A 102 33.39 -14.09 6.68
C GLY A 102 33.62 -14.43 8.14
N LEU A 103 32.54 -14.69 8.88
CA LEU A 103 32.70 -15.07 10.29
C LEU A 103 33.63 -16.27 10.47
N LYS A 104 33.67 -17.15 9.48
CA LYS A 104 34.50 -18.35 9.55
C LYS A 104 35.99 -18.06 9.69
N VAL A 105 36.43 -16.92 9.15
CA VAL A 105 37.83 -16.53 9.22
C VAL A 105 38.05 -15.28 10.06
N LYS A 106 37.10 -14.96 10.92
CA LYS A 106 37.23 -13.82 11.82
C LYS A 106 38.52 -13.84 12.64
N ASP A 107 38.77 -14.95 13.35
CA ASP A 107 39.97 -15.06 14.16
C ASP A 107 41.22 -14.98 13.31
N GLU A 108 41.20 -15.69 12.19
CA GLU A 108 42.29 -15.62 11.23
C GLU A 108 42.61 -14.15 10.84
N MET A 109 41.59 -13.36 10.56
CA MET A 109 41.84 -11.97 10.16
C MET A 109 42.51 -11.15 11.26
N GLU A 110 42.13 -11.40 12.51
CA GLU A 110 42.74 -10.66 13.61
C GLU A 110 44.18 -11.07 13.76
N GLU A 111 44.44 -12.35 13.53
CA GLU A 111 45.77 -12.91 13.59
C GLU A 111 46.62 -12.31 12.46
N GLN A 112 45.96 -12.07 11.33
CA GLN A 112 46.63 -11.52 10.17
C GLN A 112 46.89 -10.04 10.36
N GLY A 113 46.30 -9.46 11.39
CA GLY A 113 46.47 -8.03 11.66
C GLY A 113 45.61 -7.13 10.79
N LEU A 114 44.51 -7.68 10.26
CA LEU A 114 43.59 -6.94 9.41
C LEU A 114 42.36 -6.51 10.19
N GLY A 115 41.80 -5.37 9.82
CA GLY A 115 40.50 -4.99 10.34
C GLY A 115 39.41 -5.60 9.48
N TYR A 116 38.18 -5.58 9.99
CA TYR A 116 37.05 -6.07 9.20
C TYR A 116 35.74 -5.41 9.58
N ILE A 117 34.83 -5.42 8.63
CA ILE A 117 33.46 -5.08 8.86
C ILE A 117 32.65 -6.13 8.13
N LEU A 118 31.96 -6.98 8.88
CA LEU A 118 31.18 -8.07 8.34
C LEU A 118 29.72 -7.77 8.56
N VAL A 119 28.98 -7.70 7.47
CA VAL A 119 27.61 -7.22 7.46
C VAL A 119 26.71 -8.42 7.19
N LYS A 120 26.14 -8.99 8.25
CA LYS A 120 25.34 -10.20 8.12
C LYS A 120 24.11 -10.04 7.23
N PRO A 121 23.42 -8.89 7.28
CA PRO A 121 22.25 -8.71 6.43
C PRO A 121 22.60 -8.48 4.94
N ASP A 122 23.89 -8.42 4.61
CA ASP A 122 24.32 -8.17 3.20
C ASP A 122 24.31 -9.51 2.48
N ALA A 123 23.10 -9.99 2.17
CA ALA A 123 22.85 -11.40 1.85
C ALA A 123 23.11 -11.72 0.39
N MET A 124 23.69 -12.88 0.13
CA MET A 124 23.86 -13.39 -1.22
C MET A 124 22.49 -13.55 -1.90
N LEU A 125 22.42 -13.18 -3.17
CA LEU A 125 21.19 -13.26 -3.95
C LEU A 125 21.01 -14.64 -4.59
N GLY A 126 19.90 -14.82 -5.32
CA GLY A 126 19.54 -16.17 -5.82
C GLY A 126 20.15 -16.35 -7.20
N ALA A 127 21.43 -16.67 -7.22
CA ALA A 127 22.18 -16.66 -8.47
C ALA A 127 22.05 -17.99 -9.22
N ARG A 128 20.85 -18.25 -9.74
CA ARG A 128 20.67 -19.35 -10.69
C ARG A 128 20.31 -18.74 -12.05
N ARG A 129 20.90 -19.26 -13.12
CA ARG A 129 20.72 -18.69 -14.45
C ARG A 129 19.24 -18.58 -14.85
N GLU A 130 18.45 -19.59 -14.50
CA GLU A 130 17.02 -19.57 -14.84
C GLU A 130 16.23 -18.41 -14.24
N PHE A 131 16.79 -17.70 -13.26
CA PHE A 131 16.08 -16.68 -12.52
C PHE A 131 16.83 -15.35 -12.58
N LEU A 132 18.12 -15.39 -12.31
CA LEU A 132 18.86 -14.15 -12.15
C LEU A 132 19.41 -13.64 -13.51
N ASP A 133 18.75 -12.64 -14.11
CA ASP A 133 19.36 -11.97 -15.25
C ASP A 133 19.81 -10.62 -14.72
N PRO A 134 20.36 -9.76 -15.61
CA PRO A 134 20.91 -8.49 -15.09
C PRO A 134 19.90 -7.60 -14.43
N VAL A 135 18.69 -7.50 -14.98
CA VAL A 135 17.64 -6.70 -14.38
C VAL A 135 17.26 -7.23 -12.98
N GLU A 136 17.10 -8.54 -12.85
CA GLU A 136 16.74 -9.10 -11.54
C GLU A 136 17.85 -8.84 -10.52
N MET A 137 19.08 -9.01 -10.97
CA MET A 137 20.26 -8.72 -10.16
CA MET A 137 20.28 -8.71 -10.18
C MET A 137 20.25 -7.28 -9.62
N ALA A 138 19.92 -6.32 -10.50
CA ALA A 138 19.85 -4.92 -10.12
C ALA A 138 18.64 -4.60 -9.22
N ILE A 139 17.51 -5.24 -9.48
CA ILE A 139 16.36 -5.03 -8.62
C ILE A 139 16.67 -5.50 -7.20
N TYR A 140 17.38 -6.63 -7.09
CA TYR A 140 17.71 -7.18 -5.78
C TYR A 140 18.61 -6.18 -5.05
N ASN A 141 19.57 -5.63 -5.80
CA ASN A 141 20.53 -4.70 -5.22
C ASN A 141 19.89 -3.40 -4.77
N ALA A 142 18.85 -2.95 -5.48
CA ALA A 142 18.09 -1.73 -5.08
C ALA A 142 17.38 -1.99 -3.72
N ASP A 143 16.72 -3.14 -3.63
CA ASP A 143 16.04 -3.52 -2.40
C ASP A 143 17.03 -3.62 -1.22
N LEU A 144 18.17 -4.28 -1.47
CA LEU A 144 19.16 -4.43 -0.40
C LEU A 144 19.76 -3.10 0.00
N MET A 145 20.02 -2.23 -0.97
CA MET A 145 20.58 -0.91 -0.68
C MET A 145 19.65 -0.11 0.23
N LYS A 146 18.37 -0.14 -0.10
CA LYS A 146 17.35 0.49 0.70
C LYS A 146 17.36 -0.06 2.11
N VAL A 147 17.44 -1.39 2.24
CA VAL A 147 17.54 -1.99 3.56
C VAL A 147 18.76 -1.49 4.33
N LEU A 148 19.94 -1.60 3.72
CA LEU A 148 21.16 -1.25 4.41
C LEU A 148 21.27 0.23 4.75
N ALA A 149 20.67 1.09 3.91
CA ALA A 149 20.59 2.54 4.14
C ALA A 149 19.55 2.96 5.20
N ALA A 150 18.30 2.55 5.01
CA ALA A 150 17.24 3.08 5.83
C ALA A 150 17.22 2.46 7.24
N THR A 151 17.83 1.30 7.42
CA THR A 151 17.87 0.72 8.72
C THR A 151 19.01 1.36 9.51
N GLY A 152 19.91 2.09 8.84
CA GLY A 152 21.05 2.70 9.56
C GLY A 152 22.35 1.95 9.49
N VAL A 153 22.35 0.81 8.80
CA VAL A 153 23.60 0.01 8.72
C VAL A 153 24.69 0.80 8.01
N PHE A 154 24.35 1.52 6.96
CA PHE A 154 25.37 2.31 6.27
C PHE A 154 25.95 3.40 7.15
N ARG A 155 25.19 3.87 8.13
CA ARG A 155 25.69 4.91 9.01
C ARG A 155 26.75 4.30 9.89
N VAL A 156 26.52 3.05 10.32
CA VAL A 156 27.52 2.36 11.14
C VAL A 156 28.84 2.24 10.39
N VAL A 157 28.75 1.79 9.14
CA VAL A 157 29.92 1.71 8.25
C VAL A 157 30.54 3.08 8.05
N GLN A 158 29.72 4.10 7.77
CA GLN A 158 30.24 5.46 7.61
C GLN A 158 31.06 5.89 8.82
N GLU A 159 30.52 5.70 10.02
CA GLU A 159 31.26 6.01 11.25
C GLU A 159 32.58 5.32 11.42
N ALA A 160 32.61 4.04 11.09
CA ALA A 160 33.82 3.26 11.28
C ALA A 160 34.96 3.80 10.42
N PHE A 161 34.65 4.09 9.15
CA PHE A 161 35.68 4.63 8.28
C PHE A 161 36.08 6.04 8.63
N ASP A 162 35.12 6.87 9.05
CA ASP A 162 35.42 8.24 9.45
C ASP A 162 36.33 8.29 10.67
N GLU A 163 36.13 7.37 11.62
CA GLU A 163 37.04 7.25 12.77
C GLU A 163 38.45 6.86 12.34
N LEU A 164 38.53 5.94 11.37
CA LEU A 164 39.82 5.47 10.86
C LEU A 164 40.53 6.59 10.07
N ILE A 165 39.74 7.35 9.31
CA ILE A 165 40.28 8.47 8.55
C ILE A 165 40.88 9.54 9.46
N GLU A 166 40.25 9.80 10.60
CA GLU A 166 40.83 10.73 11.58
C GLU A 166 42.15 10.20 12.15
N LYS A 167 42.26 8.88 12.33
CA LYS A 167 43.50 8.28 12.79
C LYS A 167 44.58 8.41 11.72
N ALA A 168 44.19 8.19 10.47
CA ALA A 168 45.14 8.32 9.36
C ALA A 168 45.73 9.71 9.33
N LYS A 169 44.96 10.69 9.76
CA LYS A 169 45.42 12.08 9.79
C LYS A 169 46.30 12.38 10.99
N GLU A 170 46.11 11.63 12.08
CA GLU A 170 47.02 11.64 13.22
C GLU A 170 48.31 10.92 12.86
N ASP A 171 48.31 10.29 11.70
CA ASP A 171 49.53 9.86 11.02
C ASP A 171 50.02 8.46 11.38
N GLU A 172 49.46 7.83 12.42
CA GLU A 172 49.80 6.44 12.68
C GLU A 172 48.53 5.62 12.83
N ILE A 173 48.43 4.55 12.04
CA ILE A 173 47.33 3.62 12.18
C ILE A 173 47.88 2.31 12.69
N SER A 174 47.68 2.03 13.96
CA SER A 174 48.08 0.74 14.52
C SER A 174 46.97 -0.27 14.33
N GLU A 175 47.28 -1.55 14.53
CA GLU A 175 46.27 -2.58 14.45
C GLU A 175 45.12 -2.27 15.39
N ASN A 176 45.41 -1.60 16.49
CA ASN A 176 44.40 -1.26 17.49
C ASN A 176 43.32 -0.31 16.97
N ASP A 177 43.61 0.35 15.84
CA ASP A 177 42.74 1.36 15.28
C ASP A 177 41.82 0.79 14.20
N LEU A 178 42.19 -0.36 13.65
CA LEU A 178 41.42 -0.99 12.60
C LEU A 178 40.04 -1.47 13.08
N PRO A 179 38.98 -1.15 12.34
CA PRO A 179 37.65 -1.58 12.81
C PRO A 179 37.52 -3.10 12.88
N LYS A 180 36.76 -3.59 13.86
CA LYS A 180 36.49 -5.01 13.98
C LYS A 180 35.02 -5.20 14.33
N LEU A 181 34.18 -5.10 13.32
CA LEU A 181 32.76 -5.00 13.50
C LEU A 181 32.05 -6.17 12.86
N VAL A 182 31.03 -6.66 13.55
CA VAL A 182 30.07 -7.58 12.98
C VAL A 182 28.69 -6.95 13.12
N ILE A 183 28.06 -6.66 12.00
CA ILE A 183 26.82 -5.93 12.02
C ILE A 183 25.62 -6.83 11.73
N ASP A 184 24.55 -6.68 12.53
CA ASP A 184 23.35 -7.45 12.29
C ASP A 184 22.15 -6.76 12.92
N ARG A 185 21.03 -7.48 12.97
CA ARG A 185 19.79 -6.93 13.53
C ARG A 185 20.06 -6.24 14.87
N ASN A 186 20.77 -6.93 15.76
CA ASN A 186 21.00 -6.49 17.15
C ASN A 186 21.93 -5.29 17.30
N THR A 187 22.58 -4.90 16.19
CA THR A 187 23.47 -3.77 16.18
C THR A 187 22.66 -2.52 16.50
N LEU A 188 21.42 -2.48 16.01
CA LEU A 188 20.55 -1.35 16.24
C LEU A 188 20.25 -1.07 17.72
N LEU A 189 20.39 -2.07 18.57
CA LEU A 189 20.06 -1.93 19.97
C LEU A 189 21.09 -1.05 20.73
N GLU A 190 22.32 -1.00 20.25
CA GLU A 190 23.34 -0.16 20.86
C GLU A 190 23.34 1.25 20.28
N ARG A 191 22.42 1.56 19.37
CA ARG A 191 22.51 2.85 18.70
C ARG A 191 21.31 3.73 19.00
N GLU A 192 21.39 5.00 18.64
CA GLU A 192 20.31 5.93 18.84
C GLU A 192 19.85 6.37 17.46
N GLU A 193 19.92 5.48 16.48
CA GLU A 193 19.48 5.79 15.11
C GLU A 193 18.05 6.34 15.06
N PHE A 194 17.11 5.66 15.74
CA PHE A 194 15.68 5.96 15.57
C PHE A 194 15.08 6.67 16.74
N GLU A 195 14.43 7.80 16.49
CA GLU A 195 13.69 8.50 17.53
C GLU A 195 12.45 7.68 17.95
N ASN A 196 11.76 7.08 16.97
CA ASN A 196 10.57 6.32 17.28
C ASN A 196 10.93 4.84 17.52
N PRO A 197 10.45 4.22 18.62
CA PRO A 197 10.91 2.85 18.87
C PRO A 197 10.32 1.84 17.87
N TYR A 198 9.18 2.14 17.26
CA TYR A 198 8.61 1.21 16.28
C TYR A 198 9.43 1.27 14.97
N ALA A 199 9.92 2.46 14.59
CA ALA A 199 10.84 2.54 13.46
C ALA A 199 12.01 1.65 13.73
N MET A 200 12.57 1.77 14.93
CA MET A 200 13.64 0.82 15.33
C MET A 200 13.29 -0.68 15.21
N VAL A 201 12.13 -1.12 15.72
CA VAL A 201 11.86 -2.56 15.68
C VAL A 201 11.49 -3.02 14.26
N LYS A 202 10.99 -2.10 13.43
CA LYS A 202 10.73 -2.39 12.02
C LYS A 202 12.06 -2.52 11.28
N ALA A 203 12.99 -1.61 11.55
CA ALA A 203 14.32 -1.76 10.97
C ALA A 203 14.99 -3.05 11.46
N MET A 204 14.78 -3.45 12.71
CA MET A 204 15.30 -4.74 13.15
C MET A 204 14.69 -5.90 12.35
N ALA A 205 13.38 -5.89 12.18
CA ALA A 205 12.69 -6.90 11.40
C ALA A 205 13.27 -6.98 9.98
N ALA A 206 13.48 -5.82 9.34
CA ALA A 206 14.06 -5.77 8.03
C ALA A 206 15.45 -6.41 8.00
N LEU A 207 16.26 -6.14 9.03
CA LEU A 207 17.62 -6.69 9.02
C LEU A 207 17.59 -8.20 9.27
N GLU A 208 16.61 -8.64 10.05
CA GLU A 208 16.44 -10.07 10.33
C GLU A 208 16.05 -10.75 9.01
N ILE A 209 15.10 -10.16 8.28
CA ILE A 209 14.65 -10.79 7.04
C ILE A 209 15.78 -10.85 6.03
N ALA A 210 16.46 -9.72 5.82
CA ALA A 210 17.63 -9.65 4.91
C ALA A 210 18.67 -10.71 5.25
N GLU A 211 18.98 -10.84 6.55
CA GLU A 211 19.93 -11.83 6.95
C GLU A 211 19.42 -13.27 6.71
N ASN A 212 18.13 -13.50 6.94
CA ASN A 212 17.49 -14.80 6.62
C ASN A 212 17.52 -15.12 5.10
N VAL A 213 17.52 -14.07 4.27
CA VAL A 213 17.63 -14.29 2.82
C VAL A 213 18.86 -15.17 2.46
N ALA A 214 19.96 -15.00 3.18
CA ALA A 214 21.20 -15.63 2.78
C ALA A 214 21.02 -17.14 2.77
N ASP A 215 20.38 -17.67 3.81
CA ASP A 215 20.19 -19.11 3.91
C ASP A 215 19.33 -19.69 2.80
N VAL A 216 18.33 -18.94 2.37
CA VAL A 216 17.43 -19.37 1.33
C VAL A 216 18.22 -19.43 0.00
N SER A 217 18.93 -18.34 -0.33
CA SER A 217 19.84 -18.26 -1.49
C SER A 217 20.84 -19.41 -1.51
N VAL A 218 21.51 -19.63 -0.38
CA VAL A 218 22.50 -20.71 -0.29
C VAL A 218 21.85 -22.08 -0.56
N GLU A 219 20.71 -22.34 0.06
CA GLU A 219 20.00 -23.58 -0.20
C GLU A 219 19.75 -23.70 -1.70
N GLY A 220 19.22 -22.64 -2.32
CA GLY A 220 18.83 -22.74 -3.71
C GLY A 220 19.98 -22.82 -4.72
N CYS A 221 21.12 -22.20 -4.38
CA CYS A 221 22.31 -22.21 -5.24
C CYS A 221 23.27 -23.38 -5.00
N PHE A 222 23.40 -23.80 -3.76
CA PHE A 222 24.44 -24.77 -3.41
C PHE A 222 23.94 -26.11 -2.90
N VAL A 223 22.66 -26.25 -2.61
CA VAL A 223 22.15 -27.46 -2.00
C VAL A 223 21.12 -28.19 -2.87
N GLU A 224 20.00 -27.53 -3.10
CA GLU A 224 18.97 -28.06 -3.97
C GLU A 224 19.47 -28.21 -5.40
N GLN A 225 19.30 -29.40 -5.98
CA GLN A 225 19.84 -29.69 -7.31
C GLN A 225 18.77 -29.81 -8.38
N ASP A 226 17.52 -29.98 -7.95
CA ASP A 226 16.38 -30.05 -8.85
C ASP A 226 15.83 -28.63 -9.22
N LYS A 227 15.94 -28.24 -10.48
CA LYS A 227 15.56 -26.89 -10.88
C LYS A 227 14.08 -26.58 -10.65
N GLU A 228 13.23 -27.61 -10.68
CA GLU A 228 11.84 -27.42 -10.31
C GLU A 228 11.69 -26.96 -8.87
N ARG A 229 12.73 -27.17 -8.08
CA ARG A 229 12.69 -26.78 -6.69
C ARG A 229 13.56 -25.59 -6.49
N TYR A 230 14.76 -25.59 -7.07
CA TYR A 230 15.63 -24.44 -6.84
C TYR A 230 15.20 -23.09 -7.44
N VAL A 231 14.49 -23.09 -8.56
CA VAL A 231 14.07 -21.81 -9.16
C VAL A 231 13.06 -21.03 -8.27
N PRO A 232 11.94 -21.68 -7.87
CA PRO A 232 11.06 -21.11 -6.87
C PRO A 232 11.83 -20.71 -5.61
N ILE A 233 12.69 -21.59 -5.09
CA ILE A 233 13.44 -21.25 -3.89
C ILE A 233 14.20 -19.95 -3.98
N VAL A 234 14.99 -19.73 -5.03
CA VAL A 234 15.78 -18.51 -5.08
C VAL A 234 14.91 -17.29 -5.34
N ALA A 235 13.80 -17.49 -6.06
CA ALA A 235 12.86 -16.39 -6.30
C ALA A 235 12.16 -16.00 -4.97
N SER A 236 11.90 -16.98 -4.10
CA SER A 236 11.33 -16.62 -2.78
C SER A 236 12.30 -15.79 -1.92
N ALA A 237 13.60 -16.03 -2.05
CA ALA A 237 14.56 -15.19 -1.35
C ALA A 237 14.41 -13.74 -1.82
N HIS A 238 14.19 -13.55 -3.12
CA HIS A 238 14.03 -12.16 -3.63
C HIS A 238 12.75 -11.44 -3.19
N GLU A 239 11.67 -12.21 -3.10
CA GLU A 239 10.43 -11.69 -2.50
C GLU A 239 10.66 -11.29 -1.04
N MET A 240 11.51 -12.04 -0.33
CA MET A 240 11.83 -11.68 1.04
C MET A 240 12.56 -10.34 1.04
N MET A 241 13.60 -10.21 0.24
CA MET A 241 14.35 -8.95 0.25
C MET A 241 13.45 -7.76 -0.11
N ARG A 242 12.53 -7.97 -1.03
CA ARG A 242 11.59 -6.89 -1.39
C ARG A 242 10.77 -6.41 -0.17
N LYS A 243 10.30 -7.35 0.64
CA LYS A 243 9.59 -7.02 1.87
C LYS A 243 10.47 -6.39 2.95
N ALA A 244 11.70 -6.89 3.11
CA ALA A 244 12.64 -6.22 4.01
C ALA A 244 12.84 -4.71 3.61
N ALA A 245 12.86 -4.43 2.30
CA ALA A 245 13.01 -3.04 1.85
C ALA A 245 11.80 -2.21 2.24
N GLU A 246 10.63 -2.81 2.14
CA GLU A 246 9.39 -2.13 2.51
C GLU A 246 9.31 -1.83 4.01
N LEU A 247 9.77 -2.76 4.85
CA LEU A 247 9.90 -2.50 6.28
C LEU A 247 10.85 -1.36 6.60
N ALA A 248 12.00 -1.35 5.93
CA ALA A 248 12.97 -0.26 6.10
C ALA A 248 12.34 1.09 5.64
N ASP A 249 11.61 1.06 4.54
CA ASP A 249 10.93 2.28 4.08
C ASP A 249 9.95 2.75 5.15
N GLU A 250 9.16 1.80 5.69
CA GLU A 250 8.13 2.14 6.62
C GLU A 250 8.79 2.74 7.91
N ALA A 251 9.94 2.23 8.30
CA ALA A 251 10.62 2.81 9.45
C ALA A 251 11.01 4.25 9.21
N ARG A 252 11.51 4.55 8.00
CA ARG A 252 11.95 5.88 7.72
C ARG A 252 10.77 6.87 7.66
N GLU A 253 9.60 6.40 7.16
CA GLU A 253 8.40 7.27 7.06
C GLU A 253 7.94 7.60 8.49
N LEU A 254 8.05 6.63 9.40
CA LEU A 254 7.78 6.91 10.79
C LEU A 254 8.65 8.04 11.31
N GLU A 255 9.93 8.02 10.96
CA GLU A 255 10.82 9.07 11.44
C GLU A 255 10.41 10.40 10.84
N LYS A 256 9.87 10.35 9.62
CA LYS A 256 9.43 11.58 8.93
C LYS A 256 8.19 12.14 9.67
N SER A 257 7.33 11.23 10.15
CA SER A 257 6.10 11.68 10.74
C SER A 257 6.38 12.44 12.05
N ASN A 258 7.55 12.24 12.62
CA ASN A 258 7.94 12.98 13.83
C ASN A 258 8.96 14.07 13.54
N ASP A 259 9.18 14.36 12.26
CA ASP A 259 10.27 15.26 11.89
C ASP A 259 11.54 14.93 12.69
N ALA A 260 11.95 13.66 12.67
CA ALA A 260 13.05 13.23 13.44
C ALA A 260 14.05 12.40 12.66
N VAL A 261 14.12 12.54 11.36
CA VAL A 261 15.09 11.75 10.56
C VAL A 261 16.51 12.19 10.85
N LEU A 262 17.34 11.27 11.31
CA LEU A 262 18.71 11.59 11.63
C LEU A 262 19.48 11.84 10.34
N ARG A 263 20.20 12.95 10.27
CA ARG A 263 21.10 13.16 9.12
C ARG A 263 22.48 13.52 9.66
N THR A 264 23.51 12.92 9.09
CA THR A 264 24.87 13.15 9.58
C THR A 264 25.78 13.37 8.39
N PRO A 265 25.69 14.55 7.79
CA PRO A 265 26.50 14.88 6.61
C PRO A 265 27.94 15.32 6.96
N HIS A 266 28.84 15.29 5.97
CA HIS A 266 30.21 15.78 6.21
C HIS A 266 30.32 17.27 5.90
N ALA A 267 31.11 17.97 6.70
CA ALA A 267 31.49 19.33 6.34
C ALA A 267 32.71 19.19 5.42
N PRO A 268 33.06 20.26 4.67
CA PRO A 268 34.19 20.26 3.75
C PRO A 268 35.51 19.85 4.40
N ASP A 269 35.67 20.12 5.68
CA ASP A 269 36.88 19.71 6.40
C ASP A 269 36.76 18.28 6.97
N GLY A 270 35.71 17.57 6.57
CA GLY A 270 35.56 16.15 6.92
C GLY A 270 34.85 15.86 8.21
N LYS A 271 34.59 16.91 9.00
CA LYS A 271 33.88 16.75 10.26
C LYS A 271 32.45 16.22 9.99
N VAL A 272 31.96 15.31 10.82
CA VAL A 272 30.64 14.71 10.67
C VAL A 272 29.64 15.53 11.49
N LEU A 273 28.65 16.06 10.82
CA LEU A 273 27.65 16.92 11.45
C LEU A 273 26.42 16.08 11.78
N SER A 274 25.44 16.71 12.43
CA SER A 274 24.28 15.97 12.90
C SER A 274 23.08 16.89 13.00
N LYS A 275 21.92 16.30 12.76
CA LYS A 275 20.65 17.01 12.91
C LYS A 275 19.52 16.00 12.89
N ARG A 276 18.36 16.44 13.38
CA ARG A 276 17.12 15.66 13.34
C ARG A 276 15.96 16.40 12.66
N LYS A 277 15.74 17.65 13.02
CA LYS A 277 14.63 18.38 12.38
C LYS A 277 14.95 18.82 10.98
N PHE A 278 13.96 18.72 10.10
CA PHE A 278 14.16 19.00 8.70
C PHE A 278 14.79 20.36 8.45
N MET A 279 14.30 21.37 9.14
CA MET A 279 14.77 22.73 8.87
C MET A 279 15.98 23.15 9.69
N GLU A 280 16.51 22.25 10.50
CA GLU A 280 17.59 22.61 11.39
C GLU A 280 18.93 22.41 10.68
N ASP A 281 19.81 23.41 10.76
CA ASP A 281 21.16 23.29 10.21
C ASP A 281 21.92 22.15 10.88
N PRO A 282 22.61 21.31 10.10
CA PRO A 282 23.38 20.22 10.72
C PRO A 282 24.61 20.79 11.45
N GLU A 283 24.93 20.23 12.62
CA GLU A 283 26.03 20.79 13.41
C GLU A 283 26.88 19.77 14.13
N THR B 2 -24.91 42.52 4.74
CA THR B 2 -24.72 42.76 3.32
C THR B 2 -24.15 41.54 2.65
N VAL B 3 -24.50 41.36 1.40
CA VAL B 3 -24.41 40.09 0.72
C VAL B 3 -23.69 40.30 -0.59
N ALA B 4 -22.58 39.61 -0.78
CA ALA B 4 -21.87 39.66 -2.02
C ALA B 4 -22.49 38.76 -3.05
N LYS B 5 -22.56 39.22 -4.29
CA LYS B 5 -23.08 38.40 -5.38
C LYS B 5 -22.09 38.21 -6.52
N ALA B 6 -22.10 37.03 -7.14
CA ALA B 6 -21.16 36.75 -8.23
C ALA B 6 -21.75 35.73 -9.19
N ILE B 7 -21.34 35.81 -10.45
CA ILE B 7 -21.75 34.80 -11.42
C ILE B 7 -20.48 34.04 -11.85
N PHE B 8 -20.53 32.72 -11.86
CA PHE B 8 -19.45 31.89 -12.34
C PHE B 8 -19.81 31.35 -13.70
N ILE B 9 -18.87 31.43 -14.63
CA ILE B 9 -19.09 30.91 -15.99
C ILE B 9 -18.10 29.78 -16.16
N LYS B 10 -18.60 28.62 -16.58
CA LYS B 10 -17.77 27.45 -16.79
C LYS B 10 -17.90 26.93 -18.22
N CYS B 11 -16.81 26.98 -18.98
CA CYS B 11 -16.80 26.40 -20.31
C CYS B 11 -15.58 25.55 -20.35
N GLY B 12 -15.70 24.31 -20.83
CA GLY B 12 -14.59 23.39 -20.77
C GLY B 12 -14.52 22.95 -19.28
N ASN B 13 -13.51 22.19 -18.91
CA ASN B 13 -13.35 21.74 -17.52
C ASN B 13 -11.91 21.72 -17.05
N LEU B 14 -11.71 22.22 -15.83
CA LEU B 14 -10.44 22.16 -15.10
C LEU B 14 -10.81 21.72 -13.70
N GLY B 15 -9.88 21.12 -12.97
CA GLY B 15 -10.17 20.77 -11.59
C GLY B 15 -10.59 22.00 -10.80
N THR B 16 -9.93 23.14 -11.05
CA THR B 16 -10.18 24.29 -10.22
C THR B 16 -11.52 24.93 -10.60
N SER B 17 -11.87 24.90 -11.87
CA SER B 17 -13.11 25.55 -12.29
C SER B 17 -14.31 24.70 -11.92
N MET B 18 -14.10 23.40 -11.84
CA MET B 18 -15.20 22.54 -11.42
C MET B 18 -15.57 22.83 -9.97
N MET B 19 -14.61 23.24 -9.14
CA MET B 19 -14.84 23.33 -7.69
C MET B 19 -14.88 24.77 -7.15
N MET B 20 -14.51 25.75 -7.94
CA MET B 20 -14.30 27.10 -7.45
C MET B 20 -15.43 27.69 -6.63
N ASP B 21 -16.67 27.62 -7.13
CA ASP B 21 -17.78 28.17 -6.37
C ASP B 21 -18.05 27.44 -5.08
N MET B 22 -17.93 26.12 -5.10
CA MET B 22 -18.27 25.30 -3.94
C MET B 22 -17.29 25.44 -2.79
N LEU B 23 -16.05 25.81 -3.08
CA LEU B 23 -15.01 25.97 -2.05
C LEU B 23 -15.35 27.16 -1.20
N LEU B 24 -16.29 27.97 -1.65
CA LEU B 24 -16.59 29.22 -0.99
C LEU B 24 -17.78 29.09 -0.07
N ASP B 25 -18.50 27.98 -0.13
CA ASP B 25 -19.69 27.82 0.72
C ASP B 25 -19.96 26.33 1.00
N GLU B 26 -18.99 25.71 1.64
CA GLU B 26 -18.86 24.24 1.70
C GLU B 26 -20.00 23.48 2.39
N ARG B 27 -20.75 24.17 3.27
CA ARG B 27 -21.94 23.53 3.90
C ARG B 27 -23.23 24.32 3.49
N ALA B 28 -23.12 25.24 2.54
CA ALA B 28 -24.26 26.05 2.13
C ALA B 28 -24.91 26.88 3.26
N ASP B 29 -24.17 27.19 4.33
CA ASP B 29 -24.73 28.00 5.39
C ASP B 29 -24.27 29.47 5.38
N ARG B 30 -23.59 29.94 4.33
CA ARG B 30 -23.17 31.33 4.35
C ARG B 30 -24.37 32.19 4.03
N GLU B 31 -24.63 33.18 4.89
CA GLU B 31 -25.69 34.14 4.61
C GLU B 31 -25.16 35.40 3.91
N ASP B 32 -23.85 35.44 3.63
CA ASP B 32 -23.28 36.67 3.07
C ASP B 32 -22.91 36.59 1.60
N VAL B 33 -23.35 35.54 0.91
CA VAL B 33 -23.03 35.37 -0.49
C VAL B 33 -24.20 34.76 -1.21
N GLU B 34 -24.32 35.08 -2.50
CA GLU B 34 -25.27 34.42 -3.35
C GLU B 34 -24.69 34.32 -4.77
N PHE B 35 -24.77 33.13 -5.35
CA PHE B 35 -24.11 32.87 -6.61
C PHE B 35 -25.09 32.37 -7.69
N ARG B 36 -24.75 32.67 -8.94
CA ARG B 36 -25.32 32.01 -10.10
C ARG B 36 -24.21 31.36 -10.92
N VAL B 37 -24.50 30.23 -11.57
CA VAL B 37 -23.46 29.51 -12.32
C VAL B 37 -24.04 29.16 -13.67
N VAL B 38 -23.35 29.56 -14.74
CA VAL B 38 -23.83 29.22 -16.04
C VAL B 38 -22.65 28.70 -16.82
N GLY B 39 -22.96 27.93 -17.85
CA GLY B 39 -21.94 27.28 -18.62
C GLY B 39 -22.53 26.63 -19.86
N THR B 40 -21.63 26.18 -20.73
CA THR B 40 -22.00 25.46 -21.97
C THR B 40 -21.35 24.05 -21.87
N SER B 41 -21.24 23.57 -20.64
CA SER B 41 -20.61 22.28 -20.34
C SER B 41 -19.18 22.22 -20.89
N VAL B 42 -18.78 21.12 -21.51
CA VAL B 42 -17.40 20.96 -21.94
C VAL B 42 -17.00 21.79 -23.16
N LYS B 43 -17.97 22.32 -23.91
CA LYS B 43 -17.65 23.01 -25.15
C LYS B 43 -17.14 24.43 -24.90
N MET B 44 -15.98 24.77 -25.49
CA MET B 44 -15.34 26.07 -25.24
C MET B 44 -14.81 26.78 -26.50
N ASP B 45 -15.33 26.44 -27.67
CA ASP B 45 -15.06 27.20 -28.88
C ASP B 45 -15.71 28.58 -28.74
N PRO B 46 -15.31 29.53 -29.62
CA PRO B 46 -15.83 30.90 -29.64
C PRO B 46 -17.37 31.07 -29.52
N GLU B 47 -18.16 30.39 -30.36
CA GLU B 47 -19.64 30.54 -30.27
C GLU B 47 -20.17 30.13 -28.88
N CYS B 48 -19.71 28.99 -28.37
CA CYS B 48 -20.19 28.52 -27.07
C CYS B 48 -19.76 29.43 -25.95
N VAL B 49 -18.51 29.87 -25.98
CA VAL B 49 -18.07 30.83 -24.99
C VAL B 49 -18.87 32.11 -25.03
N GLU B 50 -19.10 32.64 -26.24
CA GLU B 50 -19.87 33.85 -26.36
C GLU B 50 -21.27 33.67 -25.81
N ALA B 51 -21.88 32.53 -26.10
CA ALA B 51 -23.24 32.23 -25.61
C ALA B 51 -23.27 32.12 -24.09
N ALA B 52 -22.22 31.54 -23.53
CA ALA B 52 -22.11 31.42 -22.07
C ALA B 52 -22.02 32.82 -21.45
N VAL B 53 -21.15 33.66 -21.98
CA VAL B 53 -20.96 34.97 -21.39
C VAL B 53 -22.23 35.82 -21.52
N GLU B 54 -22.97 35.67 -22.62
CA GLU B 54 -24.25 36.36 -22.79
C GLU B 54 -25.30 35.98 -21.78
N MET B 55 -25.41 34.68 -21.51
CA MET B 55 -26.22 34.16 -20.41
C MET B 55 -25.91 34.89 -19.12
N ALA B 56 -24.62 34.93 -18.78
CA ALA B 56 -24.17 35.63 -17.59
C ALA B 56 -24.58 37.10 -17.61
N LEU B 57 -24.29 37.79 -18.71
CA LEU B 57 -24.67 39.20 -18.82
C LEU B 57 -26.18 39.43 -18.78
N ASP B 58 -26.95 38.58 -19.44
CA ASP B 58 -28.41 38.72 -19.36
C ASP B 58 -28.87 38.62 -17.90
N ILE B 59 -28.44 37.55 -17.23
CA ILE B 59 -28.76 37.35 -15.83
C ILE B 59 -28.26 38.50 -14.96
N ALA B 60 -27.09 39.06 -15.32
CA ALA B 60 -26.49 40.13 -14.54
C ALA B 60 -27.37 41.39 -14.47
N GLU B 61 -28.12 41.63 -15.53
CA GLU B 61 -28.97 42.81 -15.52
C GLU B 61 -29.83 42.86 -14.26
N ASP B 62 -30.49 41.76 -13.93
CA ASP B 62 -31.34 41.71 -12.74
C ASP B 62 -30.55 41.28 -11.50
N PHE B 63 -29.60 40.36 -11.67
CA PHE B 63 -28.86 39.84 -10.52
C PHE B 63 -27.94 40.90 -9.92
N GLU B 64 -27.36 41.75 -10.76
CA GLU B 64 -26.39 42.75 -10.26
C GLU B 64 -25.20 42.16 -9.46
N PRO B 65 -24.41 41.27 -10.07
CA PRO B 65 -23.27 40.67 -9.35
C PRO B 65 -22.19 41.70 -9.11
N ASP B 66 -21.45 41.55 -8.02
CA ASP B 66 -20.31 42.41 -7.71
C ASP B 66 -19.11 42.04 -8.55
N PHE B 67 -19.02 40.79 -8.98
CA PHE B 67 -17.95 40.39 -9.89
C PHE B 67 -18.36 39.15 -10.68
N ILE B 68 -17.63 38.87 -11.74
CA ILE B 68 -17.93 37.69 -12.56
C ILE B 68 -16.65 36.89 -12.72
N VAL B 69 -16.77 35.55 -12.56
CA VAL B 69 -15.64 34.65 -12.75
C VAL B 69 -15.85 33.83 -14.02
N TYR B 70 -14.82 33.80 -14.88
CA TYR B 70 -14.80 32.84 -15.99
C TYR B 70 -13.75 31.76 -15.73
N GLY B 71 -14.14 30.49 -15.84
CA GLY B 71 -13.20 29.39 -15.48
C GLY B 71 -13.16 28.29 -16.53
N GLY B 72 -11.97 27.85 -16.89
CA GLY B 72 -11.83 26.74 -17.84
C GLY B 72 -10.43 26.70 -18.37
N PRO B 73 -10.14 25.76 -19.28
CA PRO B 73 -8.83 25.60 -19.86
C PRO B 73 -8.41 26.75 -20.75
N ASN B 74 -7.09 26.97 -20.75
CA ASN B 74 -6.37 27.84 -21.65
C ASN B 74 -6.97 29.21 -21.99
N PRO B 75 -6.77 30.19 -21.10
CA PRO B 75 -7.20 31.57 -21.32
C PRO B 75 -6.73 32.17 -22.66
N ALA B 76 -5.66 31.59 -23.24
CA ALA B 76 -5.11 32.07 -24.51
C ALA B 76 -5.83 31.50 -25.74
N ALA B 77 -6.67 30.49 -25.52
CA ALA B 77 -7.35 29.89 -26.67
C ALA B 77 -8.41 30.85 -27.20
N PRO B 78 -8.93 30.55 -28.40
CA PRO B 78 -9.84 31.52 -29.02
C PRO B 78 -11.13 31.76 -28.21
N GLY B 79 -11.76 30.69 -27.72
CA GLY B 79 -13.00 30.82 -26.98
C GLY B 79 -12.76 31.63 -25.72
N PRO B 80 -11.89 31.13 -24.84
CA PRO B 80 -11.53 31.93 -23.65
C PRO B 80 -11.02 33.35 -23.96
N SER B 81 -10.45 33.58 -25.15
CA SER B 81 -10.03 34.96 -25.52
C SER B 81 -11.22 35.85 -25.76
N LYS B 82 -12.26 35.30 -26.38
CA LYS B 82 -13.52 36.01 -26.59
C LYS B 82 -14.12 36.39 -25.23
N ALA B 83 -14.13 35.46 -24.28
CA ALA B 83 -14.65 35.75 -22.95
C ALA B 83 -13.92 36.88 -22.24
N ARG B 84 -12.59 36.83 -22.27
CA ARG B 84 -11.78 37.84 -21.61
C ARG B 84 -12.13 39.21 -22.17
N GLU B 85 -12.29 39.26 -23.48
CA GLU B 85 -12.59 40.55 -24.09
C GLU B 85 -14.00 41.06 -23.72
N MET B 86 -14.99 40.20 -23.83
CA MET B 86 -16.36 40.59 -23.43
C MET B 86 -16.37 40.99 -21.93
N LEU B 87 -15.65 40.27 -21.11
CA LEU B 87 -15.72 40.56 -19.68
C LEU B 87 -14.89 41.80 -19.38
N ALA B 88 -13.75 41.91 -20.06
CA ALA B 88 -12.89 43.07 -19.89
C ALA B 88 -13.71 44.28 -20.35
N ASP B 89 -14.53 44.11 -21.38
CA ASP B 89 -15.32 45.29 -21.90
C ASP B 89 -16.62 45.58 -21.15
N SER B 90 -17.09 44.65 -20.31
CA SER B 90 -18.33 44.83 -19.54
C SER B 90 -18.12 45.79 -18.38
N GLU B 91 -19.18 46.16 -17.71
CA GLU B 91 -19.06 46.98 -16.51
C GLU B 91 -18.64 46.19 -15.23
N TYR B 92 -18.55 44.87 -15.32
CA TYR B 92 -18.36 44.05 -14.08
C TYR B 92 -16.90 43.66 -13.87
N PRO B 93 -16.36 43.87 -12.66
CA PRO B 93 -15.03 43.33 -12.40
C PRO B 93 -15.02 41.82 -12.67
N ALA B 94 -13.94 41.29 -13.22
CA ALA B 94 -13.95 39.90 -13.63
C ALA B 94 -12.60 39.23 -13.37
N VAL B 95 -12.66 37.92 -13.10
CA VAL B 95 -11.51 37.12 -12.74
C VAL B 95 -11.49 35.89 -13.66
N ILE B 96 -10.30 35.58 -14.19
CA ILE B 96 -10.14 34.42 -15.05
C ILE B 96 -9.44 33.26 -14.32
N ILE B 97 -10.08 32.10 -14.29
CA ILE B 97 -9.49 30.91 -13.67
C ILE B 97 -8.96 30.07 -14.80
N GLY B 98 -7.66 29.77 -14.81
CA GLY B 98 -7.10 28.96 -15.91
C GLY B 98 -5.94 28.09 -15.49
N ASP B 99 -5.20 27.59 -16.47
CA ASP B 99 -4.11 26.61 -16.22
C ASP B 99 -2.78 27.23 -16.77
N ALA B 100 -1.73 26.43 -16.90
CA ALA B 100 -0.43 27.00 -17.30
C ALA B 100 -0.41 27.69 -18.64
N PRO B 101 -1.13 27.14 -19.63
CA PRO B 101 -1.10 27.83 -20.91
C PRO B 101 -1.62 29.27 -20.82
N GLY B 102 -2.38 29.60 -19.79
CA GLY B 102 -2.79 30.97 -19.55
C GLY B 102 -1.65 31.96 -19.40
N LEU B 103 -0.46 31.45 -19.09
CA LEU B 103 0.66 32.33 -18.82
C LEU B 103 1.03 33.13 -20.06
N LYS B 104 0.67 32.65 -21.23
CA LYS B 104 0.97 33.35 -22.48
C LYS B 104 0.22 34.67 -22.61
N VAL B 105 -0.91 34.82 -21.95
CA VAL B 105 -1.67 36.05 -22.06
C VAL B 105 -1.77 36.73 -20.70
N LYS B 106 -0.91 36.33 -19.75
CA LYS B 106 -0.83 37.02 -18.48
C LYS B 106 -0.79 38.56 -18.56
N ASP B 107 0.16 39.10 -19.32
CA ASP B 107 0.29 40.57 -19.45
C ASP B 107 -0.91 41.17 -20.14
N GLU B 108 -1.41 40.48 -21.15
CA GLU B 108 -2.62 40.88 -21.80
C GLU B 108 -3.77 41.03 -20.79
N MET B 109 -3.95 40.05 -19.91
CA MET B 109 -5.05 40.11 -18.95
C MET B 109 -4.93 41.29 -18.00
N GLU B 110 -3.73 41.58 -17.55
CA GLU B 110 -3.53 42.76 -16.72
C GLU B 110 -3.88 44.05 -17.48
N GLU B 111 -3.46 44.10 -18.72
CA GLU B 111 -3.78 45.25 -19.59
C GLU B 111 -5.30 45.36 -19.78
N GLN B 112 -5.96 44.20 -19.81
CA GLN B 112 -7.41 44.15 -19.99
C GLN B 112 -8.15 44.56 -18.70
N GLY B 113 -7.43 44.67 -17.58
CA GLY B 113 -8.06 45.02 -16.33
C GLY B 113 -8.74 43.84 -15.64
N LEU B 114 -8.34 42.62 -16.00
CA LEU B 114 -8.91 41.38 -15.41
C LEU B 114 -8.02 40.80 -14.35
N GLY B 115 -8.62 40.15 -13.35
CA GLY B 115 -7.82 39.36 -12.40
C GLY B 115 -7.66 37.96 -12.94
N TYR B 116 -6.73 37.18 -12.40
CA TYR B 116 -6.60 35.80 -12.80
C TYR B 116 -6.07 34.96 -11.70
N ILE B 117 -6.35 33.66 -11.81
CA ILE B 117 -5.75 32.65 -10.97
C ILE B 117 -5.38 31.48 -11.88
N LEU B 118 -4.08 31.27 -12.07
CA LEU B 118 -3.61 30.30 -13.05
C LEU B 118 -2.97 29.16 -12.26
N VAL B 119 -3.49 27.96 -12.45
CA VAL B 119 -3.14 26.84 -11.60
C VAL B 119 -2.33 25.90 -12.48
N LYS B 120 -1.01 25.93 -12.29
CA LYS B 120 -0.14 25.17 -13.18
C LYS B 120 -0.32 23.67 -13.07
N PRO B 121 -0.50 23.16 -11.83
CA PRO B 121 -0.76 21.70 -11.60
C PRO B 121 -2.12 21.25 -12.13
N ASP B 122 -2.93 22.16 -12.70
CA ASP B 122 -4.29 21.80 -13.15
C ASP B 122 -4.16 21.34 -14.62
N ALA B 123 -3.64 20.13 -14.78
CA ALA B 123 -3.08 19.69 -16.06
C ALA B 123 -4.14 19.12 -17.01
N MET B 124 -4.03 19.46 -18.29
CA MET B 124 -4.83 18.81 -19.34
C MET B 124 -4.67 17.27 -19.28
N LEU B 125 -5.76 16.53 -19.50
CA LEU B 125 -5.72 15.04 -19.47
C LEU B 125 -5.49 14.53 -20.90
N GLY B 126 -5.48 13.21 -21.03
CA GLY B 126 -5.02 12.50 -22.18
C GLY B 126 -6.18 12.36 -23.15
N ALA B 127 -6.55 13.44 -23.80
CA ALA B 127 -7.78 13.46 -24.53
C ALA B 127 -7.63 12.84 -25.93
N ARG B 128 -7.39 11.52 -26.02
CA ARG B 128 -7.50 10.79 -27.33
C ARG B 128 -8.61 9.78 -27.16
N ARG B 129 -9.44 9.67 -28.19
CA ARG B 129 -10.63 8.79 -28.14
C ARG B 129 -10.30 7.32 -27.81
N GLU B 130 -9.11 6.85 -28.21
CA GLU B 130 -8.74 5.43 -27.98
C GLU B 130 -8.54 5.15 -26.51
N PHE B 131 -8.44 6.21 -25.73
CA PHE B 131 -8.07 6.07 -24.31
C PHE B 131 -9.11 6.77 -23.43
N LEU B 132 -9.48 8.00 -23.76
CA LEU B 132 -10.35 8.75 -22.86
C LEU B 132 -11.83 8.52 -23.08
N ASP B 133 -12.48 7.64 -22.31
CA ASP B 133 -13.95 7.59 -22.35
C ASP B 133 -14.47 8.30 -21.11
N PRO B 134 -15.79 8.30 -20.89
CA PRO B 134 -16.25 9.14 -19.73
C PRO B 134 -15.72 8.69 -18.41
N VAL B 135 -15.67 7.38 -18.20
CA VAL B 135 -15.22 6.86 -16.93
C VAL B 135 -13.75 7.26 -16.67
N GLU B 136 -12.90 7.13 -17.71
CA GLU B 136 -11.49 7.52 -17.60
C GLU B 136 -11.34 9.01 -17.31
N MET B 137 -12.17 9.81 -17.90
CA MET B 137 -12.16 11.28 -17.73
C MET B 137 -12.53 11.62 -16.28
N ALA B 138 -13.54 10.93 -15.75
CA ALA B 138 -13.89 11.05 -14.31
C ALA B 138 -12.80 10.58 -13.34
N ILE B 139 -12.14 9.49 -13.71
CA ILE B 139 -11.11 8.93 -12.83
C ILE B 139 -9.97 9.95 -12.74
N TYR B 140 -9.60 10.49 -13.87
CA TYR B 140 -8.56 11.50 -13.91
C TYR B 140 -8.94 12.65 -13.04
N ASN B 141 -10.18 13.11 -13.22
CA ASN B 141 -10.67 14.24 -12.45
C ASN B 141 -10.64 13.98 -10.94
N ALA B 142 -10.84 12.72 -10.55
CA ALA B 142 -10.87 12.36 -9.11
C ALA B 142 -9.46 12.48 -8.53
N ASP B 143 -8.48 11.96 -9.26
CA ASP B 143 -7.09 12.05 -8.87
C ASP B 143 -6.64 13.51 -8.81
N LEU B 144 -7.03 14.28 -9.81
CA LEU B 144 -6.59 15.65 -9.82
C LEU B 144 -7.23 16.40 -8.67
N MET B 145 -8.50 16.15 -8.39
CA MET B 145 -9.16 16.86 -7.31
C MET B 145 -8.48 16.60 -5.99
N LYS B 146 -8.03 15.35 -5.82
CA LYS B 146 -7.40 14.96 -4.61
C LYS B 146 -6.08 15.71 -4.49
N VAL B 147 -5.34 15.79 -5.60
CA VAL B 147 -4.11 16.50 -5.57
C VAL B 147 -4.38 17.97 -5.22
N LEU B 148 -5.28 18.64 -5.97
CA LEU B 148 -5.48 20.09 -5.71
C LEU B 148 -6.01 20.35 -4.28
N ALA B 149 -6.80 19.42 -3.73
CA ALA B 149 -7.31 19.56 -2.37
C ALA B 149 -6.26 19.32 -1.32
N ALA B 150 -5.71 18.09 -1.30
CA ALA B 150 -4.87 17.67 -0.17
C ALA B 150 -3.50 18.37 -0.13
N THR B 151 -3.05 18.93 -1.25
CA THR B 151 -1.79 19.69 -1.25
C THR B 151 -2.04 21.12 -0.77
N GLY B 152 -3.30 21.53 -0.72
CA GLY B 152 -3.65 22.86 -0.27
C GLY B 152 -3.80 23.93 -1.35
N VAL B 153 -3.79 23.54 -2.61
CA VAL B 153 -3.99 24.51 -3.66
C VAL B 153 -5.39 25.12 -3.57
N PHE B 154 -6.40 24.31 -3.26
CA PHE B 154 -7.78 24.78 -3.16
C PHE B 154 -7.92 25.77 -2.04
N ARG B 155 -7.11 25.65 -0.97
CA ARG B 155 -7.16 26.66 0.06
C ARG B 155 -6.64 27.99 -0.45
N VAL B 156 -5.62 27.99 -1.30
CA VAL B 156 -5.14 29.25 -1.87
C VAL B 156 -6.22 29.89 -2.73
N VAL B 157 -6.90 29.09 -3.54
CA VAL B 157 -8.07 29.56 -4.27
C VAL B 157 -9.19 30.12 -3.39
N GLN B 158 -9.60 29.31 -2.41
CA GLN B 158 -10.57 29.77 -1.42
C GLN B 158 -10.23 31.12 -0.84
N GLU B 159 -8.98 31.28 -0.37
CA GLU B 159 -8.58 32.54 0.22
C GLU B 159 -8.69 33.73 -0.73
N ALA B 160 -8.29 33.57 -1.99
CA ALA B 160 -8.29 34.69 -2.94
C ALA B 160 -9.73 35.14 -3.17
N PHE B 161 -10.66 34.21 -3.33
CA PHE B 161 -12.04 34.64 -3.53
C PHE B 161 -12.66 35.24 -2.25
N ASP B 162 -12.35 34.69 -1.09
CA ASP B 162 -12.84 35.24 0.16
C ASP B 162 -12.39 36.68 0.38
N GLU B 163 -11.13 36.98 0.04
CA GLU B 163 -10.63 38.33 0.17
C GLU B 163 -11.41 39.24 -0.77
N LEU B 164 -11.65 38.77 -1.99
CA LEU B 164 -12.39 39.53 -2.99
C LEU B 164 -13.83 39.78 -2.57
N ILE B 165 -14.44 38.75 -1.98
CA ILE B 165 -15.79 38.87 -1.51
C ILE B 165 -15.91 39.93 -0.38
N GLU B 166 -14.93 39.98 0.54
CA GLU B 166 -14.91 41.04 1.53
C GLU B 166 -14.83 42.44 0.89
N LYS B 167 -14.10 42.58 -0.22
CA LYS B 167 -14.01 43.86 -0.90
C LYS B 167 -15.35 44.20 -1.55
N ALA B 168 -15.99 43.18 -2.10
CA ALA B 168 -17.27 43.37 -2.75
C ALA B 168 -18.26 43.94 -1.74
N LYS B 169 -18.10 43.54 -0.48
CA LYS B 169 -18.97 44.02 0.58
C LYS B 169 -18.62 45.43 1.06
N GLU B 170 -17.35 45.83 0.94
CA GLU B 170 -16.92 47.22 1.13
C GLU B 170 -17.38 48.05 -0.04
N ASP B 171 -17.91 47.37 -1.05
CA ASP B 171 -18.74 48.01 -2.07
C ASP B 171 -17.98 48.58 -3.26
N GLU B 172 -16.66 48.63 -3.21
CA GLU B 172 -15.95 49.03 -4.44
C GLU B 172 -14.87 48.00 -4.72
N ILE B 173 -14.89 47.45 -5.93
CA ILE B 173 -13.81 46.55 -6.35
C ILE B 173 -13.02 47.25 -7.45
N SER B 174 -11.83 47.73 -7.12
CA SER B 174 -10.96 48.31 -8.12
C SER B 174 -10.10 47.21 -8.74
N GLU B 175 -9.44 47.52 -9.86
CA GLU B 175 -8.54 46.56 -10.47
C GLU B 175 -7.48 46.09 -9.47
N ASN B 176 -7.13 46.95 -8.53
CA ASN B 176 -6.12 46.66 -7.53
C ASN B 176 -6.50 45.52 -6.57
N ASP B 177 -7.79 45.18 -6.58
CA ASP B 177 -8.33 44.23 -5.65
C ASP B 177 -8.40 42.86 -6.29
N LEU B 178 -8.39 42.81 -7.61
CA LEU B 178 -8.60 41.55 -8.33
C LEU B 178 -7.38 40.65 -8.18
N PRO B 179 -7.60 39.37 -7.90
CA PRO B 179 -6.46 38.50 -7.64
C PRO B 179 -5.57 38.36 -8.87
N LYS B 180 -4.27 38.22 -8.66
CA LYS B 180 -3.33 37.97 -9.75
C LYS B 180 -2.34 36.91 -9.35
N LEU B 181 -2.78 35.66 -9.40
CA LEU B 181 -2.05 34.56 -8.81
C LEU B 181 -1.60 33.55 -9.86
N VAL B 182 -0.37 33.07 -9.69
CA VAL B 182 0.13 31.90 -10.43
C VAL B 182 0.51 30.88 -9.40
N ILE B 183 -0.15 29.73 -9.41
CA ILE B 183 0.02 28.71 -8.40
C ILE B 183 0.76 27.48 -8.97
N ASP B 184 1.77 27.03 -8.25
CA ASP B 184 2.54 25.86 -8.61
C ASP B 184 3.21 25.26 -7.37
N ARG B 185 4.08 24.29 -7.56
CA ARG B 185 4.74 23.54 -6.50
C ARG B 185 5.31 24.52 -5.45
N ASN B 186 5.92 25.61 -5.93
CA ASN B 186 6.64 26.55 -5.08
C ASN B 186 5.72 27.46 -4.25
N THR B 187 4.46 27.49 -4.63
CA THR B 187 3.49 28.24 -3.86
C THR B 187 3.45 27.78 -2.41
N LEU B 188 3.66 26.47 -2.18
CA LEU B 188 3.63 25.94 -0.83
C LEU B 188 4.70 26.52 0.05
N LEU B 189 5.81 26.92 -0.53
CA LEU B 189 6.93 27.45 0.25
C LEU B 189 6.58 28.77 0.96
N GLU B 190 5.61 29.54 0.44
CA GLU B 190 5.20 30.75 1.12
C GLU B 190 4.05 30.59 2.07
N ARG B 191 3.63 29.36 2.36
CA ARG B 191 2.43 29.15 3.15
C ARG B 191 2.78 28.37 4.38
N GLU B 192 1.79 28.18 5.25
CA GLU B 192 1.96 27.41 6.48
C GLU B 192 0.97 26.27 6.48
N GLU B 193 0.67 25.75 5.30
CA GLU B 193 -0.32 24.72 5.12
C GLU B 193 -0.04 23.52 6.00
N PHE B 194 1.21 23.02 6.00
CA PHE B 194 1.57 21.75 6.66
C PHE B 194 2.35 21.96 7.92
N GLU B 195 1.94 21.30 9.00
CA GLU B 195 2.71 21.33 10.22
C GLU B 195 3.95 20.43 10.06
N ASN B 196 3.84 19.33 9.29
CA ASN B 196 4.98 18.41 9.16
C ASN B 196 5.75 18.72 7.89
N PRO B 197 7.06 18.89 7.99
CA PRO B 197 7.74 19.40 6.78
C PRO B 197 7.84 18.29 5.71
N TYR B 198 7.74 17.01 6.12
CA TYR B 198 7.66 15.96 5.07
C TYR B 198 6.32 15.93 4.35
N ALA B 199 5.23 16.13 5.09
CA ALA B 199 3.96 16.39 4.35
C ALA B 199 4.13 17.50 3.35
N MET B 200 4.85 18.52 3.76
CA MET B 200 4.98 19.66 2.77
C MET B 200 5.72 19.22 1.48
N VAL B 201 6.87 18.54 1.67
CA VAL B 201 7.67 18.20 0.48
C VAL B 201 7.02 17.10 -0.39
N LYS B 202 6.25 16.21 0.25
CA LYS B 202 5.42 15.25 -0.52
C LYS B 202 4.37 15.99 -1.28
N ALA B 203 3.75 16.95 -0.63
CA ALA B 203 2.76 17.76 -1.36
C ALA B 203 3.41 18.54 -2.55
N MET B 204 4.66 18.98 -2.39
CA MET B 204 5.40 19.67 -3.44
C MET B 204 5.70 18.72 -4.60
N ALA B 205 6.12 17.49 -4.25
CA ALA B 205 6.34 16.45 -5.24
C ALA B 205 5.06 16.15 -6.01
N ALA B 206 3.90 16.11 -5.34
CA ALA B 206 2.66 15.83 -6.01
C ALA B 206 2.29 16.94 -7.03
N LEU B 207 2.50 18.20 -6.67
CA LEU B 207 2.24 19.32 -7.57
C LEU B 207 3.23 19.36 -8.73
N GLU B 208 4.46 18.95 -8.47
CA GLU B 208 5.43 18.92 -9.54
C GLU B 208 5.03 17.84 -10.57
N ILE B 209 4.73 16.63 -10.09
CA ILE B 209 4.25 15.58 -10.98
C ILE B 209 2.98 16.01 -11.74
N ALA B 210 1.99 16.58 -11.07
CA ALA B 210 0.76 17.07 -11.71
C ALA B 210 1.07 18.08 -12.84
N GLU B 211 1.97 19.01 -12.54
CA GLU B 211 2.30 20.03 -13.56
C GLU B 211 3.01 19.33 -14.74
N ASN B 212 3.84 18.32 -14.44
CA ASN B 212 4.52 17.58 -15.50
C ASN B 212 3.57 16.79 -16.40
N VAL B 213 2.45 16.35 -15.86
CA VAL B 213 1.42 15.69 -16.64
C VAL B 213 0.97 16.48 -17.87
N ALA B 214 0.88 17.80 -17.73
CA ALA B 214 0.47 18.63 -18.86
C ALA B 214 1.30 18.36 -20.12
N ASP B 215 2.62 18.29 -19.96
CA ASP B 215 3.49 18.19 -21.13
C ASP B 215 3.33 16.87 -21.83
N VAL B 216 3.09 15.83 -21.03
CA VAL B 216 2.93 14.48 -21.54
C VAL B 216 1.63 14.43 -22.30
N SER B 217 0.57 14.99 -21.71
CA SER B 217 -0.74 15.05 -22.40
C SER B 217 -0.64 15.87 -23.70
N VAL B 218 0.06 16.99 -23.63
CA VAL B 218 0.18 17.85 -24.87
C VAL B 218 0.96 17.07 -25.95
N GLU B 219 2.03 16.37 -25.55
CA GLU B 219 2.80 15.62 -26.54
C GLU B 219 1.88 14.58 -27.17
N GLY B 220 1.14 13.84 -26.35
CA GLY B 220 0.27 12.80 -26.86
C GLY B 220 -0.94 13.25 -27.66
N CYS B 221 -1.50 14.40 -27.31
CA CYS B 221 -2.68 14.95 -28.06
C CYS B 221 -2.36 15.85 -29.26
N PHE B 222 -1.25 16.58 -29.20
CA PHE B 222 -0.99 17.58 -30.19
C PHE B 222 0.29 17.38 -31.01
N VAL B 223 1.17 16.49 -30.59
CA VAL B 223 2.45 16.31 -31.27
C VAL B 223 2.59 14.94 -31.92
N GLU B 224 2.53 13.88 -31.10
CA GLU B 224 2.67 12.52 -31.61
C GLU B 224 1.46 12.20 -32.47
N GLN B 225 1.67 11.65 -33.66
CA GLN B 225 0.59 11.38 -34.60
C GLN B 225 0.34 9.89 -34.82
N ASP B 226 1.32 9.06 -34.52
CA ASP B 226 1.17 7.60 -34.55
C ASP B 226 0.45 7.06 -33.28
N LYS B 227 -0.75 6.50 -33.45
CA LYS B 227 -1.53 6.04 -32.30
C LYS B 227 -0.88 4.91 -31.56
N GLU B 228 0.02 4.17 -32.21
CA GLU B 228 0.82 3.19 -31.49
C GLU B 228 1.71 3.82 -30.44
N ARG B 229 2.01 5.10 -30.62
CA ARG B 229 2.82 5.85 -29.68
C ARG B 229 1.91 6.74 -28.84
N TYR B 230 0.99 7.49 -29.48
CA TYR B 230 0.16 8.38 -28.64
C TYR B 230 -0.76 7.75 -27.57
N VAL B 231 -1.34 6.57 -27.81
CA VAL B 231 -2.17 5.96 -26.80
C VAL B 231 -1.37 5.61 -25.50
N PRO B 232 -0.27 4.84 -25.63
CA PRO B 232 0.56 4.69 -24.42
C PRO B 232 0.98 6.01 -23.81
N ILE B 233 1.28 7.03 -24.63
CA ILE B 233 1.76 8.29 -24.05
C ILE B 233 0.67 8.93 -23.19
N VAL B 234 -0.55 9.08 -23.73
CA VAL B 234 -1.58 9.73 -22.90
C VAL B 234 -1.93 8.88 -21.70
N ALA B 235 -1.94 7.56 -21.88
CA ALA B 235 -2.17 6.66 -20.68
C ALA B 235 -1.16 6.86 -19.61
N SER B 236 0.11 7.07 -19.98
CA SER B 236 1.17 7.22 -18.94
C SER B 236 0.97 8.54 -18.17
N ALA B 237 0.35 9.52 -18.81
CA ALA B 237 0.04 10.80 -18.13
C ALA B 237 -1.00 10.57 -16.99
N HIS B 238 -1.98 9.72 -17.28
CA HIS B 238 -2.93 9.31 -16.21
C HIS B 238 -2.31 8.53 -15.07
N GLU B 239 -1.30 7.70 -15.38
CA GLU B 239 -0.67 6.93 -14.28
C GLU B 239 0.10 7.88 -13.39
N MET B 240 0.69 8.90 -14.00
CA MET B 240 1.39 9.95 -13.26
C MET B 240 0.45 10.66 -12.29
N MET B 241 -0.70 11.13 -12.78
CA MET B 241 -1.66 11.85 -11.96
C MET B 241 -2.18 10.94 -10.82
N ARG B 242 -2.38 9.68 -11.13
CA ARG B 242 -2.69 8.70 -10.04
C ARG B 242 -1.63 8.65 -8.90
N LYS B 243 -0.35 8.64 -9.27
CA LYS B 243 0.66 8.65 -8.20
C LYS B 243 0.81 10.03 -7.52
N ALA B 244 0.57 11.12 -8.24
CA ALA B 244 0.47 12.43 -7.61
C ALA B 244 -0.62 12.46 -6.52
N ALA B 245 -1.76 11.87 -6.82
CA ALA B 245 -2.84 11.77 -5.86
C ALA B 245 -2.40 10.95 -4.59
N GLU B 246 -1.58 9.92 -4.79
CA GLU B 246 -1.19 9.13 -3.68
C GLU B 246 -0.22 9.89 -2.80
N LEU B 247 0.62 10.69 -3.42
CA LEU B 247 1.53 11.52 -2.66
C LEU B 247 0.74 12.52 -1.81
N ALA B 248 -0.31 13.07 -2.39
CA ALA B 248 -1.10 14.08 -1.68
C ALA B 248 -1.80 13.40 -0.53
N ASP B 249 -2.35 12.22 -0.78
CA ASP B 249 -2.91 11.42 0.28
C ASP B 249 -1.92 11.18 1.40
N GLU B 250 -0.71 10.78 1.04
CA GLU B 250 0.29 10.40 2.06
C GLU B 250 0.66 11.64 2.89
N ALA B 251 0.72 12.82 2.27
CA ALA B 251 0.95 14.04 3.01
C ALA B 251 -0.15 14.30 4.06
N ARG B 252 -1.39 14.13 3.67
CA ARG B 252 -2.50 14.40 4.55
C ARG B 252 -2.53 13.40 5.67
N GLU B 253 -2.17 12.15 5.40
CA GLU B 253 -2.05 11.15 6.50
C GLU B 253 -0.94 11.48 7.52
N LEU B 254 0.13 12.11 7.07
CA LEU B 254 1.15 12.57 7.99
C LEU B 254 0.56 13.70 8.85
N GLU B 255 -0.25 14.58 8.30
CA GLU B 255 -0.87 15.59 9.19
C GLU B 255 -1.82 14.98 10.21
N LYS B 256 -2.56 13.98 9.78
CA LYS B 256 -3.34 13.13 10.73
C LYS B 256 -2.50 12.57 11.84
N SER B 257 -1.31 12.02 11.50
CA SER B 257 -0.55 11.35 12.57
C SER B 257 -0.11 12.33 13.67
N ASN B 258 -0.10 13.61 13.36
CA ASN B 258 0.27 14.61 14.35
C ASN B 258 -0.94 15.39 14.86
N ASP B 259 -2.16 14.94 14.52
CA ASP B 259 -3.36 15.71 14.87
C ASP B 259 -3.20 17.20 14.47
N ALA B 260 -2.76 17.43 13.24
CA ALA B 260 -2.39 18.79 12.83
C ALA B 260 -3.02 19.15 11.49
N VAL B 261 -4.12 18.51 11.09
CA VAL B 261 -4.74 18.84 9.79
C VAL B 261 -5.36 20.21 9.86
N LEU B 262 -4.91 21.14 9.02
CA LEU B 262 -5.47 22.46 9.02
C LEU B 262 -6.90 22.40 8.43
N ARG B 263 -7.88 22.97 9.14
CA ARG B 263 -9.22 23.17 8.50
C ARG B 263 -9.59 24.62 8.66
N THR B 264 -10.14 25.21 7.60
CA THR B 264 -10.51 26.61 7.62
C THR B 264 -11.93 26.78 7.07
N PRO B 265 -12.94 26.39 7.86
CA PRO B 265 -14.33 26.44 7.39
C PRO B 265 -14.89 27.88 7.43
N HIS B 266 -15.98 28.14 6.73
CA HIS B 266 -16.70 29.43 6.92
C HIS B 266 -17.73 29.40 8.04
N ALA B 267 -17.89 30.52 8.74
CA ALA B 267 -19.00 30.78 9.65
C ALA B 267 -20.14 31.28 8.80
N PRO B 268 -21.38 31.26 9.33
CA PRO B 268 -22.58 31.71 8.62
C PRO B 268 -22.47 33.14 8.11
N ASP B 269 -21.68 33.96 8.79
CA ASP B 269 -21.52 35.35 8.39
C ASP B 269 -20.36 35.50 7.41
N GLY B 270 -19.79 34.38 6.99
CA GLY B 270 -18.77 34.39 5.91
C GLY B 270 -17.33 34.43 6.42
N LYS B 271 -17.17 34.65 7.72
CA LYS B 271 -15.85 34.74 8.31
C LYS B 271 -15.14 33.40 8.12
N VAL B 272 -13.84 33.43 7.86
CA VAL B 272 -13.08 32.19 7.67
C VAL B 272 -12.46 31.79 8.99
N LEU B 273 -12.77 30.59 9.49
CA LEU B 273 -12.30 30.18 10.80
C LEU B 273 -11.08 29.30 10.60
N SER B 274 -10.46 28.87 11.68
CA SER B 274 -9.28 28.07 11.52
C SER B 274 -9.10 27.11 12.72
N LYS B 275 -8.52 25.95 12.45
CA LYS B 275 -8.15 25.01 13.56
C LYS B 275 -7.16 23.98 13.01
N ARG B 276 -6.55 23.22 13.92
CA ARG B 276 -5.58 22.17 13.62
C ARG B 276 -5.93 20.86 14.33
N LYS B 277 -6.23 20.92 15.62
CA LYS B 277 -6.53 19.74 16.35
C LYS B 277 -7.93 19.26 16.01
N PHE B 278 -8.07 17.94 15.92
CA PHE B 278 -9.34 17.35 15.52
C PHE B 278 -10.53 17.82 16.40
N MET B 279 -10.32 17.87 17.71
CA MET B 279 -11.39 18.19 18.66
C MET B 279 -11.53 19.69 18.97
N GLU B 280 -10.72 20.52 18.37
CA GLU B 280 -10.71 21.92 18.75
C GLU B 280 -11.75 22.66 17.87
N ASP B 281 -12.57 23.51 18.48
CA ASP B 281 -13.52 24.30 17.73
C ASP B 281 -12.77 25.25 16.79
N PRO B 282 -13.26 25.38 15.57
CA PRO B 282 -12.64 26.34 14.66
C PRO B 282 -12.93 27.79 15.08
N GLU B 283 -11.95 28.67 14.96
CA GLU B 283 -12.12 30.03 15.44
C GLU B 283 -11.42 31.07 14.57
N THR C 2 -6.67 -16.40 45.98
CA THR C 2 -7.99 -16.93 45.53
C THR C 2 -7.96 -17.19 44.05
N VAL C 3 -8.34 -18.41 43.65
CA VAL C 3 -8.35 -18.75 42.20
C VAL C 3 -9.78 -18.82 41.70
N ALA C 4 -10.11 -17.93 40.80
CA ALA C 4 -11.40 -17.95 40.13
C ALA C 4 -11.44 -19.02 39.04
N LYS C 5 -12.56 -19.70 38.95
CA LYS C 5 -12.71 -20.76 37.96
C LYS C 5 -13.89 -20.49 37.03
N ALA C 6 -13.78 -20.89 35.77
CA ALA C 6 -14.89 -20.73 34.84
C ALA C 6 -14.82 -21.80 33.78
N ILE C 7 -15.97 -22.13 33.19
CA ILE C 7 -16.01 -23.00 32.03
C ILE C 7 -16.50 -22.21 30.81
N PHE C 8 -15.83 -22.37 29.68
CA PHE C 8 -16.23 -21.68 28.45
C PHE C 8 -16.83 -22.76 27.54
N ILE C 9 -17.98 -22.48 26.93
CA ILE C 9 -18.63 -23.41 26.02
C ILE C 9 -18.72 -22.72 24.67
N LYS C 10 -18.17 -23.35 23.64
CA LYS C 10 -18.16 -22.79 22.30
C LYS C 10 -18.89 -23.70 21.32
N CYS C 11 -20.00 -23.20 20.79
CA CYS C 11 -20.72 -23.93 19.75
C CYS C 11 -20.86 -22.97 18.56
N GLY C 12 -20.46 -23.37 17.36
CA GLY C 12 -20.46 -22.38 16.26
C GLY C 12 -19.22 -21.56 16.54
N ASN C 13 -18.98 -20.52 15.76
CA ASN C 13 -17.80 -19.73 15.90
C ASN C 13 -18.07 -18.24 15.59
N LEU C 14 -17.55 -17.38 16.49
CA LEU C 14 -17.60 -15.94 16.34
C LEU C 14 -16.18 -15.48 16.59
N GLY C 15 -15.75 -14.35 16.03
CA GLY C 15 -14.41 -13.88 16.41
C GLY C 15 -14.26 -13.83 17.93
N THR C 16 -15.27 -13.29 18.59
CA THR C 16 -15.14 -13.04 20.00
C THR C 16 -15.12 -14.35 20.81
N SER C 17 -15.86 -15.34 20.36
CA SER C 17 -15.96 -16.55 21.18
C SER C 17 -14.75 -17.41 20.93
N MET C 18 -14.10 -17.21 19.80
CA MET C 18 -12.89 -17.96 19.54
C MET C 18 -11.73 -17.52 20.48
N MET C 19 -11.68 -16.23 20.84
CA MET C 19 -10.57 -15.65 21.61
C MET C 19 -10.90 -15.32 23.07
N MET C 20 -12.18 -15.40 23.44
CA MET C 20 -12.59 -14.95 24.79
C MET C 20 -11.79 -15.43 25.99
N ASP C 21 -11.51 -16.72 26.07
CA ASP C 21 -10.76 -17.22 27.21
C ASP C 21 -9.29 -16.76 27.16
N MET C 22 -8.73 -16.73 25.95
CA MET C 22 -7.30 -16.46 25.78
C MET C 22 -6.96 -15.01 26.07
N LEU C 23 -7.90 -14.09 25.80
CA LEU C 23 -7.74 -12.72 26.15
C LEU C 23 -7.53 -12.50 27.65
N LEU C 24 -7.84 -13.52 28.47
CA LEU C 24 -7.82 -13.35 29.91
C LEU C 24 -6.50 -13.85 30.53
N ASP C 25 -5.67 -14.51 29.73
CA ASP C 25 -4.45 -15.10 30.26
C ASP C 25 -3.40 -15.22 29.15
N GLU C 26 -3.02 -14.06 28.62
CA GLU C 26 -2.34 -13.95 27.30
C GLU C 26 -0.95 -14.61 27.31
N ARG C 27 -0.33 -14.77 28.50
CA ARG C 27 0.97 -15.43 28.58
C ARG C 27 0.89 -16.68 29.49
N ALA C 28 -0.30 -17.08 29.91
CA ALA C 28 -0.50 -18.28 30.68
C ALA C 28 0.19 -18.19 32.06
N ASP C 29 0.49 -16.98 32.54
CA ASP C 29 1.14 -16.81 33.83
C ASP C 29 0.22 -16.31 34.92
N ARG C 30 -1.08 -16.24 34.71
CA ARG C 30 -1.97 -15.86 35.81
C ARG C 30 -2.12 -17.02 36.77
N GLU C 31 -1.89 -16.76 38.06
CA GLU C 31 -2.06 -17.78 39.08
C GLU C 31 -3.41 -17.65 39.75
N ASP C 32 -4.22 -16.68 39.36
CA ASP C 32 -5.51 -16.46 40.02
C ASP C 32 -6.74 -16.94 39.17
N VAL C 33 -6.50 -17.62 38.05
CA VAL C 33 -7.60 -18.18 37.27
C VAL C 33 -7.31 -19.60 36.88
N GLU C 34 -8.38 -20.37 36.64
CA GLU C 34 -8.24 -21.69 36.05
C GLU C 34 -9.49 -21.95 35.21
N PHE C 35 -9.31 -22.34 33.95
CA PHE C 35 -10.42 -22.48 32.99
C PHE C 35 -10.53 -23.87 32.41
N ARG C 36 -11.75 -24.24 32.03
CA ARG C 36 -12.01 -25.41 31.19
C ARG C 36 -12.80 -24.95 30.01
N VAL C 37 -12.60 -25.58 28.87
CA VAL C 37 -13.24 -25.11 27.61
C VAL C 37 -13.80 -26.33 26.94
N VAL C 38 -15.10 -26.34 26.67
CA VAL C 38 -15.71 -27.46 25.98
C VAL C 38 -16.60 -26.94 24.89
N GLY C 39 -16.88 -27.81 23.92
CA GLY C 39 -17.66 -27.39 22.76
C GLY C 39 -17.91 -28.54 21.81
N THR C 40 -18.68 -28.25 20.75
CA THR C 40 -19.04 -29.24 19.74
C THR C 40 -18.60 -28.67 18.38
N SER C 41 -17.48 -27.96 18.38
CA SER C 41 -16.91 -27.35 17.20
C SER C 41 -17.93 -26.40 16.58
N VAL C 42 -17.99 -26.37 15.24
CA VAL C 42 -18.88 -25.47 14.52
C VAL C 42 -20.37 -25.79 14.64
N LYS C 43 -20.74 -26.98 15.13
CA LYS C 43 -22.16 -27.36 15.09
C LYS C 43 -22.92 -26.74 16.27
N MET C 44 -24.05 -26.08 15.99
CA MET C 44 -24.77 -25.31 17.01
C MET C 44 -26.31 -25.50 16.95
N ASP C 45 -26.75 -26.57 16.32
CA ASP C 45 -28.15 -27.01 16.40
C ASP C 45 -28.48 -27.49 17.85
N PRO C 46 -29.79 -27.57 18.17
CA PRO C 46 -30.24 -27.93 19.51
C PRO C 46 -29.52 -29.14 20.13
N GLU C 47 -29.38 -30.27 19.43
CA GLU C 47 -28.84 -31.48 20.09
C GLU C 47 -27.38 -31.25 20.48
N CYS C 48 -26.62 -30.65 19.56
CA CYS C 48 -25.21 -30.35 19.83
C CYS C 48 -25.03 -29.37 20.97
N VAL C 49 -25.78 -28.27 20.93
CA VAL C 49 -25.69 -27.30 22.00
C VAL C 49 -26.02 -27.95 23.34
N GLU C 50 -27.12 -28.71 23.41
CA GLU C 50 -27.48 -29.44 24.65
C GLU C 50 -26.32 -30.34 25.11
N ALA C 51 -25.72 -31.05 24.16
CA ALA C 51 -24.65 -31.97 24.50
C ALA C 51 -23.45 -31.17 25.06
N ALA C 52 -23.16 -30.03 24.43
CA ALA C 52 -22.09 -29.18 24.91
C ALA C 52 -22.31 -28.68 26.33
N VAL C 53 -23.53 -28.25 26.64
CA VAL C 53 -23.83 -27.71 27.96
C VAL C 53 -23.81 -28.83 29.03
N GLU C 54 -24.19 -30.05 28.64
CA GLU C 54 -24.10 -31.20 29.53
C GLU C 54 -22.66 -31.53 29.91
N MET C 55 -21.76 -31.44 28.93
CA MET C 55 -20.34 -31.66 29.23
C MET C 55 -19.92 -30.66 30.27
N ALA C 56 -20.24 -29.41 29.99
CA ALA C 56 -19.94 -28.34 30.92
C ALA C 56 -20.48 -28.67 32.31
N LEU C 57 -21.77 -28.96 32.42
CA LEU C 57 -22.39 -29.24 33.73
C LEU C 57 -21.85 -30.51 34.39
N ASP C 58 -21.53 -31.53 33.61
CA ASP C 58 -20.92 -32.73 34.21
C ASP C 58 -19.59 -32.35 34.84
N ILE C 59 -18.78 -31.60 34.09
CA ILE C 59 -17.46 -31.18 34.52
C ILE C 59 -17.60 -30.24 35.70
N ALA C 60 -18.61 -29.38 35.67
CA ALA C 60 -18.81 -28.39 36.73
C ALA C 60 -18.95 -29.06 38.12
N GLU C 61 -19.57 -30.22 38.14
CA GLU C 61 -19.79 -30.94 39.41
C GLU C 61 -18.52 -31.00 40.26
N ASP C 62 -17.44 -31.50 39.65
CA ASP C 62 -16.15 -31.55 40.31
C ASP C 62 -15.36 -30.24 40.22
N PHE C 63 -15.48 -29.53 39.09
CA PHE C 63 -14.68 -28.34 38.89
C PHE C 63 -15.15 -27.18 39.76
N GLU C 64 -16.46 -27.09 40.00
CA GLU C 64 -17.03 -26.00 40.80
C GLU C 64 -16.70 -24.58 40.31
N PRO C 65 -17.04 -24.29 39.05
CA PRO C 65 -16.76 -22.97 38.47
C PRO C 65 -17.57 -21.86 39.10
N ASP C 66 -16.97 -20.68 39.22
CA ASP C 66 -17.66 -19.48 39.67
C ASP C 66 -18.66 -18.94 38.66
N PHE C 67 -18.39 -19.13 37.38
CA PHE C 67 -19.35 -18.76 36.37
C PHE C 67 -19.11 -19.54 35.09
N ILE C 68 -20.08 -19.56 34.21
CA ILE C 68 -19.98 -20.30 32.97
C ILE C 68 -20.28 -19.34 31.81
N VAL C 69 -19.54 -19.47 30.72
CA VAL C 69 -19.73 -18.57 29.60
C VAL C 69 -20.14 -19.40 28.40
N TYR C 70 -21.20 -19.00 27.70
CA TYR C 70 -21.50 -19.68 26.45
C TYR C 70 -21.27 -18.70 25.32
N GLY C 71 -20.52 -19.10 24.29
CA GLY C 71 -20.26 -18.20 23.16
C GLY C 71 -20.47 -18.78 21.78
N GLY C 72 -21.03 -17.99 20.89
CA GLY C 72 -21.22 -18.44 19.50
C GLY C 72 -22.27 -17.59 18.85
N PRO C 73 -22.58 -17.88 17.58
CA PRO C 73 -23.50 -17.06 16.81
C PRO C 73 -24.92 -17.06 17.37
N ASN C 74 -25.62 -15.97 17.08
CA ASN C 74 -27.04 -15.81 17.33
C ASN C 74 -27.67 -16.46 18.61
N PRO C 75 -27.55 -15.78 19.75
CA PRO C 75 -28.27 -16.17 20.98
C PRO C 75 -29.75 -16.45 20.80
N ALA C 76 -30.37 -15.92 19.74
CA ALA C 76 -31.82 -16.11 19.50
C ALA C 76 -32.13 -17.40 18.76
N ALA C 77 -31.13 -18.05 18.20
CA ALA C 77 -31.37 -19.24 17.39
C ALA C 77 -31.75 -20.39 18.33
N PRO C 78 -32.28 -21.48 17.74
CA PRO C 78 -32.78 -22.60 18.57
C PRO C 78 -31.70 -23.21 19.49
N GLY C 79 -30.57 -23.62 18.93
CA GLY C 79 -29.44 -24.12 19.72
C GLY C 79 -29.02 -23.22 20.87
N PRO C 80 -28.66 -21.99 20.56
CA PRO C 80 -28.31 -21.04 21.62
C PRO C 80 -29.46 -20.77 22.59
N SER C 81 -30.71 -20.86 22.12
CA SER C 81 -31.84 -20.64 23.01
C SER C 81 -31.93 -21.79 24.06
N LYS C 82 -31.59 -22.99 23.64
CA LYS C 82 -31.53 -24.13 24.53
C LYS C 82 -30.44 -23.90 25.57
N ALA C 83 -29.28 -23.42 25.15
CA ALA C 83 -28.20 -23.18 26.13
C ALA C 83 -28.56 -22.09 27.13
N ARG C 84 -29.18 -21.00 26.68
CA ARG C 84 -29.65 -19.97 27.61
C ARG C 84 -30.59 -20.56 28.67
N GLU C 85 -31.55 -21.35 28.21
CA GLU C 85 -32.50 -22.04 29.12
C GLU C 85 -31.79 -22.92 30.14
N MET C 86 -30.92 -23.81 29.67
CA MET C 86 -30.20 -24.70 30.59
C MET C 86 -29.34 -23.89 31.54
N LEU C 87 -28.67 -22.86 31.03
CA LEU C 87 -27.79 -22.07 31.90
C LEU C 87 -28.56 -21.21 32.92
N ALA C 88 -29.67 -20.63 32.47
CA ALA C 88 -30.53 -19.89 33.36
C ALA C 88 -31.04 -20.80 34.51
N ASP C 89 -31.37 -22.04 34.17
CA ASP C 89 -31.93 -22.97 35.16
C ASP C 89 -30.90 -23.59 36.07
N SER C 90 -29.64 -23.52 35.68
CA SER C 90 -28.58 -24.09 36.50
C SER C 90 -28.27 -23.19 37.68
N GLU C 91 -27.45 -23.71 38.57
CA GLU C 91 -27.04 -22.97 39.75
C GLU C 91 -25.93 -21.94 39.44
N TYR C 92 -25.32 -21.99 38.26
CA TYR C 92 -24.11 -21.21 38.01
C TYR C 92 -24.41 -19.89 37.28
N PRO C 93 -23.86 -18.76 37.76
CA PRO C 93 -24.03 -17.52 37.01
C PRO C 93 -23.50 -17.73 35.61
N ALA C 94 -24.15 -17.17 34.61
CA ALA C 94 -23.70 -17.40 33.26
C ALA C 94 -23.73 -16.16 32.41
N VAL C 95 -22.87 -16.16 31.37
CA VAL C 95 -22.72 -15.04 30.44
C VAL C 95 -22.83 -15.53 29.01
N ILE C 96 -23.62 -14.83 28.20
CA ILE C 96 -23.74 -15.18 26.80
C ILE C 96 -22.92 -14.23 25.89
N ILE C 97 -21.99 -14.80 25.12
CA ILE C 97 -21.25 -14.03 24.11
C ILE C 97 -21.94 -14.27 22.77
N GLY C 98 -22.31 -13.20 22.07
CA GLY C 98 -23.01 -13.32 20.80
C GLY C 98 -22.79 -12.13 19.86
N ASP C 99 -23.60 -12.08 18.81
CA ASP C 99 -23.47 -11.07 17.71
C ASP C 99 -24.75 -10.22 17.68
N ALA C 100 -24.90 -9.36 16.66
CA ALA C 100 -26.06 -8.45 16.58
C ALA C 100 -27.44 -9.16 16.69
N PRO C 101 -27.59 -10.32 16.01
CA PRO C 101 -28.90 -10.99 16.06
C PRO C 101 -29.32 -11.34 17.50
N GLY C 102 -28.37 -11.29 18.43
CA GLY C 102 -28.70 -11.59 19.83
C GLY C 102 -29.57 -10.50 20.43
N LEU C 103 -29.54 -9.32 19.83
CA LEU C 103 -30.33 -8.19 20.28
C LEU C 103 -31.83 -8.53 20.37
N LYS C 104 -32.31 -9.46 19.56
CA LYS C 104 -33.71 -9.85 19.58
C LYS C 104 -34.16 -10.46 20.90
N VAL C 105 -33.23 -11.08 21.62
CA VAL C 105 -33.57 -11.73 22.89
C VAL C 105 -32.85 -11.06 24.06
N LYS C 106 -32.45 -9.80 23.87
CA LYS C 106 -31.77 -9.07 24.94
C LYS C 106 -32.61 -9.01 26.21
N ASP C 107 -33.88 -8.64 26.08
CA ASP C 107 -34.76 -8.48 27.23
C ASP C 107 -35.04 -9.83 27.87
N GLU C 108 -35.24 -10.83 27.02
CA GLU C 108 -35.35 -12.21 27.47
C GLU C 108 -34.19 -12.63 28.35
N MET C 109 -32.96 -12.34 27.92
CA MET C 109 -31.75 -12.72 28.66
C MET C 109 -31.67 -12.07 30.04
N GLU C 110 -32.07 -10.78 30.11
CA GLU C 110 -32.08 -10.12 31.42
C GLU C 110 -33.09 -10.76 32.35
N GLU C 111 -34.23 -11.15 31.78
CA GLU C 111 -35.31 -11.79 32.51
C GLU C 111 -34.88 -13.18 32.96
N GLN C 112 -34.07 -13.83 32.14
CA GLN C 112 -33.51 -15.14 32.48
C GLN C 112 -32.41 -15.04 33.54
N GLY C 113 -31.99 -13.81 33.86
CA GLY C 113 -30.92 -13.63 34.85
C GLY C 113 -29.51 -13.87 34.33
N LEU C 114 -29.33 -13.79 33.02
CA LEU C 114 -28.04 -14.07 32.38
C LEU C 114 -27.36 -12.76 31.98
N GLY C 115 -26.03 -12.75 32.00
CA GLY C 115 -25.26 -11.62 31.49
C GLY C 115 -25.03 -11.87 30.01
N TYR C 116 -24.66 -10.81 29.28
CA TYR C 116 -24.34 -10.98 27.88
C TYR C 116 -23.34 -9.96 27.42
N ILE C 117 -22.69 -10.28 26.31
CA ILE C 117 -21.86 -9.35 25.62
C ILE C 117 -22.15 -9.62 24.14
N LEU C 118 -22.75 -8.63 23.47
CA LEU C 118 -23.19 -8.78 22.11
C LEU C 118 -22.32 -7.86 21.26
N VAL C 119 -21.61 -8.47 20.33
CA VAL C 119 -20.60 -7.79 19.56
C VAL C 119 -21.11 -7.59 18.15
N LYS C 120 -21.64 -6.41 17.90
CA LYS C 120 -22.26 -6.15 16.59
C LYS C 120 -21.34 -6.28 15.37
N PRO C 121 -20.10 -5.78 15.47
CA PRO C 121 -19.14 -5.94 14.36
C PRO C 121 -18.62 -7.42 14.21
N ASP C 122 -19.00 -8.34 15.10
CA ASP C 122 -18.62 -9.77 14.96
C ASP C 122 -19.55 -10.43 13.89
N ALA C 123 -19.34 -10.08 12.63
CA ALA C 123 -20.30 -10.34 11.56
C ALA C 123 -20.27 -11.75 10.96
N MET C 124 -21.43 -12.28 10.60
CA MET C 124 -21.52 -13.55 9.96
C MET C 124 -20.84 -13.46 8.57
N LEU C 125 -20.11 -14.52 8.23
CA LEU C 125 -19.40 -14.59 6.93
C LEU C 125 -20.28 -15.12 5.78
N GLY C 126 -19.71 -15.12 4.57
CA GLY C 126 -20.47 -15.45 3.34
C GLY C 126 -20.54 -16.96 3.17
N ALA C 127 -21.37 -17.61 3.99
CA ALA C 127 -21.41 -19.07 4.08
C ALA C 127 -22.23 -19.74 2.92
N ARG C 128 -21.77 -19.56 1.69
CA ARG C 128 -22.26 -20.37 0.56
C ARG C 128 -21.18 -21.34 0.07
N ARG C 129 -21.56 -22.59 -0.17
CA ARG C 129 -20.57 -23.62 -0.51
C ARG C 129 -19.72 -23.22 -1.74
N GLU C 130 -20.33 -22.51 -2.70
CA GLU C 130 -19.61 -22.13 -3.92
C GLU C 130 -18.50 -21.16 -3.64
N PHE C 131 -18.46 -20.59 -2.44
CA PHE C 131 -17.48 -19.55 -2.15
C PHE C 131 -16.66 -19.86 -0.92
N LEU C 132 -17.33 -20.36 0.12
CA LEU C 132 -16.66 -20.52 1.38
C LEU C 132 -16.13 -21.92 1.54
N ASP C 133 -14.83 -22.14 1.25
CA ASP C 133 -14.14 -23.40 1.72
C ASP C 133 -13.36 -23.11 2.96
N PRO C 134 -12.60 -24.10 3.49
CA PRO C 134 -11.98 -23.81 4.81
C PRO C 134 -10.96 -22.69 4.77
N VAL C 135 -10.18 -22.62 3.71
CA VAL C 135 -9.21 -21.55 3.59
C VAL C 135 -9.88 -20.16 3.58
N GLU C 136 -10.90 -19.98 2.73
CA GLU C 136 -11.61 -18.72 2.75
C GLU C 136 -12.19 -18.38 4.15
N MET C 137 -12.73 -19.41 4.82
CA MET C 137 -13.26 -19.26 6.17
CA MET C 137 -13.24 -19.31 6.18
C MET C 137 -12.19 -18.79 7.18
N ALA C 138 -10.99 -19.35 7.13
CA ALA C 138 -9.89 -18.88 7.96
C ALA C 138 -9.44 -17.46 7.57
N ILE C 139 -9.36 -17.15 6.27
CA ILE C 139 -8.94 -15.81 5.87
C ILE C 139 -9.90 -14.79 6.47
N TYR C 140 -11.18 -15.11 6.45
CA TYR C 140 -12.16 -14.17 6.97
C TYR C 140 -11.95 -13.99 8.46
N ASN C 141 -11.75 -15.10 9.15
CA ASN C 141 -11.51 -15.00 10.57
C ASN C 141 -10.20 -14.23 10.94
N ALA C 142 -9.19 -14.31 10.10
CA ALA C 142 -7.97 -13.52 10.32
C ALA C 142 -8.23 -12.00 10.20
N ASP C 143 -8.96 -11.63 9.20
CA ASP C 143 -9.32 -10.23 8.99
C ASP C 143 -10.24 -9.76 10.12
N LEU C 144 -11.17 -10.61 10.54
CA LEU C 144 -12.09 -10.18 11.57
C LEU C 144 -11.34 -10.05 12.94
N MET C 145 -10.39 -10.94 13.18
CA MET C 145 -9.69 -10.93 14.47
C MET C 145 -8.88 -9.63 14.60
N LYS C 146 -8.19 -9.31 13.53
CA LYS C 146 -7.50 -8.04 13.38
C LYS C 146 -8.42 -6.84 13.67
N VAL C 147 -9.55 -6.80 12.98
CA VAL C 147 -10.52 -5.76 13.30
C VAL C 147 -10.85 -5.72 14.81
N LEU C 148 -11.24 -6.86 15.41
CA LEU C 148 -11.76 -6.83 16.74
C LEU C 148 -10.62 -6.56 17.73
N ALA C 149 -9.40 -6.98 17.39
CA ALA C 149 -8.23 -6.66 18.24
C ALA C 149 -7.76 -5.21 18.16
N ALA C 150 -7.43 -4.79 16.97
CA ALA C 150 -6.81 -3.48 16.80
C ALA C 150 -7.75 -2.32 17.04
N THR C 151 -9.05 -2.50 16.93
CA THR C 151 -9.96 -1.39 17.15
C THR C 151 -10.18 -1.21 18.66
N GLY C 152 -9.79 -2.21 19.45
CA GLY C 152 -9.95 -2.14 20.93
C GLY C 152 -11.16 -2.91 21.47
N VAL C 153 -11.93 -3.53 20.58
CA VAL C 153 -13.09 -4.31 21.02
C VAL C 153 -12.68 -5.44 21.98
N PHE C 154 -11.57 -6.12 21.70
CA PHE C 154 -11.16 -7.24 22.54
C PHE C 154 -10.75 -6.69 23.90
N ARG C 155 -10.31 -5.45 23.95
CA ARG C 155 -9.97 -4.86 25.21
C ARG C 155 -11.24 -4.63 26.04
N VAL C 156 -12.33 -4.26 25.37
CA VAL C 156 -13.59 -4.09 26.10
C VAL C 156 -14.07 -5.43 26.66
N VAL C 157 -13.96 -6.48 25.86
CA VAL C 157 -14.29 -7.80 26.35
C VAL C 157 -13.40 -8.24 27.54
N GLN C 158 -12.09 -8.04 27.42
CA GLN C 158 -11.14 -8.39 28.41
C GLN C 158 -11.49 -7.74 29.74
N GLU C 159 -11.81 -6.45 29.71
CA GLU C 159 -12.19 -5.74 30.93
C GLU C 159 -13.42 -6.27 31.62
N ALA C 160 -14.45 -6.52 30.82
CA ALA C 160 -15.72 -7.04 31.31
C ALA C 160 -15.49 -8.36 32.09
N PHE C 161 -14.77 -9.31 31.48
CA PHE C 161 -14.47 -10.56 32.22
C PHE C 161 -13.57 -10.35 33.39
N ASP C 162 -12.58 -9.48 33.28
CA ASP C 162 -11.66 -9.25 34.42
C ASP C 162 -12.38 -8.68 35.65
N GLU C 163 -13.32 -7.75 35.41
CA GLU C 163 -14.20 -7.24 36.48
C GLU C 163 -15.02 -8.35 37.13
N LEU C 164 -15.57 -9.24 36.29
CA LEU C 164 -16.33 -10.41 36.76
C LEU C 164 -15.45 -11.37 37.57
N ILE C 165 -14.24 -11.61 37.08
CA ILE C 165 -13.31 -12.47 37.77
C ILE C 165 -13.02 -11.93 39.17
N GLU C 166 -12.85 -10.61 39.28
CA GLU C 166 -12.65 -10.01 40.60
C GLU C 166 -13.83 -10.23 41.54
N LYS C 167 -15.04 -10.13 40.98
CA LYS C 167 -16.22 -10.44 41.79
C LYS C 167 -16.25 -11.90 42.24
N ALA C 168 -15.91 -12.81 41.32
CA ALA C 168 -15.90 -14.22 41.65
C ALA C 168 -14.97 -14.48 42.83
N LYS C 169 -13.92 -13.66 42.94
CA LYS C 169 -12.95 -13.83 44.01
C LYS C 169 -13.43 -13.22 45.32
N GLU C 170 -14.30 -12.21 45.21
CA GLU C 170 -15.06 -11.70 46.36
C GLU C 170 -16.15 -12.68 46.77
N ASP C 171 -16.32 -13.74 45.98
CA ASP C 171 -17.03 -14.94 46.40
C ASP C 171 -18.55 -14.94 46.16
N GLU C 172 -19.12 -13.79 45.83
CA GLU C 172 -20.54 -13.82 45.46
C GLU C 172 -20.73 -13.11 44.15
N ILE C 173 -21.31 -13.80 43.17
CA ILE C 173 -21.65 -13.13 41.93
C ILE C 173 -23.16 -13.00 41.85
N SER C 174 -23.68 -11.79 42.03
CA SER C 174 -25.11 -11.57 41.86
C SER C 174 -25.42 -11.23 40.42
N GLU C 175 -26.70 -11.27 40.06
CA GLU C 175 -27.08 -10.89 38.70
C GLU C 175 -26.60 -9.48 38.38
N ASN C 176 -26.47 -8.66 39.42
CA ASN C 176 -26.06 -7.27 39.24
C ASN C 176 -24.63 -7.13 38.76
N ASP C 177 -23.89 -8.22 38.83
CA ASP C 177 -22.47 -8.23 38.52
C ASP C 177 -22.20 -8.72 37.11
N LEU C 178 -23.17 -9.45 36.56
CA LEU C 178 -23.04 -10.00 35.20
C LEU C 178 -22.99 -8.90 34.14
N PRO C 179 -22.05 -8.96 33.21
CA PRO C 179 -21.94 -7.90 32.23
C PRO C 179 -23.18 -7.85 31.36
N LYS C 180 -23.51 -6.64 30.89
CA LYS C 180 -24.61 -6.44 29.96
C LYS C 180 -24.21 -5.42 28.87
N LEU C 181 -23.43 -5.90 27.91
CA LEU C 181 -22.79 -5.04 26.97
C LEU C 181 -23.29 -5.27 25.57
N VAL C 182 -23.49 -4.16 24.86
CA VAL C 182 -23.67 -4.20 23.44
C VAL C 182 -22.55 -3.36 22.84
N ILE C 183 -21.69 -4.00 22.05
CA ILE C 183 -20.53 -3.32 21.49
C ILE C 183 -20.70 -3.01 20.05
N ASP C 184 -20.33 -1.78 19.68
CA ASP C 184 -20.36 -1.43 18.28
C ASP C 184 -19.48 -0.21 18.03
N ARG C 185 -19.59 0.38 16.83
CA ARG C 185 -18.75 1.46 16.45
C ARG C 185 -18.67 2.53 17.53
N ASN C 186 -19.84 2.92 18.04
CA ASN C 186 -19.95 4.04 18.97
C ASN C 186 -19.38 3.72 20.34
N THR C 187 -19.14 2.44 20.63
CA THR C 187 -18.49 2.05 21.88
C THR C 187 -17.18 2.79 22.06
N LEU C 188 -16.47 3.02 20.95
CA LEU C 188 -15.15 3.66 21.05
C LEU C 188 -15.26 5.08 21.53
N LEU C 189 -16.45 5.68 21.41
CA LEU C 189 -16.62 7.09 21.81
C LEU C 189 -16.59 7.26 23.34
N GLU C 190 -16.84 6.20 24.10
CA GLU C 190 -16.79 6.31 25.56
C GLU C 190 -15.44 5.92 26.10
N ARG C 191 -14.50 5.58 25.23
CA ARG C 191 -13.24 5.01 25.69
C ARG C 191 -12.05 5.93 25.46
N GLU C 192 -10.90 5.59 26.00
CA GLU C 192 -9.69 6.37 25.75
C GLU C 192 -8.68 5.43 25.10
N GLU C 193 -9.15 4.54 24.25
CA GLU C 193 -8.30 3.55 23.67
C GLU C 193 -7.15 4.19 22.82
N PHE C 194 -7.51 5.15 21.96
CA PHE C 194 -6.57 5.83 21.02
C PHE C 194 -6.07 7.18 21.50
N GLU C 195 -4.77 7.36 21.53
CA GLU C 195 -4.22 8.68 21.77
C GLU C 195 -4.46 9.59 20.55
N ASN C 196 -4.46 9.02 19.36
CA ASN C 196 -4.58 9.90 18.17
C ASN C 196 -6.06 9.91 17.72
N PRO C 197 -6.68 11.06 17.58
CA PRO C 197 -8.11 11.04 17.21
C PRO C 197 -8.38 10.46 15.82
N TYR C 198 -7.44 10.55 14.86
CA TYR C 198 -7.69 9.86 13.57
C TYR C 198 -7.54 8.34 13.67
N ALA C 199 -6.70 7.86 14.59
CA ALA C 199 -6.69 6.41 14.81
C ALA C 199 -8.05 5.95 15.34
N MET C 200 -8.66 6.79 16.18
CA MET C 200 -9.98 6.47 16.67
C MET C 200 -11.04 6.42 15.58
N VAL C 201 -11.08 7.44 14.69
CA VAL C 201 -12.12 7.48 13.66
C VAL C 201 -11.86 6.43 12.54
N LYS C 202 -10.61 6.04 12.32
CA LYS C 202 -10.33 4.94 11.41
C LYS C 202 -10.84 3.62 12.02
N ALA C 203 -10.68 3.49 13.33
CA ALA C 203 -11.14 2.31 14.01
C ALA C 203 -12.66 2.26 14.05
N MET C 204 -13.31 3.42 14.12
CA MET C 204 -14.77 3.51 14.11
C MET C 204 -15.28 3.10 12.70
N ALA C 205 -14.60 3.60 11.67
CA ALA C 205 -14.88 3.20 10.29
C ALA C 205 -14.75 1.68 10.12
N ALA C 206 -13.66 1.10 10.65
CA ALA C 206 -13.45 -0.35 10.57
C ALA C 206 -14.62 -1.12 11.22
N LEU C 207 -15.06 -0.65 12.38
CA LEU C 207 -16.18 -1.31 13.07
C LEU C 207 -17.52 -1.14 12.30
N GLU C 208 -17.74 0.02 11.75
CA GLU C 208 -18.91 0.26 10.97
C GLU C 208 -18.95 -0.68 9.75
N ILE C 209 -17.84 -0.78 9.00
CA ILE C 209 -17.81 -1.68 7.85
C ILE C 209 -18.03 -3.14 8.29
N ALA C 210 -17.43 -3.55 9.40
CA ALA C 210 -17.54 -4.94 9.86
C ALA C 210 -19.00 -5.22 10.23
N GLU C 211 -19.65 -4.31 10.97
CA GLU C 211 -21.06 -4.49 11.31
CA GLU C 211 -21.06 -4.47 11.31
C GLU C 211 -21.87 -4.52 10.01
N ASN C 212 -21.52 -3.68 9.03
CA ASN C 212 -22.22 -3.69 7.71
C ASN C 212 -22.06 -5.00 6.92
N VAL C 213 -20.96 -5.70 7.15
CA VAL C 213 -20.74 -6.99 6.50
C VAL C 213 -21.88 -8.00 6.79
N ALA C 214 -22.41 -7.99 8.01
CA ALA C 214 -23.46 -8.94 8.40
C ALA C 214 -24.65 -8.94 7.46
N ASP C 215 -25.10 -7.74 7.07
CA ASP C 215 -26.30 -7.58 6.25
C ASP C 215 -26.09 -8.11 4.86
N VAL C 216 -24.86 -7.94 4.36
CA VAL C 216 -24.49 -8.42 3.04
C VAL C 216 -24.47 -9.94 3.09
N SER C 217 -23.80 -10.51 4.08
CA SER C 217 -23.80 -11.98 4.30
C SER C 217 -25.18 -12.57 4.41
N VAL C 218 -26.03 -11.93 5.21
CA VAL C 218 -27.40 -12.41 5.42
C VAL C 218 -28.17 -12.38 4.09
N GLU C 219 -28.04 -11.29 3.32
CA GLU C 219 -28.74 -11.19 2.05
C GLU C 219 -28.27 -12.32 1.12
N GLY C 220 -26.95 -12.53 1.07
CA GLY C 220 -26.40 -13.55 0.21
C GLY C 220 -26.68 -14.96 0.64
N CYS C 221 -26.84 -15.20 1.94
CA CYS C 221 -27.08 -16.58 2.45
C CYS C 221 -28.55 -16.93 2.65
N PHE C 222 -29.37 -15.96 3.01
CA PHE C 222 -30.74 -16.23 3.43
C PHE C 222 -31.85 -15.63 2.58
N VAL C 223 -31.51 -14.69 1.68
CA VAL C 223 -32.50 -13.99 0.88
C VAL C 223 -32.32 -14.22 -0.63
N GLU C 224 -31.16 -13.88 -1.16
CA GLU C 224 -30.92 -14.11 -2.59
C GLU C 224 -30.81 -15.63 -2.89
N GLN C 225 -31.63 -16.12 -3.81
CA GLN C 225 -31.66 -17.55 -4.16
C GLN C 225 -30.94 -17.91 -5.47
N ASP C 226 -30.70 -16.92 -6.34
CA ASP C 226 -29.98 -17.11 -7.61
C ASP C 226 -28.46 -17.05 -7.40
N LYS C 227 -27.77 -18.19 -7.57
CA LYS C 227 -26.31 -18.27 -7.31
C LYS C 227 -25.46 -17.34 -8.22
N GLU C 228 -26.02 -16.91 -9.33
CA GLU C 228 -25.31 -15.93 -10.15
C GLU C 228 -25.28 -14.59 -9.45
N ARG C 229 -26.16 -14.43 -8.47
CA ARG C 229 -26.22 -13.22 -7.67
C ARG C 229 -25.59 -13.45 -6.32
N TYR C 230 -25.91 -14.57 -5.68
CA TYR C 230 -25.47 -14.72 -4.32
C TYR C 230 -23.97 -15.01 -4.11
N VAL C 231 -23.32 -15.66 -5.06
CA VAL C 231 -21.89 -15.87 -4.94
C VAL C 231 -21.14 -14.50 -4.94
N PRO C 232 -21.37 -13.64 -5.94
CA PRO C 232 -20.72 -12.33 -5.89
C PRO C 232 -21.08 -11.56 -4.65
N ILE C 233 -22.32 -11.69 -4.19
CA ILE C 233 -22.72 -10.97 -2.96
C ILE C 233 -21.97 -11.36 -1.71
N VAL C 234 -21.88 -12.68 -1.43
CA VAL C 234 -21.14 -13.06 -0.27
C VAL C 234 -19.66 -12.74 -0.42
N ALA C 235 -19.12 -12.85 -1.63
CA ALA C 235 -17.71 -12.49 -1.85
C ALA C 235 -17.46 -11.00 -1.61
N SER C 236 -18.42 -10.13 -1.98
CA SER C 236 -18.25 -8.70 -1.67
C SER C 236 -18.25 -8.38 -0.17
N ALA C 237 -18.89 -9.23 0.65
CA ALA C 237 -18.85 -9.10 2.09
C ALA C 237 -17.45 -9.37 2.59
N HIS C 238 -16.76 -10.33 1.97
CA HIS C 238 -15.38 -10.67 2.43
C HIS C 238 -14.40 -9.58 2.03
N GLU C 239 -14.66 -8.96 0.87
CA GLU C 239 -13.79 -7.87 0.44
C GLU C 239 -13.98 -6.73 1.41
N MET C 240 -15.19 -6.55 1.94
CA MET C 240 -15.40 -5.49 2.92
C MET C 240 -14.62 -5.72 4.21
N MET C 241 -14.64 -6.95 4.71
CA MET C 241 -13.98 -7.24 5.94
C MET C 241 -12.49 -7.09 5.76
N ARG C 242 -11.95 -7.52 4.62
CA ARG C 242 -10.52 -7.30 4.36
C ARG C 242 -10.13 -5.82 4.45
N LYS C 243 -10.97 -4.93 3.93
CA LYS C 243 -10.69 -3.47 4.03
C LYS C 243 -10.89 -2.96 5.48
N ALA C 244 -11.83 -3.54 6.22
CA ALA C 244 -12.00 -3.12 7.62
C ALA C 244 -10.71 -3.46 8.39
N ALA C 245 -10.09 -4.60 8.08
CA ALA C 245 -8.86 -5.03 8.72
C ALA C 245 -7.73 -4.04 8.43
N GLU C 246 -7.69 -3.60 7.18
N GLU C 246 -7.66 -3.60 7.18
CA GLU C 246 -6.73 -2.59 6.73
CA GLU C 246 -6.68 -2.59 6.80
C GLU C 246 -6.86 -1.28 7.47
C GLU C 246 -6.86 -1.30 7.58
N LEU C 247 -8.09 -0.83 7.68
CA LEU C 247 -8.37 0.35 8.49
C LEU C 247 -7.92 0.16 9.94
N ALA C 248 -8.21 -0.99 10.54
CA ALA C 248 -7.81 -1.22 11.89
C ALA C 248 -6.27 -1.21 11.96
N ASP C 249 -5.62 -1.85 10.98
CA ASP C 249 -4.17 -1.83 10.90
C ASP C 249 -3.62 -0.38 10.83
N GLU C 250 -4.25 0.42 9.98
CA GLU C 250 -3.81 1.79 9.78
C GLU C 250 -3.92 2.56 11.10
N ALA C 251 -5.01 2.37 11.83
CA ALA C 251 -5.16 3.01 13.13
C ALA C 251 -4.02 2.67 14.11
N ARG C 252 -3.71 1.38 14.19
CA ARG C 252 -2.68 0.94 15.05
C ARG C 252 -1.28 1.49 14.69
N GLU C 253 -0.96 1.61 13.39
CA GLU C 253 0.30 2.22 12.90
C GLU C 253 0.36 3.72 13.28
N LEU C 254 -0.77 4.40 13.27
CA LEU C 254 -0.84 5.75 13.78
C LEU C 254 -0.44 5.80 15.24
N GLU C 255 -0.96 4.90 16.05
CA GLU C 255 -0.56 4.88 17.48
C GLU C 255 0.93 4.64 17.64
N LYS C 256 1.47 3.77 16.77
CA LYS C 256 2.91 3.48 16.73
C LYS C 256 3.72 4.77 16.45
N SER C 257 3.24 5.57 15.50
CA SER C 257 3.96 6.75 15.13
C SER C 257 4.06 7.73 16.29
N ASN C 258 3.16 7.68 17.26
CA ASN C 258 3.28 8.52 18.48
C ASN C 258 3.81 7.76 19.73
N ASP C 259 4.31 6.55 19.51
CA ASP C 259 4.77 5.72 20.64
C ASP C 259 3.66 5.82 21.68
N ALA C 260 2.42 5.61 21.23
CA ALA C 260 1.26 5.67 22.08
C ALA C 260 0.34 4.45 22.08
N VAL C 261 0.91 3.27 21.82
CA VAL C 261 0.08 2.09 21.71
C VAL C 261 -0.30 1.59 23.11
N LEU C 262 -1.60 1.56 23.40
CA LEU C 262 -2.03 1.14 24.71
C LEU C 262 -1.82 -0.38 24.87
N ARG C 263 -1.12 -0.79 25.93
CA ARG C 263 -1.10 -2.21 26.28
C ARG C 263 -1.51 -2.39 27.75
N THR C 264 -2.36 -3.38 27.99
CA THR C 264 -2.87 -3.66 29.33
C THR C 264 -2.73 -5.14 29.64
N PRO C 265 -1.49 -5.59 29.88
CA PRO C 265 -1.23 -7.00 30.18
C PRO C 265 -1.60 -7.39 31.62
N HIS C 266 -1.73 -8.68 31.91
CA HIS C 266 -2.02 -9.12 33.28
C HIS C 266 -0.70 -9.37 34.02
N ALA C 267 -0.68 -9.04 35.32
CA ALA C 267 0.36 -9.51 36.22
C ALA C 267 -0.01 -10.94 36.66
N PRO C 268 0.95 -11.68 37.31
CA PRO C 268 0.72 -13.06 37.66
C PRO C 268 -0.38 -13.20 38.68
N ASP C 269 -0.68 -12.12 39.39
CA ASP C 269 -1.70 -12.18 40.43
C ASP C 269 -3.01 -11.67 39.84
N GLY C 270 -3.04 -11.51 38.53
CA GLY C 270 -4.30 -11.22 37.85
C GLY C 270 -4.57 -9.74 37.59
N LYS C 271 -3.89 -8.88 38.35
CA LYS C 271 -4.02 -7.44 38.20
C LYS C 271 -3.77 -6.98 36.73
N VAL C 272 -4.55 -6.02 36.26
CA VAL C 272 -4.41 -5.53 34.87
C VAL C 272 -3.52 -4.30 34.88
N LEU C 273 -2.38 -4.37 34.19
CA LEU C 273 -1.42 -3.26 34.14
C LEU C 273 -1.69 -2.40 32.94
N SER C 274 -0.98 -1.27 32.85
CA SER C 274 -1.24 -0.32 31.79
C SER C 274 0.04 0.41 31.39
N LYS C 275 0.17 0.65 30.11
CA LYS C 275 1.28 1.48 29.55
C LYS C 275 0.93 1.98 28.15
N ARG C 276 1.71 2.97 27.69
CA ARG C 276 1.58 3.58 26.38
C ARG C 276 2.92 3.56 25.63
N LYS C 277 3.99 3.96 26.31
CA LYS C 277 5.29 4.09 25.68
C LYS C 277 5.96 2.75 25.54
N PHE C 278 6.56 2.51 24.38
CA PHE C 278 7.11 1.20 24.09
C PHE C 278 8.06 0.72 25.21
N MET C 279 8.93 1.61 25.69
CA MET C 279 9.97 1.22 26.65
C MET C 279 9.52 1.31 28.13
N GLU C 280 8.28 1.73 28.34
CA GLU C 280 7.81 1.96 29.69
C GLU C 280 7.27 0.66 30.31
N ASP C 281 7.67 0.37 31.53
CA ASP C 281 7.17 -0.81 32.21
C ASP C 281 5.67 -0.66 32.39
N PRO C 282 4.88 -1.73 32.17
CA PRO C 282 3.45 -1.64 32.44
C PRO C 282 3.22 -1.61 33.97
N GLU C 283 2.31 -0.75 34.43
CA GLU C 283 2.02 -0.63 35.85
C GLU C 283 0.55 -0.46 36.18
N THR D 2 38.27 -16.14 -28.43
CA THR D 2 38.20 -14.68 -28.15
C THR D 2 37.48 -14.35 -26.84
N VAL D 3 38.25 -13.93 -25.85
CA VAL D 3 37.75 -13.28 -24.66
C VAL D 3 37.83 -11.78 -24.91
N ALA D 4 36.70 -11.08 -24.84
CA ALA D 4 36.69 -9.62 -24.96
C ALA D 4 37.13 -8.95 -23.67
N LYS D 5 37.97 -7.93 -23.79
CA LYS D 5 38.44 -7.21 -22.62
C LYS D 5 38.06 -5.72 -22.65
N ALA D 6 37.74 -5.16 -21.47
CA ALA D 6 37.35 -3.74 -21.37
C ALA D 6 37.72 -3.16 -20.03
N ILE D 7 38.00 -1.86 -20.01
CA ILE D 7 38.24 -1.17 -18.75
C ILE D 7 37.13 -0.17 -18.55
N PHE D 8 36.55 -0.17 -17.35
CA PHE D 8 35.52 0.79 -16.99
C PHE D 8 36.12 1.85 -16.07
N ILE D 9 35.82 3.12 -16.37
CA ILE D 9 36.32 4.21 -15.55
C ILE D 9 35.12 4.90 -14.92
N LYS D 10 35.11 4.99 -13.59
CA LYS D 10 34.00 5.61 -12.86
C LYS D 10 34.50 6.81 -12.06
N CYS D 11 33.99 8.00 -12.41
CA CYS D 11 34.25 9.24 -11.66
C CYS D 11 32.92 9.92 -11.43
N GLY D 12 32.63 10.23 -10.17
CA GLY D 12 31.28 10.64 -9.81
C GLY D 12 30.39 9.40 -9.79
N ASN D 13 29.11 9.59 -9.59
CA ASN D 13 28.19 8.48 -9.60
C ASN D 13 26.86 8.75 -10.31
N LEU D 14 26.43 7.77 -11.10
CA LEU D 14 25.15 7.76 -11.80
C LEU D 14 24.62 6.33 -11.57
N GLY D 15 23.30 6.17 -11.56
CA GLY D 15 22.72 4.84 -11.44
C GLY D 15 23.33 3.94 -12.48
N THR D 16 23.43 4.42 -13.70
CA THR D 16 23.90 3.59 -14.80
C THR D 16 25.37 3.22 -14.69
N SER D 17 26.20 4.14 -14.20
CA SER D 17 27.63 3.88 -14.21
C SER D 17 27.99 2.99 -13.01
N MET D 18 27.15 3.05 -12.00
CA MET D 18 27.34 2.22 -10.84
C MET D 18 27.15 0.74 -11.22
N MET D 19 26.21 0.48 -12.13
CA MET D 19 25.83 -0.90 -12.49
C MET D 19 26.30 -1.39 -13.86
N MET D 20 26.85 -0.51 -14.69
CA MET D 20 27.17 -0.88 -16.09
C MET D 20 27.98 -2.19 -16.28
N ASP D 21 29.08 -2.36 -15.58
CA ASP D 21 29.88 -3.56 -15.79
C ASP D 21 29.16 -4.82 -15.25
N MET D 22 28.48 -4.69 -14.12
CA MET D 22 27.83 -5.82 -13.50
C MET D 22 26.68 -6.37 -14.32
N LEU D 23 26.02 -5.50 -15.08
CA LEU D 23 24.92 -5.91 -15.93
C LEU D 23 25.37 -6.86 -17.03
N LEU D 24 26.68 -6.98 -17.21
CA LEU D 24 27.21 -7.75 -18.32
C LEU D 24 27.67 -9.14 -17.91
N ASP D 25 27.69 -9.41 -16.61
CA ASP D 25 28.15 -10.69 -16.10
C ASP D 25 27.48 -11.00 -14.73
N GLU D 26 26.15 -11.12 -14.76
CA GLU D 26 25.34 -11.11 -13.54
C GLU D 26 25.60 -12.23 -12.55
N ARG D 27 26.10 -13.36 -13.02
CA ARG D 27 26.45 -14.44 -12.12
C ARG D 27 27.95 -14.74 -12.15
N ALA D 28 28.73 -13.89 -12.82
CA ALA D 28 30.18 -14.06 -12.92
C ALA D 28 30.61 -15.34 -13.63
N ASP D 29 29.73 -15.91 -14.45
CA ASP D 29 30.04 -17.18 -15.11
C ASP D 29 30.37 -17.02 -16.60
N ARG D 30 30.44 -15.78 -17.09
CA ARG D 30 30.86 -15.57 -18.46
C ARG D 30 32.34 -15.89 -18.65
N GLU D 31 32.65 -16.74 -19.63
CA GLU D 31 34.03 -17.07 -19.93
C GLU D 31 34.56 -16.25 -21.10
N ASP D 32 33.73 -15.38 -21.66
CA ASP D 32 34.11 -14.65 -22.85
C ASP D 32 34.40 -13.17 -22.61
N VAL D 33 34.48 -12.77 -21.35
CA VAL D 33 34.76 -11.38 -21.01
C VAL D 33 35.71 -11.30 -19.83
N GLU D 34 36.49 -10.22 -19.79
CA GLU D 34 37.31 -9.92 -18.65
C GLU D 34 37.42 -8.40 -18.51
N PHE D 35 37.15 -7.90 -17.31
CA PHE D 35 37.02 -6.46 -17.06
C PHE D 35 37.94 -5.96 -15.95
N ARG D 36 38.38 -4.71 -16.11
CA ARG D 36 39.04 -3.98 -15.03
C ARG D 36 38.25 -2.72 -14.80
N VAL D 37 38.18 -2.29 -13.54
CA VAL D 37 37.39 -1.11 -13.18
C VAL D 37 38.28 -0.20 -12.35
N VAL D 38 38.39 1.04 -12.76
CA VAL D 38 39.16 1.98 -11.97
C VAL D 38 38.39 3.27 -11.85
N GLY D 39 38.69 4.02 -10.80
CA GLY D 39 38.02 5.30 -10.61
C GLY D 39 38.59 6.08 -9.45
N THR D 40 38.04 7.28 -9.24
CA THR D 40 38.46 8.14 -8.14
C THR D 40 37.27 8.37 -7.20
N SER D 41 36.39 7.38 -7.10
CA SER D 41 35.18 7.49 -6.30
C SER D 41 34.28 8.62 -6.78
N VAL D 42 33.78 9.43 -5.86
CA VAL D 42 32.79 10.43 -6.22
C VAL D 42 33.38 11.70 -6.86
N LYS D 43 34.70 11.88 -6.80
CA LYS D 43 35.31 13.11 -7.25
C LYS D 43 35.50 13.09 -8.77
N MET D 44 35.08 14.17 -9.42
CA MET D 44 35.08 14.21 -10.89
C MET D 44 35.53 15.57 -11.48
N ASP D 45 36.28 16.33 -10.69
CA ASP D 45 36.96 17.52 -11.18
C ASP D 45 38.11 17.08 -12.14
N PRO D 46 38.63 18.03 -12.96
CA PRO D 46 39.70 17.77 -13.93
C PRO D 46 40.90 16.91 -13.44
N GLU D 47 41.52 17.26 -12.31
CA GLU D 47 42.67 16.50 -11.82
C GLU D 47 42.31 15.04 -11.57
N CYS D 48 41.19 14.81 -10.89
CA CYS D 48 40.80 13.46 -10.55
C CYS D 48 40.47 12.66 -11.79
N VAL D 49 39.76 13.28 -12.72
CA VAL D 49 39.37 12.55 -13.92
C VAL D 49 40.63 12.19 -14.71
N GLU D 50 41.57 13.11 -14.82
CA GLU D 50 42.81 12.83 -15.53
C GLU D 50 43.55 11.68 -14.85
N ALA D 51 43.58 11.70 -13.52
CA ALA D 51 44.28 10.65 -12.79
C ALA D 51 43.61 9.29 -13.01
N ALA D 52 42.28 9.30 -13.06
CA ALA D 52 41.53 8.07 -13.31
C ALA D 52 41.83 7.53 -14.69
N VAL D 53 41.79 8.40 -15.70
CA VAL D 53 42.04 7.96 -17.07
C VAL D 53 43.49 7.47 -17.24
N GLU D 54 44.41 8.05 -16.49
CA GLU D 54 45.80 7.59 -16.54
C GLU D 54 45.96 6.19 -15.98
N MET D 55 45.27 5.92 -14.88
CA MET D 55 45.26 4.59 -14.32
C MET D 55 44.81 3.63 -15.39
N ALA D 56 43.71 3.95 -16.03
CA ALA D 56 43.14 3.13 -17.08
C ALA D 56 44.16 2.89 -18.19
N LEU D 57 44.78 3.95 -18.67
CA LEU D 57 45.78 3.82 -19.75
C LEU D 57 47.02 3.05 -19.33
N ASP D 58 47.53 3.31 -18.13
CA ASP D 58 48.65 2.52 -17.61
C ASP D 58 48.32 1.04 -17.64
N ILE D 59 47.19 0.69 -17.06
CA ILE D 59 46.72 -0.69 -17.02
C ILE D 59 46.50 -1.25 -18.42
N ALA D 60 46.04 -0.40 -19.33
CA ALA D 60 45.72 -0.83 -20.68
C ALA D 60 46.94 -1.36 -21.43
N GLU D 61 48.11 -0.79 -21.12
CA GLU D 61 49.35 -1.22 -21.78
C GLU D 61 49.50 -2.74 -21.72
N ASP D 62 49.33 -3.30 -20.54
CA ASP D 62 49.45 -4.74 -20.38
C ASP D 62 48.12 -5.46 -20.61
N PHE D 63 47.03 -4.84 -20.20
CA PHE D 63 45.72 -5.48 -20.31
C PHE D 63 45.25 -5.59 -21.77
N GLU D 64 45.59 -4.60 -22.58
CA GLU D 64 45.17 -4.59 -23.98
C GLU D 64 43.65 -4.72 -24.17
N PRO D 65 42.87 -3.81 -23.56
CA PRO D 65 41.41 -3.84 -23.69
C PRO D 65 40.92 -3.54 -25.11
N ASP D 66 39.81 -4.16 -25.50
CA ASP D 66 39.20 -3.91 -26.81
C ASP D 66 38.47 -2.58 -26.85
N PHE D 67 38.00 -2.12 -25.70
CA PHE D 67 37.41 -0.79 -25.63
C PHE D 67 37.45 -0.29 -24.19
N ILE D 68 37.24 1.00 -24.04
CA ILE D 68 37.24 1.61 -22.72
C ILE D 68 35.95 2.40 -22.48
N VAL D 69 35.37 2.26 -21.29
CA VAL D 69 34.13 2.94 -21.00
C VAL D 69 34.40 3.98 -19.93
N TYR D 70 33.89 5.19 -20.11
CA TYR D 70 33.96 6.19 -19.05
C TYR D 70 32.54 6.52 -18.61
N GLY D 71 32.26 6.41 -17.32
CA GLY D 71 30.89 6.63 -16.85
C GLY D 71 30.82 7.57 -15.67
N GLY D 72 29.86 8.49 -15.71
CA GLY D 72 29.60 9.39 -14.61
C GLY D 72 28.82 10.61 -15.06
N PRO D 73 28.54 11.52 -14.13
CA PRO D 73 27.66 12.63 -14.45
C PRO D 73 28.26 13.56 -15.46
N ASN D 74 27.35 14.21 -16.19
CA ASN D 74 27.65 15.31 -17.07
C ASN D 74 28.90 15.25 -17.93
N PRO D 75 28.82 14.53 -19.06
CA PRO D 75 29.88 14.51 -20.04
C PRO D 75 30.36 15.93 -20.50
N ALA D 76 29.54 16.95 -20.33
CA ALA D 76 29.92 18.33 -20.74
C ALA D 76 30.69 19.08 -19.65
N ALA D 77 30.74 18.56 -18.45
CA ALA D 77 31.47 19.25 -17.38
C ALA D 77 32.98 19.15 -17.62
N PRO D 78 33.76 19.93 -16.86
CA PRO D 78 35.21 20.01 -17.13
C PRO D 78 35.95 18.67 -16.98
N GLY D 79 35.74 18.00 -15.85
CA GLY D 79 36.37 16.69 -15.59
C GLY D 79 36.07 15.70 -16.70
N PRO D 80 34.78 15.40 -16.94
CA PRO D 80 34.36 14.54 -18.07
C PRO D 80 34.82 15.03 -19.45
N SER D 81 34.98 16.33 -19.62
CA SER D 81 35.47 16.83 -20.92
C SER D 81 36.93 16.44 -21.12
N LYS D 82 37.69 16.52 -20.04
CA LYS D 82 39.07 16.08 -20.07
C LYS D 82 39.12 14.60 -20.45
N ALA D 83 38.22 13.80 -19.91
CA ALA D 83 38.26 12.36 -20.20
C ALA D 83 37.95 12.11 -21.68
N ARG D 84 36.92 12.76 -22.19
CA ARG D 84 36.55 12.57 -23.58
C ARG D 84 37.73 12.90 -24.52
N GLU D 85 38.46 13.97 -24.19
CA GLU D 85 39.61 14.38 -24.94
C GLU D 85 40.73 13.34 -24.87
N MET D 86 41.02 12.88 -23.65
CA MET D 86 42.08 11.88 -23.48
C MET D 86 41.70 10.59 -24.17
N LEU D 87 40.44 10.18 -24.05
CA LEU D 87 40.04 8.92 -24.66
C LEU D 87 39.98 9.01 -26.19
N ALA D 88 39.50 10.13 -26.69
CA ALA D 88 39.44 10.36 -28.13
C ALA D 88 40.83 10.30 -28.74
N ASP D 89 41.81 10.89 -28.03
CA ASP D 89 43.18 10.92 -28.51
C ASP D 89 43.91 9.59 -28.33
N SER D 90 43.34 8.69 -27.55
CA SER D 90 43.99 7.41 -27.30
C SER D 90 43.75 6.45 -28.47
N GLU D 91 44.44 5.32 -28.45
CA GLU D 91 44.26 4.29 -29.47
C GLU D 91 43.05 3.37 -29.25
N TYR D 92 42.37 3.50 -28.11
CA TYR D 92 41.29 2.57 -27.77
C TYR D 92 39.90 3.13 -28.11
N PRO D 93 39.04 2.30 -28.72
CA PRO D 93 37.66 2.71 -28.91
C PRO D 93 37.04 3.00 -27.53
N ALA D 94 36.25 4.05 -27.42
CA ALA D 94 35.74 4.45 -26.11
C ALA D 94 34.26 4.81 -26.14
N VAL D 95 33.57 4.52 -25.03
CA VAL D 95 32.15 4.83 -24.87
C VAL D 95 31.91 5.69 -23.63
N ILE D 96 31.11 6.74 -23.78
CA ILE D 96 30.79 7.61 -22.65
C ILE D 96 29.37 7.37 -22.15
N ILE D 97 29.26 6.97 -20.87
CA ILE D 97 28.00 6.81 -20.19
C ILE D 97 27.73 8.09 -19.41
N GLY D 98 26.59 8.73 -19.68
CA GLY D 98 26.22 9.94 -18.98
C GLY D 98 24.72 10.11 -18.78
N ASP D 99 24.33 11.33 -18.42
CA ASP D 99 22.96 11.73 -18.08
C ASP D 99 22.45 12.82 -19.09
N ALA D 100 21.33 13.47 -18.80
CA ALA D 100 20.74 14.38 -19.79
C ALA D 100 21.63 15.57 -20.17
N PRO D 101 22.35 16.13 -19.18
CA PRO D 101 23.25 17.24 -19.51
C PRO D 101 24.30 16.87 -20.56
N GLY D 102 24.54 15.58 -20.77
CA GLY D 102 25.45 15.14 -21.83
C GLY D 102 25.00 15.53 -23.23
N LEU D 103 23.71 15.84 -23.37
CA LEU D 103 23.14 16.16 -24.65
C LEU D 103 23.81 17.40 -25.25
N LYS D 104 24.32 18.28 -24.40
CA LYS D 104 24.98 19.50 -24.90
C LYS D 104 26.22 19.20 -25.73
N VAL D 105 26.88 18.08 -25.46
CA VAL D 105 28.10 17.77 -26.22
C VAL D 105 27.93 16.53 -27.09
N LYS D 106 26.68 16.17 -27.39
CA LYS D 106 26.41 15.00 -28.20
C LYS D 106 27.15 15.07 -29.53
N ASP D 107 26.99 16.18 -30.26
CA ASP D 107 27.63 16.32 -31.56
C ASP D 107 29.14 16.29 -31.42
N GLU D 108 29.63 17.01 -30.41
CA GLU D 108 31.03 17.01 -30.11
C GLU D 108 31.58 15.57 -29.97
N MET D 109 30.89 14.73 -29.20
CA MET D 109 31.31 13.34 -29.01
C MET D 109 31.40 12.52 -30.30
N GLU D 110 30.43 12.71 -31.19
CA GLU D 110 30.44 12.00 -32.46
C GLU D 110 31.62 12.46 -33.30
N GLU D 111 31.91 13.76 -33.22
CA GLU D 111 33.05 14.36 -33.91
C GLU D 111 34.34 13.82 -33.31
N GLN D 112 34.33 13.58 -32.00
CA GLN D 112 35.49 13.04 -31.32
C GLN D 112 35.69 11.56 -31.64
N GLY D 113 34.70 10.95 -32.29
CA GLY D 113 34.77 9.52 -32.58
C GLY D 113 34.44 8.61 -31.40
N LEU D 114 33.72 9.15 -30.42
CA LEU D 114 33.36 8.39 -29.22
C LEU D 114 31.93 7.86 -29.31
N GLY D 115 31.67 6.71 -28.70
CA GLY D 115 30.29 6.24 -28.53
C GLY D 115 29.72 6.86 -27.26
N TYR D 116 28.41 6.81 -27.13
CA TYR D 116 27.81 7.29 -25.91
C TYR D 116 26.48 6.61 -25.66
N ILE D 117 26.13 6.57 -24.38
CA ILE D 117 24.81 6.18 -23.93
C ILE D 117 24.42 7.20 -22.87
N LEU D 118 23.45 8.05 -23.21
CA LEU D 118 22.97 9.08 -22.30
C LEU D 118 21.61 8.70 -21.77
N VAL D 119 21.51 8.62 -20.45
CA VAL D 119 20.35 8.11 -19.77
C VAL D 119 19.66 9.26 -19.08
N LYS D 120 18.63 9.80 -19.73
CA LYS D 120 17.92 10.99 -19.25
C LYS D 120 17.30 10.81 -17.87
N PRO D 121 16.61 9.67 -17.64
CA PRO D 121 16.06 9.38 -16.30
C PRO D 121 17.11 9.18 -15.19
N ASP D 122 18.39 9.19 -15.52
CA ASP D 122 19.44 8.97 -14.49
C ASP D 122 19.71 10.33 -13.86
N ALA D 123 18.80 10.73 -12.98
CA ALA D 123 18.69 12.12 -12.55
C ALA D 123 19.65 12.48 -11.41
N MET D 124 20.15 13.71 -11.44
CA MET D 124 20.97 14.26 -10.35
C MET D 124 20.13 14.36 -9.05
N LEU D 125 20.71 14.03 -7.92
CA LEU D 125 20.01 14.07 -6.65
C LEU D 125 20.13 15.43 -5.96
N GLY D 126 19.48 15.55 -4.81
CA GLY D 126 19.31 16.83 -4.14
C GLY D 126 20.50 17.16 -3.27
N ALA D 127 21.60 17.53 -3.90
CA ALA D 127 22.88 17.55 -3.16
C ALA D 127 23.09 18.85 -2.40
N ARG D 128 22.38 19.02 -1.30
CA ARG D 128 22.60 20.16 -0.42
C ARG D 128 22.95 19.60 0.92
N ARG D 129 23.96 20.17 1.56
CA ARG D 129 24.46 19.56 2.81
C ARG D 129 23.36 19.39 3.85
N GLU D 130 22.44 20.36 3.92
CA GLU D 130 21.36 20.30 4.94
C GLU D 130 20.41 19.15 4.77
N PHE D 131 20.48 18.48 3.62
CA PHE D 131 19.51 17.40 3.33
C PHE D 131 20.24 16.09 3.05
N LEU D 132 21.26 16.13 2.20
CA LEU D 132 21.86 14.90 1.69
C LEU D 132 23.02 14.44 2.57
N ASP D 133 22.77 13.47 3.45
CA ASP D 133 23.86 12.80 4.13
C ASP D 133 24.11 11.48 3.40
N PRO D 134 25.05 10.67 3.87
CA PRO D 134 25.27 9.40 3.16
C PRO D 134 24.06 8.47 3.08
N VAL D 135 23.30 8.36 4.16
CA VAL D 135 22.14 7.48 4.17
C VAL D 135 21.14 7.95 3.10
N GLU D 136 20.89 9.25 3.05
CA GLU D 136 19.92 9.79 2.09
C GLU D 136 20.37 9.57 0.64
N MET D 137 21.65 9.83 0.39
CA MET D 137 22.29 9.54 -0.89
C MET D 137 22.11 8.06 -1.33
N ALA D 138 22.27 7.12 -0.40
CA ALA D 138 22.07 5.71 -0.70
C ALA D 138 20.59 5.32 -0.92
N ILE D 139 19.71 5.82 -0.08
CA ILE D 139 18.27 5.66 -0.31
C ILE D 139 17.86 6.15 -1.71
N TYR D 140 18.37 7.30 -2.12
CA TYR D 140 17.98 7.82 -3.42
C TYR D 140 18.52 6.89 -4.52
N ASN D 141 19.75 6.42 -4.32
CA ASN D 141 20.33 5.48 -5.26
C ASN D 141 19.54 4.15 -5.40
N ALA D 142 18.95 3.69 -4.30
CA ALA D 142 18.18 2.44 -4.30
C ALA D 142 16.89 2.63 -5.10
N ASP D 143 16.23 3.77 -4.92
CA ASP D 143 15.02 4.09 -5.68
C ASP D 143 15.35 4.23 -7.17
N LEU D 144 16.44 4.92 -7.48
CA LEU D 144 16.85 5.10 -8.87
C LEU D 144 17.22 3.79 -9.54
N MET D 145 17.91 2.93 -8.82
CA MET D 145 18.30 1.63 -9.35
C MET D 145 17.06 0.78 -9.68
N LYS D 146 16.07 0.88 -8.84
CA LYS D 146 14.83 0.17 -9.03
C LYS D 146 14.12 0.66 -10.24
N VAL D 147 14.17 1.97 -10.46
CA VAL D 147 13.51 2.55 -11.55
C VAL D 147 14.22 2.08 -12.80
N LEU D 148 15.55 2.13 -12.81
CA LEU D 148 16.30 1.96 -14.06
C LEU D 148 16.23 0.50 -14.44
N ALA D 149 16.12 -0.36 -13.40
CA ALA D 149 16.06 -1.80 -13.61
C ALA D 149 14.69 -2.25 -14.06
N ALA D 150 13.67 -1.98 -13.25
CA ALA D 150 12.35 -2.54 -13.50
C ALA D 150 11.62 -1.92 -14.70
N THR D 151 12.01 -0.72 -15.11
CA THR D 151 11.41 -0.16 -16.31
C THR D 151 12.03 -0.80 -17.56
N GLY D 152 13.17 -1.47 -17.42
CA GLY D 152 13.85 -2.04 -18.62
C GLY D 152 14.98 -1.18 -19.21
N VAL D 153 15.25 -0.04 -18.60
CA VAL D 153 16.38 0.77 -19.07
C VAL D 153 17.72 -0.01 -19.00
N PHE D 154 17.98 -0.68 -17.89
CA PHE D 154 19.22 -1.47 -17.74
C PHE D 154 19.33 -2.60 -18.77
N ARG D 155 18.20 -3.09 -19.26
CA ARG D 155 18.23 -4.06 -20.35
C ARG D 155 18.74 -3.45 -21.64
N VAL D 156 18.29 -2.23 -21.94
CA VAL D 156 18.78 -1.51 -23.09
C VAL D 156 20.29 -1.31 -23.01
N VAL D 157 20.78 -0.95 -21.83
CA VAL D 157 22.21 -0.77 -21.66
C VAL D 157 22.95 -2.09 -21.82
N GLN D 158 22.41 -3.15 -21.20
CA GLN D 158 22.98 -4.46 -21.35
C GLN D 158 23.14 -4.85 -22.80
N GLU D 159 22.08 -4.72 -23.57
CA GLU D 159 22.14 -5.02 -25.02
C GLU D 159 23.20 -4.25 -25.79
N ALA D 160 23.30 -2.96 -25.52
CA ALA D 160 24.24 -2.14 -26.27
C ALA D 160 25.65 -2.66 -26.02
N PHE D 161 26.00 -2.90 -24.77
CA PHE D 161 27.33 -3.40 -24.52
C PHE D 161 27.54 -4.80 -25.10
N ASP D 162 26.55 -5.69 -24.93
CA ASP D 162 26.67 -7.05 -25.45
C ASP D 162 26.92 -7.09 -26.99
N GLU D 163 26.26 -6.19 -27.72
CA GLU D 163 26.47 -6.06 -29.15
C GLU D 163 27.90 -5.63 -29.43
N LEU D 164 28.38 -4.67 -28.63
CA LEU D 164 29.75 -4.17 -28.76
C LEU D 164 30.78 -5.26 -28.44
N ILE D 165 30.50 -6.04 -27.40
CA ILE D 165 31.37 -7.13 -27.01
C ILE D 165 31.50 -8.16 -28.12
N GLU D 166 30.40 -8.47 -28.80
CA GLU D 166 30.47 -9.37 -29.97
C GLU D 166 31.36 -8.81 -31.08
N LYS D 167 31.31 -7.51 -31.31
CA LYS D 167 32.16 -6.87 -32.29
C LYS D 167 33.62 -6.97 -31.87
N ALA D 168 33.86 -6.76 -30.58
CA ALA D 168 35.22 -6.82 -30.06
C ALA D 168 35.81 -8.19 -30.32
N LYS D 169 34.96 -9.20 -30.37
CA LYS D 169 35.40 -10.56 -30.61
C LYS D 169 35.60 -10.84 -32.10
N GLU D 170 34.87 -10.11 -32.94
CA GLU D 170 35.13 -10.10 -34.38
C GLU D 170 36.40 -9.33 -34.68
N ASP D 171 36.95 -8.71 -33.64
CA ASP D 171 38.34 -8.24 -33.65
C ASP D 171 38.55 -6.81 -34.19
N GLU D 172 37.54 -6.23 -34.83
CA GLU D 172 37.67 -4.83 -35.22
C GLU D 172 36.46 -4.04 -34.72
N ILE D 173 36.73 -2.98 -33.97
CA ILE D 173 35.67 -2.08 -33.56
C ILE D 173 35.85 -0.75 -34.27
N SER D 174 35.04 -0.49 -35.29
CA SER D 174 35.08 0.81 -35.96
C SER D 174 34.16 1.79 -35.24
N GLU D 175 34.27 3.07 -35.56
CA GLU D 175 33.42 4.07 -34.96
C GLU D 175 31.97 3.71 -35.24
N ASN D 176 31.73 3.03 -36.37
CA ASN D 176 30.38 2.66 -36.74
C ASN D 176 29.72 1.70 -35.79
N ASP D 177 30.52 1.07 -34.94
CA ASP D 177 30.06 0.02 -34.04
C ASP D 177 29.75 0.59 -32.66
N LEU D 178 30.30 1.76 -32.37
CA LEU D 178 30.13 2.35 -31.04
C LEU D 178 28.68 2.78 -30.83
N PRO D 179 28.09 2.42 -29.67
CA PRO D 179 26.70 2.78 -29.45
C PRO D 179 26.51 4.27 -29.40
N LYS D 180 25.36 4.72 -29.88
CA LYS D 180 25.02 6.13 -29.82
C LYS D 180 23.57 6.26 -29.41
N LEU D 181 23.33 6.13 -28.12
CA LEU D 181 21.99 6.02 -27.59
C LEU D 181 21.63 7.19 -26.68
N VAL D 182 20.40 7.65 -26.82
CA VAL D 182 19.78 8.54 -25.85
C VAL D 182 18.54 7.83 -25.35
N ILE D 183 18.51 7.59 -24.05
CA ILE D 183 17.44 6.81 -23.48
C ILE D 183 16.52 7.71 -22.68
N ASP D 184 15.22 7.53 -22.88
CA ASP D 184 14.22 8.20 -22.05
C ASP D 184 12.89 7.44 -22.03
N ARG D 185 11.87 8.09 -21.46
CA ARG D 185 10.53 7.50 -21.39
C ARG D 185 10.09 6.85 -22.72
N ASN D 186 10.32 7.54 -23.84
CA ASN D 186 9.83 7.06 -25.12
C ASN D 186 10.63 5.87 -25.69
N THR D 187 11.82 5.64 -25.14
CA THR D 187 12.59 4.48 -25.53
C THR D 187 11.72 3.22 -25.41
N LEU D 188 10.86 3.19 -24.42
CA LEU D 188 10.05 1.99 -24.19
C LEU D 188 9.11 1.71 -25.35
N LEU D 189 8.74 2.73 -26.08
CA LEU D 189 7.81 2.55 -27.19
C LEU D 189 8.40 1.67 -28.32
N GLU D 190 9.73 1.58 -28.43
CA GLU D 190 10.34 0.82 -29.52
C GLU D 190 10.68 -0.57 -29.09
N ARG D 191 10.31 -0.95 -27.88
CA ARG D 191 10.76 -2.22 -27.35
C ARG D 191 9.58 -3.15 -27.07
N GLU D 192 9.89 -4.38 -26.66
CA GLU D 192 8.87 -5.36 -26.36
C GLU D 192 9.11 -5.82 -24.94
N GLU D 193 9.58 -4.90 -24.11
CA GLU D 193 9.90 -5.18 -22.73
C GLU D 193 8.72 -5.81 -21.99
N PHE D 194 7.56 -5.17 -22.10
CA PHE D 194 6.40 -5.54 -21.25
C PHE D 194 5.34 -6.28 -22.05
N GLU D 195 4.90 -7.42 -21.53
CA GLU D 195 3.77 -8.14 -22.10
C GLU D 195 2.45 -7.40 -21.82
N ASN D 196 2.30 -6.79 -20.64
CA ASN D 196 1.08 -6.05 -20.34
C ASN D 196 1.24 -4.57 -20.69
N PRO D 197 0.31 -4.00 -21.51
CA PRO D 197 0.45 -2.57 -21.88
C PRO D 197 0.33 -1.56 -20.71
N TYR D 198 -0.42 -1.90 -19.64
CA TYR D 198 -0.38 -1.02 -18.46
C TYR D 198 0.94 -1.08 -17.68
N ALA D 199 1.61 -2.22 -17.70
CA ALA D 199 2.96 -2.28 -17.14
C ALA D 199 3.83 -1.33 -17.91
N MET D 200 3.72 -1.37 -19.23
CA MET D 200 4.48 -0.42 -20.02
C MET D 200 4.23 1.03 -19.65
N VAL D 201 2.96 1.46 -19.59
CA VAL D 201 2.67 2.88 -19.37
C VAL D 201 3.00 3.29 -17.94
N LYS D 202 2.96 2.34 -17.01
CA LYS D 202 3.42 2.63 -15.64
C LYS D 202 4.95 2.81 -15.63
N ALA D 203 5.64 1.98 -16.38
CA ALA D 203 7.07 2.16 -16.51
C ALA D 203 7.42 3.51 -17.21
N MET D 204 6.60 3.94 -18.18
CA MET D 204 6.84 5.20 -18.90
C MET D 204 6.65 6.38 -17.95
N ALA D 205 5.57 6.34 -17.17
CA ALA D 205 5.34 7.32 -16.12
C ALA D 205 6.52 7.34 -15.11
N ALA D 206 7.05 6.18 -14.73
CA ALA D 206 8.17 6.14 -13.79
C ALA D 206 9.39 6.86 -14.38
N LEU D 207 9.71 6.54 -15.65
CA LEU D 207 10.79 7.22 -16.35
C LEU D 207 10.58 8.72 -16.57
N GLU D 208 9.34 9.14 -16.82
CA GLU D 208 9.04 10.55 -16.97
C GLU D 208 9.31 11.24 -15.62
N ILE D 209 8.85 10.65 -14.52
CA ILE D 209 9.03 11.29 -13.20
C ILE D 209 10.53 11.38 -12.87
N ALA D 210 11.27 10.31 -13.14
CA ALA D 210 12.69 10.26 -12.82
C ALA D 210 13.39 11.35 -13.65
N GLU D 211 13.03 11.46 -14.91
CA GLU D 211 13.61 12.51 -15.72
C GLU D 211 13.28 13.92 -15.18
N ASN D 212 12.04 14.13 -14.77
CA ASN D 212 11.62 15.38 -14.13
C ASN D 212 12.36 15.70 -12.81
N VAL D 213 12.81 14.68 -12.09
CA VAL D 213 13.60 14.88 -10.88
C VAL D 213 14.84 15.80 -11.08
N ALA D 214 15.53 15.61 -12.20
CA ALA D 214 16.70 16.39 -12.52
C ALA D 214 16.47 17.92 -12.40
N ASP D 215 15.41 18.39 -13.02
CA ASP D 215 15.13 19.83 -13.04
C ASP D 215 14.93 20.36 -11.61
N VAL D 216 14.19 19.60 -10.80
CA VAL D 216 13.95 19.98 -9.40
C VAL D 216 15.30 20.03 -8.61
N SER D 217 16.11 18.97 -8.69
CA SER D 217 17.45 18.99 -8.09
C SER D 217 18.30 20.19 -8.57
N VAL D 218 18.30 20.40 -9.87
CA VAL D 218 19.08 21.52 -10.46
C VAL D 218 18.58 22.87 -9.94
N GLU D 219 17.27 23.03 -9.85
CA GLU D 219 16.76 24.24 -9.23
C GLU D 219 17.22 24.39 -7.79
N GLY D 220 17.11 23.32 -7.00
CA GLY D 220 17.47 23.44 -5.61
C GLY D 220 18.96 23.57 -5.36
N CYS D 221 19.80 22.97 -6.21
CA CYS D 221 21.27 23.04 -6.02
C CYS D 221 21.95 24.26 -6.64
N PHE D 222 21.44 24.70 -7.79
CA PHE D 222 22.19 25.67 -8.63
C PHE D 222 21.46 27.00 -8.84
N VAL D 223 20.19 27.08 -8.46
CA VAL D 223 19.41 28.29 -8.74
C VAL D 223 18.91 28.95 -7.45
N GLU D 224 18.13 28.22 -6.67
CA GLU D 224 17.59 28.75 -5.43
C GLU D 224 18.72 28.96 -4.43
N GLN D 225 18.83 30.15 -3.85
CA GLN D 225 19.90 30.43 -2.91
C GLN D 225 19.46 30.53 -1.44
N ASP D 226 18.16 30.56 -1.20
CA ASP D 226 17.60 30.67 0.15
C ASP D 226 17.33 29.25 0.74
N LYS D 227 18.04 28.87 1.79
CA LYS D 227 17.95 27.51 2.26
C LYS D 227 16.55 27.14 2.78
N GLU D 228 15.79 28.14 3.22
CA GLU D 228 14.38 27.93 3.55
C GLU D 228 13.55 27.52 2.36
N ARG D 229 14.06 27.76 1.16
CA ARG D 229 13.40 27.29 -0.03
C ARG D 229 14.11 26.08 -0.61
N TYR D 230 15.44 26.14 -0.70
CA TYR D 230 16.12 25.03 -1.37
C TYR D 230 16.12 23.69 -0.60
N VAL D 231 16.05 23.70 0.72
CA VAL D 231 16.02 22.42 1.43
C VAL D 231 14.72 21.63 1.07
N PRO D 232 13.55 22.27 1.21
CA PRO D 232 12.33 21.56 0.81
C PRO D 232 12.38 21.20 -0.69
N ILE D 233 12.90 22.09 -1.54
CA ILE D 233 12.94 21.81 -2.97
C ILE D 233 13.69 20.50 -3.24
N VAL D 234 14.91 20.36 -2.75
CA VAL D 234 15.66 19.14 -3.01
C VAL D 234 15.05 17.91 -2.34
N ALA D 235 14.44 18.08 -1.16
CA ALA D 235 13.70 16.96 -0.54
C ALA D 235 12.50 16.48 -1.35
N SER D 236 11.80 17.42 -1.99
CA SER D 236 10.71 17.07 -2.91
C SER D 236 11.18 16.26 -4.13
N ALA D 237 12.41 16.51 -4.59
CA ALA D 237 12.95 15.70 -5.69
C ALA D 237 13.12 14.25 -5.28
N HIS D 238 13.54 14.01 -4.04
CA HIS D 238 13.65 12.65 -3.54
C HIS D 238 12.28 11.97 -3.33
N GLU D 239 11.28 12.71 -2.85
CA GLU D 239 9.92 12.13 -2.77
C GLU D 239 9.43 11.72 -4.18
N MET D 240 9.74 12.52 -5.20
CA MET D 240 9.44 12.11 -6.56
C MET D 240 10.08 10.80 -6.97
N MET D 241 11.37 10.65 -6.71
CA MET D 241 12.03 9.44 -7.13
C MET D 241 11.54 8.18 -6.36
N ARG D 242 11.18 8.35 -5.11
CA ARG D 242 10.59 7.25 -4.37
C ARG D 242 9.27 6.78 -5.04
N LYS D 243 8.47 7.71 -5.57
CA LYS D 243 7.24 7.30 -6.19
C LYS D 243 7.52 6.72 -7.61
N ALA D 244 8.42 7.32 -8.40
CA ALA D 244 8.91 6.61 -9.59
C ALA D 244 9.28 5.12 -9.32
N ALA D 245 10.01 4.85 -8.26
CA ALA D 245 10.37 3.46 -7.91
C ALA D 245 9.11 2.60 -7.64
N GLU D 246 8.13 3.15 -6.93
CA GLU D 246 6.87 2.40 -6.71
C GLU D 246 6.15 2.04 -8.01
N LEU D 247 6.12 2.99 -8.95
CA LEU D 247 5.53 2.75 -10.25
C LEU D 247 6.28 1.68 -10.97
N ALA D 248 7.60 1.73 -10.91
CA ALA D 248 8.36 0.72 -11.62
C ALA D 248 8.01 -0.64 -10.98
N ASP D 249 7.90 -0.68 -9.66
CA ASP D 249 7.60 -1.93 -8.93
C ASP D 249 6.24 -2.48 -9.37
N GLU D 250 5.27 -1.58 -9.44
CA GLU D 250 3.90 -1.91 -9.80
C GLU D 250 3.85 -2.47 -11.24
N ALA D 251 4.61 -1.88 -12.18
CA ALA D 251 4.78 -2.49 -13.50
C ALA D 251 5.31 -3.93 -13.46
N ARG D 252 6.33 -4.17 -12.64
CA ARG D 252 6.89 -5.48 -12.61
C ARG D 252 5.89 -6.49 -11.99
N GLU D 253 5.12 -6.07 -10.98
CA GLU D 253 4.12 -6.96 -10.34
C GLU D 253 3.04 -7.33 -11.37
N LEU D 254 2.65 -6.37 -12.20
CA LEU D 254 1.76 -6.70 -13.31
C LEU D 254 2.33 -7.84 -14.16
N GLU D 255 3.59 -7.72 -14.59
CA GLU D 255 4.16 -8.80 -15.36
C GLU D 255 4.11 -10.11 -14.59
N LYS D 256 4.35 -10.07 -13.29
CA LYS D 256 4.27 -11.30 -12.48
C LYS D 256 2.84 -11.86 -12.58
N SER D 257 1.83 -10.98 -12.52
CA SER D 257 0.45 -11.47 -12.51
C SER D 257 0.09 -12.23 -13.78
N ASN D 258 0.84 -11.98 -14.86
CA ASN D 258 0.64 -12.74 -16.08
C ASN D 258 1.73 -13.80 -16.36
N ASP D 259 2.59 -14.07 -15.39
CA ASP D 259 3.73 -14.97 -15.61
C ASP D 259 4.45 -14.64 -16.88
N ALA D 260 4.81 -13.37 -17.02
CA ALA D 260 5.36 -12.86 -18.28
C ALA D 260 6.57 -11.95 -18.04
N VAL D 261 7.27 -12.13 -16.92
CA VAL D 261 8.43 -11.31 -16.62
C VAL D 261 9.57 -11.70 -17.55
N LEU D 262 9.99 -10.77 -18.42
CA LEU D 262 11.11 -10.99 -19.33
C LEU D 262 12.42 -11.22 -18.54
N ARG D 263 13.15 -12.28 -18.84
CA ARG D 263 14.49 -12.42 -18.30
C ARG D 263 15.42 -12.76 -19.45
N THR D 264 16.57 -12.09 -19.50
CA THR D 264 17.56 -12.34 -20.55
C THR D 264 18.93 -12.53 -19.90
N PRO D 265 19.20 -13.70 -19.35
CA PRO D 265 20.50 -13.97 -18.72
C PRO D 265 21.57 -14.32 -19.74
N HIS D 266 22.84 -14.19 -19.37
CA HIS D 266 23.94 -14.72 -20.19
C HIS D 266 24.20 -16.19 -19.94
N ALA D 267 24.55 -16.91 -21.00
CA ALA D 267 25.13 -18.25 -20.93
C ALA D 267 26.63 -18.08 -20.70
N PRO D 268 27.32 -19.15 -20.27
CA PRO D 268 28.76 -19.09 -20.01
C PRO D 268 29.58 -18.61 -21.20
N ASP D 269 29.07 -18.87 -22.40
CA ASP D 269 29.78 -18.46 -23.58
C ASP D 269 29.38 -17.05 -24.03
N GLY D 270 28.65 -16.33 -23.16
CA GLY D 270 28.32 -14.93 -23.38
C GLY D 270 27.03 -14.68 -24.14
N LYS D 271 26.48 -15.74 -24.71
CA LYS D 271 25.23 -15.64 -25.48
C LYS D 271 24.10 -15.16 -24.56
N VAL D 272 23.26 -14.28 -25.06
CA VAL D 272 22.16 -13.73 -24.28
C VAL D 272 20.92 -14.58 -24.53
N LEU D 273 20.39 -15.17 -23.46
CA LEU D 273 19.22 -16.02 -23.53
C LEU D 273 17.94 -15.25 -23.24
N SER D 274 16.80 -15.91 -23.43
CA SER D 274 15.53 -15.23 -23.22
C SER D 274 14.44 -16.18 -22.72
N LYS D 275 13.56 -15.63 -21.88
CA LYS D 275 12.40 -16.37 -21.39
C LYS D 275 11.34 -15.40 -20.83
N ARG D 276 10.11 -15.89 -20.72
CA ARG D 276 9.01 -15.16 -20.07
C ARG D 276 8.40 -15.95 -18.86
N LYS D 277 8.05 -17.20 -19.12
CA LYS D 277 7.41 -17.96 -18.08
C LYS D 277 8.38 -18.38 -16.97
N PHE D 278 7.91 -18.28 -15.73
CA PHE D 278 8.78 -18.50 -14.60
C PHE D 278 9.49 -19.86 -14.71
N MET D 279 8.76 -20.91 -15.07
CA MET D 279 9.35 -22.26 -15.11
C MET D 279 10.05 -22.64 -16.41
N GLU D 280 10.06 -21.74 -17.38
CA GLU D 280 10.61 -22.04 -18.69
C GLU D 280 12.14 -21.78 -18.71
N ASP D 281 12.91 -22.79 -19.12
CA ASP D 281 14.34 -22.59 -19.32
C ASP D 281 14.59 -21.42 -20.28
N PRO D 282 15.59 -20.60 -19.96
CA PRO D 282 15.94 -19.48 -20.86
C PRO D 282 16.70 -19.98 -22.10
N GLU D 283 16.37 -19.46 -23.28
CA GLU D 283 16.99 -19.99 -24.49
C GLU D 283 17.34 -18.93 -25.53
N THR E 2 -22.04 -43.42 7.27
CA THR E 2 -21.60 -43.52 8.71
C THR E 2 -21.10 -42.18 9.19
N VAL E 3 -21.00 -42.04 10.52
CA VAL E 3 -20.55 -40.77 11.07
C VAL E 3 -19.24 -40.95 11.83
N ALA E 4 -18.17 -40.35 11.31
CA ALA E 4 -16.89 -40.33 12.02
C ALA E 4 -16.93 -39.36 13.21
N LYS E 5 -16.36 -39.80 14.33
CA LYS E 5 -16.35 -39.00 15.52
C LYS E 5 -14.91 -38.80 16.03
N ALA E 6 -14.64 -37.61 16.51
CA ALA E 6 -13.32 -37.32 17.03
C ALA E 6 -13.39 -36.33 18.21
N ILE E 7 -12.41 -36.37 19.09
CA ILE E 7 -12.36 -35.38 20.14
C ILE E 7 -11.06 -34.61 19.92
N PHE E 8 -11.14 -33.28 19.92
CA PHE E 8 -9.97 -32.42 19.92
C PHE E 8 -9.62 -31.90 21.34
N ILE E 9 -8.33 -31.94 21.68
CA ILE E 9 -7.83 -31.45 22.98
C ILE E 9 -6.88 -30.26 22.74
N LYS E 10 -7.18 -29.15 23.40
CA LYS E 10 -6.46 -27.89 23.07
C LYS E 10 -5.93 -27.35 24.36
N CYS E 11 -4.62 -27.32 24.48
CA CYS E 11 -3.97 -26.80 25.70
C CYS E 11 -2.90 -25.86 25.14
N GLY E 12 -2.85 -24.61 25.59
CA GLY E 12 -1.90 -23.68 24.97
C GLY E 12 -2.56 -23.24 23.67
N ASN E 13 -1.88 -22.42 22.87
CA ASN E 13 -2.40 -22.04 21.58
C ASN E 13 -1.36 -22.02 20.48
N LEU E 14 -1.80 -22.52 19.32
CA LEU E 14 -1.11 -22.43 18.05
C LEU E 14 -2.17 -22.01 17.01
N GLY E 15 -1.74 -21.38 15.93
CA GLY E 15 -2.67 -21.03 14.88
C GLY E 15 -3.35 -22.29 14.36
N THR E 16 -2.59 -23.36 14.21
CA THR E 16 -3.16 -24.59 13.66
C THR E 16 -4.12 -25.28 14.64
N SER E 17 -3.80 -25.25 15.92
CA SER E 17 -4.67 -25.98 16.85
C SER E 17 -5.89 -25.14 17.08
N MET E 18 -5.79 -23.84 16.84
CA MET E 18 -6.94 -23.01 17.09
C MET E 18 -8.02 -23.28 16.03
N MET E 19 -7.59 -23.64 14.83
CA MET E 19 -8.48 -23.75 13.67
C MET E 19 -8.74 -25.18 13.19
N MET E 20 -7.97 -26.14 13.67
CA MET E 20 -8.00 -27.50 13.13
C MET E 20 -9.40 -28.10 12.97
N ASP E 21 -10.20 -28.08 14.04
CA ASP E 21 -11.54 -28.68 13.91
C ASP E 21 -12.42 -27.97 12.90
N MET E 22 -12.38 -26.64 12.88
CA MET E 22 -13.24 -25.84 11.97
C MET E 22 -12.91 -25.97 10.49
N LEU E 23 -11.65 -26.25 10.17
CA LEU E 23 -11.26 -26.46 8.80
C LEU E 23 -11.93 -27.68 8.22
N LEU E 24 -12.57 -28.49 9.06
CA LEU E 24 -13.13 -29.74 8.59
C LEU E 24 -14.64 -29.66 8.39
N ASP E 25 -15.27 -28.55 8.77
CA ASP E 25 -16.73 -28.42 8.63
C ASP E 25 -17.10 -26.93 8.48
N GLU E 26 -16.57 -26.31 7.44
CA GLU E 26 -16.55 -24.86 7.34
C GLU E 26 -17.91 -24.15 7.32
N ARG E 27 -18.98 -24.87 6.98
CA ARG E 27 -20.34 -24.29 7.01
C ARG E 27 -21.19 -25.13 8.00
N ALA E 28 -20.57 -26.05 8.72
CA ALA E 28 -21.33 -26.88 9.68
C ALA E 28 -22.43 -27.71 9.00
N ASP E 29 -22.35 -27.94 7.69
CA ASP E 29 -23.33 -28.81 7.05
C ASP E 29 -22.92 -30.28 6.84
N ARG E 30 -21.72 -30.68 7.25
CA ARG E 30 -21.37 -32.09 7.08
C ARG E 30 -22.19 -32.98 8.01
N GLU E 31 -22.80 -34.04 7.46
CA GLU E 31 -23.59 -35.01 8.22
C GLU E 31 -22.76 -36.25 8.49
N ASP E 32 -21.50 -36.24 8.08
CA ASP E 32 -20.65 -37.43 8.24
C ASP E 32 -19.63 -37.35 9.39
N VAL E 33 -19.63 -36.27 10.15
CA VAL E 33 -18.69 -36.12 11.29
C VAL E 33 -19.38 -35.53 12.50
N GLU E 34 -18.79 -35.73 13.65
CA GLU E 34 -19.32 -35.13 14.87
C GLU E 34 -18.16 -35.04 15.85
N PHE E 35 -17.97 -33.84 16.40
CA PHE E 35 -16.77 -33.55 17.16
C PHE E 35 -17.11 -33.09 18.56
N ARG E 36 -16.18 -33.36 19.47
CA ARG E 36 -16.14 -32.75 20.82
C ARG E 36 -14.81 -32.02 20.96
N VAL E 37 -14.84 -30.86 21.61
CA VAL E 37 -13.61 -30.13 21.84
C VAL E 37 -13.46 -29.85 23.32
N VAL E 38 -12.28 -30.13 23.86
CA VAL E 38 -12.05 -29.86 25.26
C VAL E 38 -10.64 -29.35 25.44
N GLY E 39 -10.47 -28.61 26.52
CA GLY E 39 -9.17 -28.05 26.81
C GLY E 39 -9.17 -27.30 28.11
N THR E 40 -7.97 -26.80 28.43
CA THR E 40 -7.73 -26.01 29.66
C THR E 40 -7.26 -24.61 29.16
N SER E 41 -7.79 -24.14 28.06
CA SER E 41 -7.39 -22.82 27.57
C SER E 41 -5.87 -22.72 27.29
N VAL E 42 -5.25 -21.58 27.59
CA VAL E 42 -3.83 -21.35 27.34
C VAL E 42 -2.84 -22.15 28.25
N LYS E 43 -3.30 -22.72 29.36
CA LYS E 43 -2.38 -23.37 30.29
C LYS E 43 -2.05 -24.79 29.83
N MET E 44 -0.76 -25.11 29.81
CA MET E 44 -0.28 -26.40 29.28
C MET E 44 0.83 -27.08 30.13
N ASP E 45 0.90 -26.74 31.40
CA ASP E 45 1.78 -27.49 32.29
C ASP E 45 1.22 -28.92 32.45
N PRO E 46 2.02 -29.84 33.04
CA PRO E 46 1.60 -31.23 33.24
C PRO E 46 0.21 -31.50 33.86
N GLU E 47 -0.14 -30.81 34.95
CA GLU E 47 -1.47 -31.06 35.57
C GLU E 47 -2.67 -30.55 34.76
N CYS E 48 -2.55 -29.39 34.08
CA CYS E 48 -3.62 -28.95 33.19
C CYS E 48 -3.79 -29.95 32.08
N VAL E 49 -2.68 -30.39 31.48
CA VAL E 49 -2.79 -31.24 30.28
C VAL E 49 -3.44 -32.58 30.69
N GLU E 50 -3.11 -33.03 31.88
CA GLU E 50 -3.60 -34.33 32.32
C GLU E 50 -5.10 -34.18 32.51
N ALA E 51 -5.49 -33.01 33.01
CA ALA E 51 -6.88 -32.79 33.30
C ALA E 51 -7.59 -32.66 31.94
N ALA E 52 -6.94 -32.07 30.97
CA ALA E 52 -7.57 -31.93 29.67
C ALA E 52 -7.78 -33.29 29.04
N VAL E 53 -6.73 -34.11 29.08
CA VAL E 53 -6.82 -35.42 28.48
C VAL E 53 -7.89 -36.30 29.18
N GLU E 54 -8.02 -36.15 30.50
CA GLU E 54 -8.98 -36.96 31.25
C GLU E 54 -10.40 -36.55 30.90
N MET E 55 -10.60 -35.26 30.66
CA MET E 55 -11.88 -34.75 30.18
C MET E 55 -12.26 -35.50 28.91
N ALA E 56 -11.32 -35.54 27.97
CA ALA E 56 -11.51 -36.25 26.71
C ALA E 56 -11.80 -37.75 26.96
N LEU E 57 -10.92 -38.41 27.69
CA LEU E 57 -11.18 -39.83 28.06
C LEU E 57 -12.55 -40.07 28.74
N ASP E 58 -12.94 -39.21 29.68
CA ASP E 58 -14.25 -39.36 30.33
C ASP E 58 -15.38 -39.30 29.31
N ILE E 59 -15.31 -38.30 28.44
CA ILE E 59 -16.32 -38.13 27.41
C ILE E 59 -16.27 -39.30 26.43
N ALA E 60 -15.07 -39.82 26.19
CA ALA E 60 -14.85 -40.83 25.15
C ALA E 60 -15.56 -42.12 25.47
N GLU E 61 -15.78 -42.39 26.76
CA GLU E 61 -16.46 -43.62 27.17
C GLU E 61 -17.81 -43.71 26.46
N ASP E 62 -18.60 -42.64 26.51
CA ASP E 62 -19.93 -42.59 25.87
C ASP E 62 -19.87 -42.10 24.42
N PHE E 63 -18.96 -41.18 24.13
CA PHE E 63 -18.87 -40.65 22.79
C PHE E 63 -18.30 -41.67 21.81
N GLU E 64 -17.33 -42.45 22.25
CA GLU E 64 -16.72 -43.44 21.36
C GLU E 64 -16.13 -42.82 20.09
N PRO E 65 -15.12 -41.94 20.25
CA PRO E 65 -14.52 -41.35 19.05
C PRO E 65 -13.69 -42.39 18.30
N ASP E 66 -13.53 -42.19 17.00
CA ASP E 66 -12.65 -43.03 16.18
C ASP E 66 -11.19 -42.61 16.37
N PHE E 67 -10.96 -41.32 16.64
CA PHE E 67 -9.61 -40.85 16.97
C PHE E 67 -9.61 -39.63 17.89
N ILE E 68 -8.49 -39.39 18.58
CA ILE E 68 -8.34 -38.18 19.37
C ILE E 68 -7.19 -37.30 18.83
N VAL E 69 -7.40 -35.99 18.80
CA VAL E 69 -6.36 -35.05 18.39
C VAL E 69 -5.91 -34.21 19.61
N TYR E 70 -4.61 -34.16 19.89
CA TYR E 70 -4.07 -33.19 20.86
C TYR E 70 -3.33 -32.06 20.09
N GLY E 71 -3.72 -30.81 20.33
CA GLY E 71 -3.11 -29.64 19.64
C GLY E 71 -2.58 -28.63 20.64
N GLY E 72 -1.36 -28.16 20.40
CA GLY E 72 -0.82 -27.05 21.18
C GLY E 72 0.66 -26.92 20.94
N PRO E 73 1.29 -25.91 21.57
CA PRO E 73 2.75 -25.68 21.35
C PRO E 73 3.57 -26.86 21.87
N ASN E 74 4.73 -27.07 21.26
CA ASN E 74 5.84 -27.89 21.74
C ASN E 74 5.53 -29.28 22.31
N PRO E 75 5.20 -30.23 21.42
CA PRO E 75 5.04 -31.63 21.82
C PRO E 75 6.15 -32.20 22.73
N ALA E 76 7.34 -31.61 22.69
CA ALA E 76 8.43 -32.08 23.59
C ALA E 76 8.37 -31.47 24.99
N ALA E 77 7.57 -30.44 25.21
CA ALA E 77 7.41 -29.84 26.56
C ALA E 77 6.78 -30.85 27.54
N PRO E 78 6.94 -30.66 28.88
CA PRO E 78 6.50 -31.69 29.83
C PRO E 78 5.00 -31.96 29.79
N GLY E 79 4.19 -30.94 29.58
CA GLY E 79 2.75 -31.15 29.58
C GLY E 79 2.33 -31.85 28.28
N PRO E 80 2.69 -31.27 27.13
CA PRO E 80 2.43 -32.07 25.91
C PRO E 80 2.98 -33.54 26.03
N SER E 81 4.07 -33.74 26.76
CA SER E 81 4.69 -35.05 26.77
C SER E 81 3.81 -36.00 27.62
N LYS E 82 3.15 -35.44 28.62
CA LYS E 82 2.24 -36.21 29.43
C LYS E 82 1.03 -36.63 28.57
N ALA E 83 0.53 -35.70 27.79
CA ALA E 83 -0.53 -35.99 26.79
C ALA E 83 -0.21 -37.16 25.86
N ARG E 84 0.98 -37.14 25.30
CA ARG E 84 1.43 -38.21 24.41
C ARG E 84 1.46 -39.53 25.15
N GLU E 85 1.87 -39.49 26.42
CA GLU E 85 1.95 -40.72 27.19
C GLU E 85 0.56 -41.30 27.44
N MET E 86 -0.37 -40.45 27.87
CA MET E 86 -1.73 -40.92 28.11
C MET E 86 -2.38 -41.35 26.79
N LEU E 87 -2.14 -40.62 25.74
CA LEU E 87 -2.80 -40.97 24.48
C LEU E 87 -2.20 -42.23 23.86
N ALA E 88 -0.88 -42.35 23.94
CA ALA E 88 -0.19 -43.50 23.41
C ALA E 88 -0.68 -44.76 24.16
N ASP E 89 -0.92 -44.64 25.46
CA ASP E 89 -1.36 -45.77 26.28
C ASP E 89 -2.84 -46.07 26.16
N SER E 90 -3.64 -45.10 25.75
CA SER E 90 -5.09 -45.30 25.65
C SER E 90 -5.40 -46.27 24.53
N GLU E 91 -6.66 -46.64 24.38
CA GLU E 91 -7.10 -47.46 23.25
C GLU E 91 -7.31 -46.67 21.94
N TYR E 92 -7.29 -45.35 22.01
CA TYR E 92 -7.76 -44.57 20.88
C TYR E 92 -6.61 -44.14 19.94
N PRO E 93 -6.81 -44.27 18.63
CA PRO E 93 -5.78 -43.72 17.77
C PRO E 93 -5.70 -42.23 18.08
N ALA E 94 -4.48 -41.67 18.05
CA ALA E 94 -4.34 -40.24 18.36
C ALA E 94 -3.38 -39.46 17.42
N VAL E 95 -3.66 -38.17 17.19
CA VAL E 95 -2.78 -37.34 16.37
C VAL E 95 -2.29 -36.16 17.22
N ILE E 96 -1.02 -35.80 17.07
CA ILE E 96 -0.48 -34.66 17.80
C ILE E 96 -0.25 -33.48 16.88
N ILE E 97 -0.84 -32.33 17.20
CA ILE E 97 -0.69 -31.13 16.35
C ILE E 97 0.30 -30.24 17.05
N GLY E 98 1.39 -29.89 16.35
CA GLY E 98 2.48 -29.18 17.00
C GLY E 98 3.24 -28.23 16.08
N ASP E 99 4.31 -27.67 16.62
CA ASP E 99 5.16 -26.66 15.98
C ASP E 99 6.56 -27.25 15.80
N ALA E 100 7.54 -26.43 15.45
CA ALA E 100 8.88 -26.92 15.06
C ALA E 100 9.59 -27.58 16.22
N PRO E 101 9.36 -27.09 17.44
CA PRO E 101 10.03 -27.77 18.56
C PRO E 101 9.59 -29.23 18.70
N GLY E 102 8.42 -29.57 18.15
CA GLY E 102 7.99 -30.97 18.14
C GLY E 102 8.94 -31.91 17.39
N LEU E 103 9.79 -31.36 16.53
CA LEU E 103 10.74 -32.19 15.78
C LEU E 103 11.68 -33.01 16.68
N LYS E 104 11.92 -32.54 17.90
CA LYS E 104 12.84 -33.20 18.79
C LYS E 104 12.29 -34.54 19.30
N VAL E 105 10.97 -34.70 19.26
CA VAL E 105 10.35 -35.92 19.71
C VAL E 105 9.59 -36.63 18.60
N LYS E 106 9.95 -36.33 17.36
CA LYS E 106 9.36 -36.97 16.19
C LYS E 106 9.49 -38.50 16.25
N ASP E 107 10.73 -38.98 16.37
CA ASP E 107 10.97 -40.43 16.43
C ASP E 107 10.23 -41.06 17.59
N GLU E 108 10.22 -40.36 18.71
CA GLU E 108 9.54 -40.85 19.89
C GLU E 108 8.06 -41.01 19.58
N MET E 109 7.46 -39.99 19.02
CA MET E 109 6.05 -40.08 18.66
C MET E 109 5.71 -41.33 17.82
N GLU E 110 6.46 -41.58 16.75
CA GLU E 110 6.30 -42.78 15.93
C GLU E 110 6.43 -44.05 16.77
N GLU E 111 7.40 -44.05 17.65
CA GLU E 111 7.60 -45.18 18.54
C GLU E 111 6.38 -45.36 19.46
N GLN E 112 5.82 -44.24 19.91
CA GLN E 112 4.60 -44.29 20.72
C GLN E 112 3.34 -44.72 19.94
N GLY E 113 3.41 -44.79 18.61
CA GLY E 113 2.26 -45.14 17.79
C GLY E 113 1.31 -43.97 17.49
N LEU E 114 1.80 -42.73 17.63
CA LEU E 114 0.96 -41.55 17.39
C LEU E 114 1.26 -40.98 16.05
N GLY E 115 0.27 -40.32 15.45
CA GLY E 115 0.47 -39.55 14.24
C GLY E 115 0.82 -38.15 14.71
N TYR E 116 1.20 -37.30 13.76
CA TYR E 116 1.50 -35.95 14.11
C TYR E 116 1.43 -35.05 12.89
N ILE E 117 1.16 -33.78 13.13
CA ILE E 117 1.29 -32.76 12.07
C ILE E 117 2.07 -31.63 12.70
N LEU E 118 3.32 -31.48 12.30
CA LEU E 118 4.15 -30.43 12.87
C LEU E 118 4.22 -29.29 11.88
N VAL E 119 3.79 -28.10 12.30
CA VAL E 119 3.75 -26.94 11.40
C VAL E 119 4.82 -25.94 11.78
N LYS E 120 5.95 -25.99 11.09
CA LYS E 120 7.08 -25.11 11.38
C LYS E 120 6.77 -23.62 11.29
N PRO E 121 6.01 -23.18 10.29
CA PRO E 121 5.58 -21.74 10.24
C PRO E 121 4.69 -21.34 11.45
N ASP E 122 4.17 -22.29 12.21
CA ASP E 122 3.34 -21.94 13.36
C ASP E 122 4.15 -21.50 14.60
N ALA E 123 4.63 -20.26 14.56
CA ALA E 123 5.73 -19.71 15.37
C ALA E 123 5.30 -19.15 16.71
N MET E 124 6.13 -19.33 17.72
CA MET E 124 5.86 -18.78 19.03
C MET E 124 5.85 -17.25 18.95
N LEU E 125 4.91 -16.58 19.62
CA LEU E 125 4.89 -15.09 19.61
C LEU E 125 5.79 -14.53 20.74
N GLY E 126 5.80 -13.20 20.91
CA GLY E 126 6.80 -12.48 21.70
C GLY E 126 6.33 -12.37 23.13
N ALA E 127 6.19 -13.51 23.80
CA ALA E 127 5.54 -13.55 25.09
C ALA E 127 6.34 -12.84 26.21
N ARG E 128 6.54 -11.51 26.12
CA ARG E 128 7.06 -10.79 27.31
C ARG E 128 6.00 -9.83 27.82
N ARG E 129 5.84 -9.75 29.15
CA ARG E 129 4.76 -8.90 29.69
C ARG E 129 4.79 -7.43 29.24
N GLU E 130 6.00 -6.89 29.03
CA GLU E 130 6.16 -5.47 28.60
C GLU E 130 5.61 -5.23 27.21
N PHE E 131 5.42 -6.31 26.46
CA PHE E 131 5.01 -6.15 25.03
C PHE E 131 3.70 -6.84 24.75
N LEU E 132 3.54 -8.08 25.24
CA LEU E 132 2.38 -8.88 24.84
C LEU E 132 1.24 -8.72 25.78
N ASP E 133 0.28 -7.85 25.50
CA ASP E 133 -1.02 -7.93 26.19
C ASP E 133 -2.06 -8.71 25.33
N PRO E 134 -3.32 -8.83 25.81
CA PRO E 134 -4.27 -9.66 25.05
C PRO E 134 -4.47 -9.16 23.61
N VAL E 135 -4.66 -7.87 23.43
CA VAL E 135 -4.79 -7.30 22.06
C VAL E 135 -3.62 -7.65 21.15
N GLU E 136 -2.39 -7.51 21.63
CA GLU E 136 -1.22 -7.78 20.78
C GLU E 136 -1.13 -9.29 20.44
N MET E 137 -1.56 -10.10 21.39
CA MET E 137 -1.62 -11.53 21.21
C MET E 137 -2.64 -11.91 20.14
N ALA E 138 -3.81 -11.26 20.17
CA ALA E 138 -4.82 -11.40 19.11
C ALA E 138 -4.35 -10.87 17.74
N ILE E 139 -3.64 -9.75 17.75
CA ILE E 139 -3.17 -9.20 16.48
C ILE E 139 -2.21 -10.18 15.84
N TYR E 140 -1.33 -10.73 16.64
CA TYR E 140 -0.38 -11.66 16.09
C TYR E 140 -1.10 -12.84 15.53
N ASN E 141 -2.04 -13.38 16.33
CA ASN E 141 -2.79 -14.53 15.93
C ASN E 141 -3.52 -14.23 14.60
N ALA E 142 -3.98 -13.00 14.41
CA ALA E 142 -4.64 -12.59 13.17
C ALA E 142 -3.71 -12.66 11.93
N ASP E 143 -2.46 -12.20 12.08
CA ASP E 143 -1.49 -12.25 11.00
C ASP E 143 -1.06 -13.72 10.77
N LEU E 144 -0.79 -14.46 11.84
CA LEU E 144 -0.45 -15.86 11.67
C LEU E 144 -1.55 -16.63 10.92
N MET E 145 -2.82 -16.41 11.29
CA MET E 145 -3.91 -17.14 10.69
C MET E 145 -4.00 -16.87 9.20
N LYS E 146 -3.85 -15.60 8.81
CA LYS E 146 -3.79 -15.19 7.46
C LYS E 146 -2.68 -15.90 6.68
N VAL E 147 -1.52 -15.99 7.29
CA VAL E 147 -0.37 -16.69 6.70
C VAL E 147 -0.74 -18.16 6.50
N LEU E 148 -1.15 -18.83 7.56
CA LEU E 148 -1.41 -20.26 7.40
C LEU E 148 -2.55 -20.55 6.40
N ALA E 149 -3.54 -19.67 6.35
CA ALA E 149 -4.67 -19.83 5.43
C ALA E 149 -4.28 -19.54 4.00
N ALA E 150 -3.82 -18.32 3.72
CA ALA E 150 -3.67 -17.94 2.33
C ALA E 150 -2.47 -18.59 1.66
N THR E 151 -1.51 -19.07 2.43
CA THR E 151 -0.39 -19.74 1.74
C THR E 151 -0.75 -21.18 1.32
N GLY E 152 -1.85 -21.67 1.86
CA GLY E 152 -2.23 -23.05 1.60
C GLY E 152 -2.08 -24.00 2.74
N VAL E 153 -1.37 -23.62 3.81
CA VAL E 153 -0.96 -24.58 4.83
C VAL E 153 -2.18 -25.24 5.46
N PHE E 154 -3.25 -24.49 5.65
CA PHE E 154 -4.45 -24.99 6.29
C PHE E 154 -5.11 -26.02 5.42
N ARG E 155 -4.96 -25.87 4.10
CA ARG E 155 -5.46 -26.88 3.18
C ARG E 155 -4.71 -28.20 3.32
N VAL E 156 -3.42 -28.15 3.63
CA VAL E 156 -2.66 -29.40 3.85
C VAL E 156 -3.20 -30.08 5.13
N VAL E 157 -3.39 -29.30 6.17
CA VAL E 157 -4.09 -29.79 7.34
C VAL E 157 -5.46 -30.41 7.03
N GLN E 158 -6.33 -29.64 6.39
CA GLN E 158 -7.67 -30.11 6.05
C GLN E 158 -7.63 -31.45 5.33
N GLU E 159 -6.77 -31.53 4.33
CA GLU E 159 -6.61 -32.77 3.58
C GLU E 159 -6.22 -33.94 4.48
N ALA E 160 -5.30 -33.70 5.40
CA ALA E 160 -4.79 -34.84 6.17
C ALA E 160 -5.93 -35.38 7.04
N PHE E 161 -6.66 -34.51 7.73
CA PHE E 161 -7.75 -34.96 8.56
C PHE E 161 -8.89 -35.59 7.73
N ASP E 162 -9.15 -35.04 6.57
CA ASP E 162 -10.19 -35.61 5.70
C ASP E 162 -9.87 -37.05 5.27
N GLU E 163 -8.60 -37.35 5.00
CA GLU E 163 -8.15 -38.70 4.66
C GLU E 163 -8.35 -39.65 5.85
N LEU E 164 -7.96 -39.16 7.01
CA LEU E 164 -8.09 -39.92 8.25
C LEU E 164 -9.55 -40.21 8.56
N ILE E 165 -10.40 -39.21 8.36
CA ILE E 165 -11.83 -39.35 8.58
C ILE E 165 -12.43 -40.42 7.68
N GLU E 166 -11.97 -40.50 6.44
CA GLU E 166 -12.39 -41.57 5.54
C GLU E 166 -11.99 -42.96 6.07
N LYS E 167 -10.83 -43.05 6.72
CA LYS E 167 -10.38 -44.33 7.27
C LYS E 167 -11.16 -44.66 8.53
N ALA E 168 -11.47 -43.63 9.29
CA ALA E 168 -12.36 -43.80 10.42
C ALA E 168 -13.68 -44.42 9.93
N LYS E 169 -14.12 -44.04 8.73
CA LYS E 169 -15.37 -44.58 8.21
C LYS E 169 -15.27 -46.01 7.65
N GLU E 170 -14.10 -46.36 7.12
CA GLU E 170 -13.80 -47.75 6.76
C GLU E 170 -13.63 -48.58 8.02
N ASP E 171 -13.66 -47.91 9.17
CA ASP E 171 -13.88 -48.57 10.46
C ASP E 171 -12.64 -49.17 11.14
N GLU E 172 -11.49 -49.13 10.47
CA GLU E 172 -10.24 -49.48 11.16
C GLU E 172 -9.21 -48.38 10.90
N ILE E 173 -8.59 -47.91 11.98
CA ILE E 173 -7.48 -46.97 11.83
C ILE E 173 -6.24 -47.63 12.41
N SER E 174 -5.36 -48.08 11.52
CA SER E 174 -4.08 -48.61 11.95
C SER E 174 -3.06 -47.49 12.08
N GLU E 175 -1.92 -47.78 12.69
CA GLU E 175 -0.90 -46.76 12.83
C GLU E 175 -0.46 -46.26 11.47
N ASN E 176 -0.59 -47.12 10.46
CA ASN E 176 -0.19 -46.79 9.10
C ASN E 176 -1.02 -45.69 8.45
N ASP E 177 -2.18 -45.39 9.04
CA ASP E 177 -3.10 -44.40 8.48
C ASP E 177 -2.87 -43.05 9.14
N LEU E 178 -2.26 -43.05 10.33
CA LEU E 178 -2.10 -41.80 11.08
C LEU E 178 -1.20 -40.79 10.36
N PRO E 179 -1.64 -39.54 10.19
CA PRO E 179 -0.75 -38.69 9.42
C PRO E 179 0.62 -38.50 10.08
N LYS E 180 1.66 -38.39 9.25
CA LYS E 180 2.99 -38.03 9.73
C LYS E 180 3.64 -36.90 8.92
N LEU E 181 3.21 -35.68 9.17
CA LEU E 181 3.55 -34.56 8.30
C LEU E 181 4.39 -33.53 9.00
N VAL E 182 5.41 -33.03 8.30
CA VAL E 182 6.16 -31.87 8.74
C VAL E 182 6.00 -30.81 7.66
N ILE E 183 5.38 -29.69 8.00
CA ILE E 183 5.03 -28.65 7.05
C ILE E 183 5.96 -27.42 7.18
N ASP E 184 6.41 -26.95 6.03
CA ASP E 184 7.22 -25.73 5.96
C ASP E 184 7.20 -25.15 4.58
N ARG E 185 7.93 -24.05 4.41
CA ARG E 185 7.98 -23.33 3.13
C ARG E 185 7.99 -24.29 1.94
N ASN E 186 8.85 -25.30 2.03
CA ASN E 186 9.06 -26.28 0.94
C ASN E 186 7.87 -27.21 0.63
N THR E 187 6.95 -27.33 1.58
CA THR E 187 5.73 -28.08 1.34
C THR E 187 4.98 -27.65 0.08
N LEU E 188 5.02 -26.35 -0.25
CA LEU E 188 4.30 -25.84 -1.40
C LEU E 188 4.86 -26.44 -2.68
N LEU E 189 6.12 -26.82 -2.66
CA LEU E 189 6.75 -27.28 -3.90
C LEU E 189 6.12 -28.59 -4.35
N GLU E 190 5.55 -29.36 -3.42
CA GLU E 190 4.94 -30.63 -3.82
C GLU E 190 3.46 -30.49 -4.16
N ARG E 191 2.94 -29.27 -4.14
CA ARG E 191 1.51 -29.08 -4.30
C ARG E 191 1.17 -28.26 -5.53
N GLU E 192 -0.12 -28.22 -5.85
CA GLU E 192 -0.62 -27.39 -6.94
C GLU E 192 -1.52 -26.29 -6.41
N GLU E 193 -1.21 -25.73 -5.26
CA GLU E 193 -2.06 -24.72 -4.67
C GLU E 193 -2.23 -23.49 -5.57
N PHE E 194 -1.13 -22.95 -6.08
CA PHE E 194 -1.19 -21.69 -6.83
C PHE E 194 -1.12 -21.89 -8.33
N GLU E 195 -2.09 -21.31 -9.03
CA GLU E 195 -2.05 -21.28 -10.50
C GLU E 195 -0.93 -20.39 -10.97
N ASN E 196 -0.68 -19.30 -10.26
CA ASN E 196 0.37 -18.35 -10.66
C ASN E 196 1.66 -18.68 -9.88
N PRO E 197 2.79 -18.86 -10.59
CA PRO E 197 4.04 -19.26 -9.94
C PRO E 197 4.61 -18.19 -9.00
N TYR E 198 4.38 -16.90 -9.32
CA TYR E 198 4.70 -15.87 -8.33
C TYR E 198 3.80 -15.89 -7.09
N ALA E 199 2.53 -16.26 -7.23
CA ALA E 199 1.76 -16.34 -6.02
C ALA E 199 2.44 -17.40 -5.15
N MET E 200 2.98 -18.45 -5.75
CA MET E 200 3.62 -19.53 -4.94
C MET E 200 4.89 -19.09 -4.23
N VAL E 201 5.73 -18.38 -4.94
CA VAL E 201 7.02 -18.00 -4.38
C VAL E 201 6.86 -16.92 -3.30
N LYS E 202 5.92 -15.98 -3.51
CA LYS E 202 5.44 -15.09 -2.43
C LYS E 202 4.87 -15.85 -1.26
N ALA E 203 3.98 -16.80 -1.54
CA ALA E 203 3.55 -17.70 -0.41
C ALA E 203 4.72 -18.40 0.34
N MET E 204 5.74 -18.83 -0.40
CA MET E 204 6.91 -19.51 0.20
C MET E 204 7.69 -18.57 1.11
N ALA E 205 7.86 -17.33 0.64
CA ALA E 205 8.58 -16.31 1.38
C ALA E 205 7.85 -16.01 2.72
N ALA E 206 6.52 -16.04 2.67
CA ALA E 206 5.73 -15.74 3.81
C ALA E 206 5.93 -16.88 4.81
N LEU E 207 5.94 -18.14 4.35
CA LEU E 207 6.19 -19.23 5.29
C LEU E 207 7.61 -19.21 5.81
N GLU E 208 8.54 -18.67 5.03
CA GLU E 208 9.91 -18.66 5.49
C GLU E 208 10.07 -17.60 6.59
N ILE E 209 9.53 -16.40 6.36
CA ILE E 209 9.54 -15.36 7.38
C ILE E 209 8.85 -15.83 8.68
N ALA E 210 7.67 -16.40 8.53
CA ALA E 210 6.96 -16.93 9.65
C ALA E 210 7.75 -18.00 10.47
N GLU E 211 8.41 -18.91 9.79
CA GLU E 211 9.22 -19.87 10.53
C GLU E 211 10.37 -19.11 11.21
N ASN E 212 10.93 -18.09 10.55
CA ASN E 212 12.04 -17.34 11.14
C ASN E 212 11.65 -16.60 12.43
N VAL E 213 10.37 -16.23 12.50
CA VAL E 213 9.81 -15.54 13.65
C VAL E 213 10.09 -16.36 14.89
N ALA E 214 9.97 -17.67 14.79
CA ALA E 214 10.17 -18.50 16.02
C ALA E 214 11.49 -18.22 16.72
N ASP E 215 12.57 -18.11 15.95
CA ASP E 215 13.90 -17.94 16.52
C ASP E 215 14.09 -16.59 17.23
N VAL E 216 13.50 -15.56 16.63
CA VAL E 216 13.53 -14.22 17.19
C VAL E 216 12.72 -14.26 18.51
N SER E 217 11.52 -14.84 18.46
CA SER E 217 10.74 -14.97 19.71
C SER E 217 11.50 -15.75 20.76
N VAL E 218 12.09 -16.88 20.39
CA VAL E 218 12.81 -17.67 21.40
C VAL E 218 13.99 -16.86 21.97
N GLU E 219 14.71 -16.14 21.11
CA GLU E 219 15.81 -15.33 21.61
C GLU E 219 15.31 -14.30 22.64
N GLY E 220 14.28 -13.55 22.26
CA GLY E 220 13.69 -12.55 23.13
C GLY E 220 13.03 -13.06 24.41
N CYS E 221 12.49 -14.28 24.38
CA CYS E 221 11.80 -14.80 25.56
C CYS E 221 12.67 -15.66 26.45
N PHE E 222 13.66 -16.35 25.87
CA PHE E 222 14.37 -17.38 26.67
C PHE E 222 15.86 -17.15 26.82
N VAL E 223 16.43 -16.26 26.03
CA VAL E 223 17.88 -16.06 26.02
C VAL E 223 18.27 -14.63 26.46
N GLU E 224 17.76 -13.62 25.79
CA GLU E 224 18.11 -12.25 26.20
C GLU E 224 17.49 -11.99 27.58
N GLN E 225 18.26 -11.41 28.50
CA GLN E 225 17.74 -11.14 29.84
C GLN E 225 17.59 -9.66 30.17
N ASP E 226 18.10 -8.78 29.32
CA ASP E 226 18.03 -7.33 29.47
C ASP E 226 16.80 -6.78 28.72
N LYS E 227 15.89 -6.16 29.45
CA LYS E 227 14.61 -5.85 28.88
C LYS E 227 14.75 -4.71 27.89
N GLU E 228 15.85 -3.97 28.00
CA GLU E 228 16.15 -2.95 27.04
C GLU E 228 16.49 -3.60 25.74
N ARG E 229 16.81 -4.89 25.78
CA ARG E 229 17.13 -5.58 24.55
C ARG E 229 15.95 -6.45 24.14
N TYR E 230 15.43 -7.20 25.10
CA TYR E 230 14.38 -8.17 24.78
C TYR E 230 13.02 -7.63 24.37
N VAL E 231 12.61 -6.49 24.91
CA VAL E 231 11.38 -5.83 24.41
C VAL E 231 11.46 -5.51 22.91
N PRO E 232 12.49 -4.77 22.49
CA PRO E 232 12.53 -4.56 21.04
C PRO E 232 12.68 -5.85 20.24
N ILE E 233 13.36 -6.85 20.78
CA ILE E 233 13.53 -8.11 20.05
C ILE E 233 12.19 -8.78 19.85
N VAL E 234 11.37 -8.90 20.89
CA VAL E 234 10.10 -9.58 20.66
C VAL E 234 9.21 -8.75 19.78
N ALA E 235 9.24 -7.43 19.93
CA ALA E 235 8.41 -6.57 19.06
C ALA E 235 8.81 -6.74 17.61
N SER E 236 10.10 -6.94 17.34
CA SER E 236 10.49 -7.08 15.91
C SER E 236 10.00 -8.38 15.25
N ALA E 237 9.81 -9.42 16.06
CA ALA E 237 9.23 -10.69 15.63
C ALA E 237 7.80 -10.48 15.15
N HIS E 238 7.04 -9.62 15.86
CA HIS E 238 5.68 -9.31 15.47
C HIS E 238 5.65 -8.52 14.15
N GLU E 239 6.62 -7.62 13.93
CA GLU E 239 6.63 -6.84 12.66
C GLU E 239 6.92 -7.74 11.46
N MET E 240 7.73 -8.77 11.69
CA MET E 240 8.01 -9.83 10.74
C MET E 240 6.75 -10.56 10.31
N MET E 241 6.06 -11.13 11.29
CA MET E 241 4.80 -11.86 11.06
C MET E 241 3.73 -11.02 10.33
N ARG E 242 3.69 -9.73 10.67
CA ARG E 242 2.80 -8.77 9.99
C ARG E 242 3.17 -8.71 8.52
N LYS E 243 4.47 -8.67 8.18
CA LYS E 243 4.83 -8.66 6.74
C LYS E 243 4.65 -9.99 6.04
N ALA E 244 4.89 -11.09 6.75
CA ALA E 244 4.47 -12.41 6.27
C ALA E 244 2.98 -12.40 5.87
N ALA E 245 2.11 -11.91 6.74
CA ALA E 245 0.69 -11.80 6.39
C ALA E 245 0.44 -11.02 5.09
N GLU E 246 1.16 -9.91 4.87
CA GLU E 246 1.02 -9.20 3.62
C GLU E 246 1.47 -9.97 2.42
N LEU E 247 2.61 -10.62 2.52
CA LEU E 247 3.05 -11.50 1.44
C LEU E 247 1.96 -12.51 1.07
N ALA E 248 1.33 -13.12 2.08
CA ALA E 248 0.29 -14.10 1.83
C ALA E 248 -0.95 -13.51 1.13
N ASP E 249 -1.32 -12.30 1.54
CA ASP E 249 -2.39 -11.52 0.91
C ASP E 249 -2.06 -11.22 -0.51
N GLU E 250 -0.84 -10.81 -0.77
CA GLU E 250 -0.39 -10.43 -2.12
C GLU E 250 -0.48 -11.68 -3.02
N ALA E 251 -0.15 -12.84 -2.47
CA ALA E 251 -0.22 -14.09 -3.22
C ALA E 251 -1.65 -14.38 -3.67
N ARG E 252 -2.57 -14.32 -2.71
CA ARG E 252 -3.97 -14.55 -2.96
C ARG E 252 -4.54 -13.50 -3.94
N GLU E 253 -4.20 -12.22 -3.79
CA GLU E 253 -4.63 -11.26 -4.84
C GLU E 253 -4.13 -11.64 -6.24
N LEU E 254 -2.96 -12.26 -6.33
CA LEU E 254 -2.52 -12.67 -7.66
C LEU E 254 -3.49 -13.72 -8.21
N GLU E 255 -3.89 -14.65 -7.36
CA GLU E 255 -4.82 -15.68 -7.79
C GLU E 255 -6.14 -15.05 -8.22
N LYS E 256 -6.58 -14.03 -7.49
CA LYS E 256 -7.78 -13.30 -7.90
C LYS E 256 -7.65 -12.75 -9.30
N SER E 257 -6.52 -12.12 -9.60
CA SER E 257 -6.32 -11.45 -10.90
C SER E 257 -6.44 -12.43 -12.06
N ASN E 258 -6.25 -13.72 -11.77
CA ASN E 258 -6.33 -14.71 -12.82
C ASN E 258 -7.60 -15.54 -12.71
N ASP E 259 -8.46 -15.15 -11.76
CA ASP E 259 -9.70 -15.88 -11.50
C ASP E 259 -9.37 -17.35 -11.25
N ALA E 260 -8.35 -17.60 -10.43
CA ALA E 260 -7.80 -18.91 -10.30
C ALA E 260 -7.67 -19.32 -8.83
N VAL E 261 -8.50 -18.75 -7.96
CA VAL E 261 -8.43 -19.06 -6.55
C VAL E 261 -9.00 -20.46 -6.33
N LEU E 262 -8.21 -21.37 -5.75
CA LEU E 262 -8.60 -22.74 -5.43
C LEU E 262 -9.55 -22.71 -4.24
N ARG E 263 -10.69 -23.38 -4.38
CA ARG E 263 -11.54 -23.59 -3.22
C ARG E 263 -11.91 -25.05 -3.16
N THR E 264 -11.76 -25.67 -1.99
CA THR E 264 -12.09 -27.06 -1.87
C THR E 264 -13.07 -27.21 -0.72
N PRO E 265 -14.35 -26.87 -0.98
CA PRO E 265 -15.33 -27.01 0.10
C PRO E 265 -15.82 -28.43 0.35
N HIS E 266 -16.43 -28.67 1.50
CA HIS E 266 -17.06 -29.98 1.68
C HIS E 266 -18.53 -30.02 1.21
N ALA E 267 -18.93 -31.16 0.65
CA ALA E 267 -20.35 -31.45 0.46
C ALA E 267 -20.92 -32.02 1.76
N PRO E 268 -22.26 -32.00 1.89
CA PRO E 268 -22.95 -32.49 3.08
C PRO E 268 -22.52 -33.89 3.51
N ASP E 269 -22.13 -34.72 2.54
CA ASP E 269 -21.75 -36.10 2.82
C ASP E 269 -20.24 -36.23 3.09
N GLY E 270 -19.57 -35.10 3.16
CA GLY E 270 -18.18 -35.08 3.61
C GLY E 270 -17.15 -35.13 2.50
N LYS E 271 -17.60 -35.38 1.29
CA LYS E 271 -16.77 -35.30 0.10
C LYS E 271 -16.20 -33.87 -0.15
N VAL E 272 -14.94 -33.83 -0.58
CA VAL E 272 -14.22 -32.59 -0.73
C VAL E 272 -14.26 -32.15 -2.18
N LEU E 273 -14.88 -30.99 -2.43
CA LEU E 273 -15.10 -30.59 -3.81
C LEU E 273 -13.95 -29.72 -4.24
N SER E 274 -14.00 -29.24 -5.47
CA SER E 274 -12.92 -28.41 -5.93
C SER E 274 -13.36 -27.45 -7.01
N LYS E 275 -12.72 -26.28 -7.05
CA LYS E 275 -12.92 -25.38 -8.20
C LYS E 275 -11.82 -24.34 -8.18
N ARG E 276 -11.80 -23.53 -9.24
CA ARG E 276 -10.85 -22.44 -9.47
C ARG E 276 -11.54 -21.16 -9.98
N LYS E 277 -12.45 -21.30 -10.92
CA LYS E 277 -13.18 -20.13 -11.43
C LYS E 277 -14.26 -19.64 -10.49
N PHE E 278 -14.33 -18.35 -10.26
CA PHE E 278 -15.26 -17.78 -9.27
C PHE E 278 -16.70 -18.27 -9.47
N MET E 279 -17.16 -18.28 -10.69
CA MET E 279 -18.54 -18.67 -11.02
C MET E 279 -18.73 -20.16 -11.22
N GLU E 280 -17.66 -20.94 -11.19
CA GLU E 280 -17.78 -22.35 -11.47
C GLU E 280 -18.28 -23.07 -10.19
N ASP E 281 -19.30 -23.92 -10.31
CA ASP E 281 -19.70 -24.79 -9.18
C ASP E 281 -18.53 -25.67 -8.77
N PRO E 282 -18.37 -25.88 -7.45
CA PRO E 282 -17.35 -26.82 -6.99
C PRO E 282 -17.80 -28.25 -7.26
N GLU E 283 -16.85 -29.13 -7.60
CA GLU E 283 -17.18 -30.51 -7.92
C GLU E 283 -16.09 -31.50 -7.62
N THR F 2 -29.32 15.79 -36.76
CA THR F 2 -30.09 16.56 -35.76
C THR F 2 -29.26 16.68 -34.47
N VAL F 3 -29.22 17.90 -33.93
CA VAL F 3 -28.54 18.20 -32.69
C VAL F 3 -29.55 18.21 -31.56
N ALA F 4 -29.38 17.30 -30.59
CA ALA F 4 -30.19 17.30 -29.38
C ALA F 4 -29.74 18.42 -28.43
N LYS F 5 -30.69 19.08 -27.78
CA LYS F 5 -30.40 20.15 -26.84
C LYS F 5 -30.98 19.88 -25.45
N ALA F 6 -30.25 20.27 -24.40
CA ALA F 6 -30.70 20.06 -23.02
C ALA F 6 -30.16 21.10 -22.07
N ILE F 7 -30.90 21.35 -21.00
CA ILE F 7 -30.41 22.25 -19.97
C ILE F 7 -30.27 21.47 -18.69
N PHE F 8 -29.12 21.62 -18.02
CA PHE F 8 -28.89 20.97 -16.74
C PHE F 8 -28.98 22.02 -15.65
N ILE F 9 -29.66 21.70 -14.55
CA ILE F 9 -29.80 22.62 -13.43
C ILE F 9 -29.19 21.98 -12.20
N LYS F 10 -28.21 22.67 -11.59
CA LYS F 10 -27.48 22.07 -10.45
C LYS F 10 -27.71 22.95 -9.22
N CYS F 11 -28.41 22.39 -8.24
CA CYS F 11 -28.56 23.11 -6.98
C CYS F 11 -28.10 22.17 -5.92
N GLY F 12 -27.19 22.63 -5.06
CA GLY F 12 -26.51 21.73 -4.10
C GLY F 12 -25.57 20.85 -4.92
N ASN F 13 -24.96 19.84 -4.32
CA ASN F 13 -23.97 19.04 -5.01
C ASN F 13 -24.04 17.56 -4.64
N LEU F 14 -23.98 16.74 -5.68
CA LEU F 14 -23.89 15.28 -5.56
C LEU F 14 -22.77 14.89 -6.50
N GLY F 15 -22.19 13.72 -6.31
CA GLY F 15 -21.15 13.29 -7.24
C GLY F 15 -21.70 13.26 -8.63
N THR F 16 -22.88 12.71 -8.76
CA THR F 16 -23.46 12.46 -10.07
C THR F 16 -23.86 13.73 -10.73
N SER F 17 -24.37 14.68 -9.94
CA SER F 17 -24.89 15.90 -10.57
C SER F 17 -23.74 16.79 -10.98
N MET F 18 -22.64 16.69 -10.24
CA MET F 18 -21.42 17.41 -10.60
C MET F 18 -20.85 16.95 -11.98
N MET F 19 -20.90 15.64 -12.25
CA MET F 19 -20.36 15.09 -13.51
C MET F 19 -21.37 14.79 -14.65
N MET F 20 -22.67 14.79 -14.37
CA MET F 20 -23.64 14.30 -15.34
C MET F 20 -23.48 14.84 -16.80
N ASP F 21 -23.36 16.16 -16.99
CA ASP F 21 -23.31 16.67 -18.36
C ASP F 21 -22.00 16.24 -19.02
N MET F 22 -20.89 16.40 -18.30
CA MET F 22 -19.55 16.08 -18.85
C MET F 22 -19.37 14.61 -19.26
N LEU F 23 -20.08 13.70 -18.60
CA LEU F 23 -20.00 12.29 -18.96
C LEU F 23 -20.53 12.03 -20.37
N LEU F 24 -21.20 13.02 -20.95
CA LEU F 24 -21.91 12.81 -22.19
C LEU F 24 -21.12 13.36 -23.38
N ASP F 25 -20.05 14.11 -23.12
CA ASP F 25 -19.23 14.71 -24.20
C ASP F 25 -17.78 14.88 -23.73
N GLU F 26 -17.13 13.73 -23.45
CA GLU F 26 -15.91 13.69 -22.64
C GLU F 26 -14.71 14.38 -23.27
N ARG F 27 -14.73 14.55 -24.58
CA ARG F 27 -13.67 15.26 -25.30
C ARG F 27 -14.19 16.49 -26.02
N ALA F 28 -15.44 16.88 -25.79
CA ALA F 28 -16.07 18.00 -26.49
C ALA F 28 -16.13 17.84 -27.98
N ASP F 29 -16.04 16.64 -28.53
CA ASP F 29 -16.12 16.58 -30.04
C ASP F 29 -17.49 16.08 -30.53
N ARG F 30 -18.44 15.83 -29.62
CA ARG F 30 -19.79 15.52 -30.13
C ARG F 30 -20.43 16.66 -30.98
N GLU F 31 -20.90 16.33 -32.16
CA GLU F 31 -21.51 17.35 -33.00
C GLU F 31 -23.02 17.17 -32.90
N ASP F 32 -23.48 16.22 -32.07
CA ASP F 32 -24.92 15.94 -32.05
C ASP F 32 -25.61 16.44 -30.76
N VAL F 33 -24.90 17.25 -29.97
CA VAL F 33 -25.44 17.71 -28.69
C VAL F 33 -25.00 19.11 -28.39
N GLU F 34 -25.82 19.84 -27.65
CA GLU F 34 -25.53 21.20 -27.25
C GLU F 34 -26.27 21.43 -25.93
N PHE F 35 -25.52 21.82 -24.90
CA PHE F 35 -26.02 21.92 -23.54
C PHE F 35 -25.84 23.31 -22.92
N ARG F 36 -26.77 23.66 -22.03
CA ARG F 36 -26.60 24.82 -21.16
C ARG F 36 -26.72 24.35 -19.73
N VAL F 37 -25.90 24.90 -18.84
CA VAL F 37 -25.89 24.45 -17.45
C VAL F 37 -26.14 25.70 -16.59
N VAL F 38 -27.12 25.67 -15.71
CA VAL F 38 -27.35 26.78 -14.79
C VAL F 38 -27.54 26.22 -13.40
N GLY F 39 -27.33 27.08 -12.40
CA GLY F 39 -27.40 26.64 -11.03
C GLY F 39 -27.24 27.79 -10.06
N THR F 40 -27.44 27.49 -8.78
CA THR F 40 -27.26 28.47 -7.74
C THR F 40 -26.15 28.01 -6.80
N SER F 41 -25.15 27.31 -7.36
CA SER F 41 -24.08 26.68 -6.63
C SER F 41 -24.65 25.74 -5.55
N VAL F 42 -24.10 25.76 -4.35
CA VAL F 42 -24.47 24.80 -3.33
C VAL F 42 -25.85 25.05 -2.69
N LYS F 43 -26.43 26.23 -2.93
CA LYS F 43 -27.65 26.59 -2.21
C LYS F 43 -28.84 25.91 -2.87
N MET F 44 -29.66 25.21 -2.07
CA MET F 44 -30.79 24.44 -2.61
C MET F 44 -32.13 24.59 -1.84
N ASP F 45 -32.28 25.74 -1.17
CA ASP F 45 -33.51 26.07 -0.46
C ASP F 45 -34.51 26.51 -1.54
N PRO F 46 -35.82 26.57 -1.19
CA PRO F 46 -36.89 26.94 -2.11
C PRO F 46 -36.65 28.19 -3.01
N GLU F 47 -36.23 29.32 -2.43
CA GLU F 47 -36.02 30.51 -3.26
C GLU F 47 -34.93 30.28 -4.30
N CYS F 48 -33.80 29.73 -3.87
CA CYS F 48 -32.70 29.45 -4.80
C CYS F 48 -33.12 28.48 -5.90
N VAL F 49 -33.78 27.38 -5.52
CA VAL F 49 -34.14 26.40 -6.52
C VAL F 49 -35.12 27.02 -7.52
N GLU F 50 -36.10 27.78 -7.03
CA GLU F 50 -37.03 28.48 -7.94
C GLU F 50 -36.29 29.44 -8.87
N ALA F 51 -35.28 30.12 -8.36
CA ALA F 51 -34.55 31.09 -9.17
C ALA F 51 -33.73 30.34 -10.22
N ALA F 52 -33.19 29.18 -9.85
CA ALA F 52 -32.40 28.39 -10.79
C ALA F 52 -33.31 27.87 -11.91
N VAL F 53 -34.47 27.33 -11.53
CA VAL F 53 -35.40 26.79 -12.54
C VAL F 53 -35.89 27.90 -13.50
N GLU F 54 -36.04 29.10 -12.98
CA GLU F 54 -36.50 30.22 -13.84
C GLU F 54 -35.46 30.63 -14.85
N MET F 55 -34.19 30.63 -14.41
CA MET F 55 -33.09 30.83 -15.32
C MET F 55 -33.20 29.83 -16.46
N ALA F 56 -33.33 28.55 -16.11
CA ALA F 56 -33.47 27.50 -17.08
C ALA F 56 -34.63 27.83 -18.03
N LEU F 57 -35.78 28.18 -17.47
CA LEU F 57 -36.98 28.36 -18.28
C LEU F 57 -36.87 29.60 -19.16
N ASP F 58 -36.28 30.67 -18.63
CA ASP F 58 -35.99 31.84 -19.42
C ASP F 58 -35.12 31.51 -20.60
N ILE F 59 -34.02 30.82 -20.32
CA ILE F 59 -33.10 30.40 -21.36
C ILE F 59 -33.78 29.44 -22.34
N ALA F 60 -34.69 28.60 -21.85
CA ALA F 60 -35.33 27.60 -22.69
C ALA F 60 -36.12 28.24 -23.83
N GLU F 61 -36.70 29.41 -23.58
CA GLU F 61 -37.55 30.08 -24.57
C GLU F 61 -36.85 30.19 -25.92
N ASP F 62 -35.64 30.72 -25.93
CA ASP F 62 -34.83 30.78 -27.12
C ASP F 62 -34.05 29.48 -27.45
N PHE F 63 -33.51 28.82 -26.43
CA PHE F 63 -32.71 27.59 -26.61
C PHE F 63 -33.52 26.43 -27.14
N GLU F 64 -34.77 26.32 -26.71
CA GLU F 64 -35.65 25.22 -27.12
C GLU F 64 -35.07 23.84 -26.85
N PRO F 65 -34.73 23.55 -25.59
CA PRO F 65 -34.15 22.25 -25.23
C PRO F 65 -35.15 21.11 -25.40
N ASP F 66 -34.64 19.92 -25.73
CA ASP F 66 -35.47 18.73 -25.90
C ASP F 66 -35.86 18.16 -24.56
N PHE F 67 -35.02 18.41 -23.56
CA PHE F 67 -35.34 17.99 -22.22
C PHE F 67 -34.53 18.79 -21.20
N ILE F 68 -34.94 18.72 -19.94
CA ILE F 68 -34.26 19.43 -18.89
C ILE F 68 -33.94 18.49 -17.76
N VAL F 69 -32.78 18.68 -17.15
CA VAL F 69 -32.36 17.82 -16.11
C VAL F 69 -32.14 18.64 -14.83
N TYR F 70 -32.64 18.14 -13.70
CA TYR F 70 -32.38 18.81 -12.45
C TYR F 70 -31.61 17.87 -11.55
N GLY F 71 -30.44 18.32 -11.09
CA GLY F 71 -29.58 17.42 -10.31
C GLY F 71 -29.19 18.03 -8.99
N GLY F 72 -29.35 17.26 -7.92
CA GLY F 72 -28.82 17.65 -6.62
C GLY F 72 -29.30 16.74 -5.52
N PRO F 73 -28.94 17.07 -4.27
CA PRO F 73 -29.36 16.20 -3.16
C PRO F 73 -30.86 16.21 -2.94
N ASN F 74 -31.31 15.11 -2.35
CA ASN F 74 -32.66 14.91 -1.86
C ASN F 74 -33.83 15.50 -2.68
N PRO F 75 -34.27 14.77 -3.71
CA PRO F 75 -35.50 15.18 -4.45
C PRO F 75 -36.72 15.43 -3.55
N ALA F 76 -36.79 14.83 -2.36
CA ALA F 76 -37.93 15.03 -1.45
C ALA F 76 -37.84 16.30 -0.59
N ALA F 77 -36.70 17.00 -0.61
CA ALA F 77 -36.57 18.17 0.24
C ALA F 77 -37.37 19.32 -0.38
N PRO F 78 -37.59 20.39 0.40
CA PRO F 78 -38.44 21.49 -0.08
C PRO F 78 -37.97 22.11 -1.40
N GLY F 79 -36.68 22.46 -1.47
CA GLY F 79 -36.17 23.11 -2.69
C GLY F 79 -36.37 22.21 -3.89
N PRO F 80 -35.81 20.99 -3.86
CA PRO F 80 -36.00 20.08 -4.98
C PRO F 80 -37.47 19.76 -5.26
N SER F 81 -38.31 19.74 -4.23
CA SER F 81 -39.75 19.54 -4.47
C SER F 81 -40.33 20.66 -5.34
N LYS F 82 -39.90 21.89 -5.07
CA LYS F 82 -40.34 23.03 -5.85
C LYS F 82 -39.93 22.86 -7.32
N ALA F 83 -38.73 22.32 -7.53
CA ALA F 83 -38.21 22.14 -8.88
C ALA F 83 -39.05 21.09 -9.63
N ARG F 84 -39.29 19.96 -8.97
CA ARG F 84 -40.08 18.89 -9.55
C ARG F 84 -41.42 19.45 -10.04
N GLU F 85 -42.02 20.30 -9.20
CA GLU F 85 -43.32 20.86 -9.47
C GLU F 85 -43.27 21.83 -10.64
N MET F 86 -42.30 22.72 -10.64
CA MET F 86 -42.15 23.67 -11.74
C MET F 86 -41.88 22.96 -13.06
N LEU F 87 -41.04 21.92 -13.01
CA LEU F 87 -40.67 21.22 -14.24
C LEU F 87 -41.80 20.33 -14.74
N ALA F 88 -42.50 19.70 -13.81
CA ALA F 88 -43.66 18.90 -14.20
C ALA F 88 -44.70 19.77 -14.90
N ASP F 89 -44.94 20.96 -14.35
CA ASP F 89 -45.95 21.86 -14.92
C ASP F 89 -45.47 22.53 -16.18
N SER F 90 -44.18 22.38 -16.49
CA SER F 90 -43.62 22.98 -17.71
C SER F 90 -43.87 22.09 -18.94
N GLU F 91 -43.63 22.64 -20.11
CA GLU F 91 -43.79 21.90 -21.36
C GLU F 91 -42.62 20.92 -21.66
N TYR F 92 -41.53 21.00 -20.92
CA TYR F 92 -40.33 20.22 -21.28
C TYR F 92 -40.25 18.91 -20.53
N PRO F 93 -39.95 17.80 -21.23
CA PRO F 93 -39.68 16.55 -20.53
C PRO F 93 -38.53 16.80 -19.58
N ALA F 94 -38.60 16.28 -18.37
CA ALA F 94 -37.57 16.53 -17.37
C ALA F 94 -37.16 15.27 -16.63
N VAL F 95 -35.91 15.25 -16.15
CA VAL F 95 -35.30 14.16 -15.42
C VAL F 95 -34.67 14.66 -14.11
N ILE F 96 -35.00 14.00 -13.02
CA ILE F 96 -34.43 14.35 -11.73
C ILE F 96 -33.26 13.43 -11.38
N ILE F 97 -32.09 14.02 -11.11
CA ILE F 97 -30.94 13.26 -10.62
C ILE F 97 -30.86 13.50 -9.13
N GLY F 98 -30.87 12.42 -8.34
CA GLY F 98 -30.76 12.49 -6.89
C GLY F 98 -30.10 11.29 -6.23
N ASP F 99 -30.29 11.18 -4.90
CA ASP F 99 -29.59 10.21 -4.02
C ASP F 99 -30.63 9.34 -3.32
N ALA F 100 -30.24 8.54 -2.31
CA ALA F 100 -31.18 7.56 -1.71
C ALA F 100 -32.45 8.21 -1.15
N PRO F 101 -32.30 9.36 -0.50
CA PRO F 101 -33.49 10.02 0.09
C PRO F 101 -34.58 10.32 -0.95
N GLY F 102 -34.19 10.40 -2.22
CA GLY F 102 -35.17 10.53 -3.29
C GLY F 102 -36.20 9.40 -3.36
N LEU F 103 -35.88 8.25 -2.79
CA LEU F 103 -36.78 7.11 -2.90
C LEU F 103 -38.12 7.41 -2.26
N LYS F 104 -38.15 8.30 -1.27
CA LYS F 104 -39.41 8.67 -0.60
C LYS F 104 -40.45 9.27 -1.54
N VAL F 105 -39.99 9.92 -2.61
CA VAL F 105 -40.91 10.55 -3.56
C VAL F 105 -40.83 9.92 -4.95
N LYS F 106 -40.31 8.70 -5.01
CA LYS F 106 -40.25 7.96 -6.26
C LYS F 106 -41.63 7.86 -6.94
N ASP F 107 -42.64 7.39 -6.20
CA ASP F 107 -43.96 7.25 -6.81
C ASP F 107 -44.52 8.59 -7.25
N GLU F 108 -44.31 9.59 -6.40
CA GLU F 108 -44.73 10.94 -6.70
C GLU F 108 -44.14 11.42 -8.04
N MET F 109 -42.86 11.15 -8.27
CA MET F 109 -42.21 11.60 -9.50
C MET F 109 -42.84 10.95 -10.74
N GLU F 110 -43.17 9.67 -10.64
CA GLU F 110 -43.77 8.98 -11.76
C GLU F 110 -45.13 9.59 -12.09
N GLU F 111 -45.86 9.91 -11.02
CA GLU F 111 -47.16 10.53 -11.12
C GLU F 111 -47.03 11.92 -11.72
N GLN F 112 -45.91 12.57 -11.40
CA GLN F 112 -45.64 13.89 -11.93
C GLN F 112 -45.23 13.82 -13.40
N GLY F 113 -44.95 12.64 -13.91
CA GLY F 113 -44.52 12.50 -15.30
C GLY F 113 -43.04 12.81 -15.53
N LEU F 114 -42.24 12.74 -14.46
CA LEU F 114 -40.79 13.02 -14.53
C LEU F 114 -39.97 11.74 -14.58
N GLY F 115 -38.85 11.78 -15.28
CA GLY F 115 -37.89 10.70 -15.16
C GLY F 115 -37.00 10.91 -13.94
N TYR F 116 -36.30 9.86 -13.52
CA TYR F 116 -35.35 10.02 -12.44
C TYR F 116 -34.22 9.01 -12.55
N ILE F 117 -33.09 9.37 -11.93
CA ILE F 117 -31.97 8.49 -11.68
C ILE F 117 -31.54 8.77 -10.23
N LEU F 118 -31.76 7.79 -9.37
CA LEU F 118 -31.45 7.94 -7.97
C LEU F 118 -30.25 7.08 -7.73
N VAL F 119 -29.18 7.71 -7.24
CA VAL F 119 -27.90 7.03 -7.07
C VAL F 119 -27.65 6.87 -5.56
N LYS F 120 -27.95 5.67 -5.07
CA LYS F 120 -27.85 5.34 -3.64
C LYS F 120 -26.46 5.52 -3.02
N PRO F 121 -25.40 4.99 -3.65
CA PRO F 121 -24.04 5.28 -3.21
C PRO F 121 -23.53 6.75 -3.30
N ASP F 122 -24.32 7.69 -3.79
CA ASP F 122 -23.92 9.13 -3.87
C ASP F 122 -24.23 9.76 -2.49
N ALA F 123 -23.44 9.37 -1.50
CA ALA F 123 -23.78 9.59 -0.11
C ALA F 123 -23.51 11.00 0.36
N MET F 124 -24.41 11.51 1.20
CA MET F 124 -24.17 12.80 1.86
C MET F 124 -22.86 12.75 2.69
N LEU F 125 -22.09 13.83 2.68
CA LEU F 125 -20.85 13.94 3.47
C LEU F 125 -21.07 14.48 4.87
N GLY F 126 -20.00 14.49 5.68
CA GLY F 126 -20.08 14.83 7.12
C GLY F 126 -20.09 16.34 7.34
N ALA F 127 -21.20 16.95 6.96
CA ALA F 127 -21.34 18.39 6.94
C ALA F 127 -21.49 19.00 8.35
N ARG F 128 -20.45 18.95 9.16
CA ARG F 128 -20.45 19.70 10.43
C ARG F 128 -19.31 20.69 10.32
N ARG F 129 -19.55 21.95 10.72
CA ARG F 129 -18.52 23.00 10.59
C ARG F 129 -17.16 22.60 11.25
N GLU F 130 -17.22 21.83 12.32
CA GLU F 130 -15.97 21.51 13.05
C GLU F 130 -15.07 20.58 12.23
N PHE F 131 -15.63 19.94 11.22
CA PHE F 131 -14.88 18.95 10.44
C PHE F 131 -14.79 19.34 8.94
N LEU F 132 -15.92 19.75 8.36
CA LEU F 132 -15.95 19.92 6.96
C LEU F 132 -15.57 21.35 6.53
N ASP F 133 -14.32 21.57 6.14
CA ASP F 133 -14.00 22.86 5.49
C ASP F 133 -13.96 22.62 3.97
N PRO F 134 -13.63 23.66 3.18
CA PRO F 134 -13.63 23.42 1.73
C PRO F 134 -12.68 22.30 1.24
N VAL F 135 -11.45 22.27 1.76
CA VAL F 135 -10.52 21.19 1.41
C VAL F 135 -11.03 19.78 1.76
N GLU F 136 -11.59 19.60 2.94
CA GLU F 136 -12.17 18.28 3.28
C GLU F 136 -13.38 17.93 2.34
N MET F 137 -14.19 18.94 2.06
CA MET F 137 -15.33 18.73 1.17
C MET F 137 -14.87 18.25 -0.24
N ALA F 138 -13.79 18.85 -0.76
CA ALA F 138 -13.19 18.42 -2.02
C ALA F 138 -12.52 17.04 -1.98
N ILE F 139 -11.79 16.74 -0.92
CA ILE F 139 -11.20 15.44 -0.77
C ILE F 139 -12.29 14.32 -0.78
N TYR F 140 -13.37 14.52 -0.01
CA TYR F 140 -14.47 13.60 -0.01
C TYR F 140 -15.01 13.45 -1.45
N ASN F 141 -15.16 14.56 -2.15
CA ASN F 141 -15.72 14.50 -3.49
C ASN F 141 -14.80 13.77 -4.46
N ALA F 142 -13.48 13.88 -4.22
CA ALA F 142 -12.50 13.18 -5.05
C ALA F 142 -12.62 11.68 -4.85
N ASP F 143 -12.72 11.27 -3.59
CA ASP F 143 -12.95 9.83 -3.27
C ASP F 143 -14.27 9.27 -3.85
N LEU F 144 -15.34 10.05 -3.68
CA LEU F 144 -16.65 9.66 -4.21
C LEU F 144 -16.66 9.52 -5.71
N MET F 145 -16.03 10.48 -6.39
CA MET F 145 -15.98 10.50 -7.83
C MET F 145 -15.25 9.28 -8.31
N LYS F 146 -14.13 8.99 -7.67
CA LYS F 146 -13.41 7.75 -8.01
C LYS F 146 -14.30 6.50 -7.81
N VAL F 147 -15.04 6.47 -6.72
CA VAL F 147 -15.95 5.32 -6.48
C VAL F 147 -17.00 5.25 -7.61
N LEU F 148 -17.63 6.39 -7.95
CA LEU F 148 -18.74 6.38 -8.89
C LEU F 148 -18.27 6.12 -10.30
N ALA F 149 -17.04 6.55 -10.60
CA ALA F 149 -16.42 6.25 -11.89
C ALA F 149 -15.93 4.82 -12.00
N ALA F 150 -14.98 4.45 -11.16
CA ALA F 150 -14.31 3.14 -11.30
C ALA F 150 -15.16 1.91 -11.01
N THR F 151 -16.29 2.10 -10.33
CA THR F 151 -17.19 0.94 -10.13
C THR F 151 -18.13 0.79 -11.35
N GLY F 152 -18.18 1.79 -12.24
CA GLY F 152 -19.06 1.71 -13.38
C GLY F 152 -20.42 2.41 -13.31
N VAL F 153 -20.74 2.96 -12.12
CA VAL F 153 -21.97 3.74 -11.95
C VAL F 153 -22.11 4.88 -12.99
N PHE F 154 -21.05 5.64 -13.20
CA PHE F 154 -21.08 6.69 -14.21
C PHE F 154 -21.39 6.14 -15.59
N ARG F 155 -20.97 4.92 -15.89
CA ARG F 155 -21.32 4.34 -17.16
C ARG F 155 -22.84 4.13 -17.26
N VAL F 156 -23.45 3.66 -16.18
CA VAL F 156 -24.89 3.49 -16.18
C VAL F 156 -25.61 4.84 -16.46
N VAL F 157 -25.14 5.90 -15.82
CA VAL F 157 -25.72 7.24 -16.03
C VAL F 157 -25.46 7.71 -17.45
N GLN F 158 -24.24 7.49 -17.93
CA GLN F 158 -23.96 7.85 -19.33
C GLN F 158 -24.92 7.19 -20.30
N GLU F 159 -25.14 5.90 -20.10
CA GLU F 159 -26.03 5.17 -21.00
C GLU F 159 -27.45 5.70 -20.98
N ALA F 160 -27.97 5.92 -19.77
CA ALA F 160 -29.34 6.40 -19.64
C ALA F 160 -29.54 7.72 -20.39
N PHE F 161 -28.64 8.66 -20.21
CA PHE F 161 -28.78 9.88 -20.98
C PHE F 161 -28.58 9.68 -22.46
N ASP F 162 -27.68 8.78 -22.88
CA ASP F 162 -27.41 8.64 -24.32
C ASP F 162 -28.64 8.07 -25.04
N GLU F 163 -29.33 7.13 -24.40
CA GLU F 163 -30.55 6.55 -24.92
C GLU F 163 -31.60 7.66 -25.05
N LEU F 164 -31.69 8.51 -24.04
CA LEU F 164 -32.64 9.62 -24.07
C LEU F 164 -32.33 10.64 -25.19
N ILE F 165 -31.05 10.94 -25.37
CA ILE F 165 -30.60 11.85 -26.44
C ILE F 165 -30.96 11.31 -27.83
N GLU F 166 -30.82 9.99 -28.03
CA GLU F 166 -31.27 9.39 -29.30
C GLU F 166 -32.78 9.57 -29.54
N LYS F 167 -33.58 9.45 -28.48
CA LYS F 167 -35.01 9.68 -28.55
C LYS F 167 -35.30 11.14 -28.88
N ALA F 168 -34.55 12.05 -28.25
CA ALA F 168 -34.72 13.47 -28.50
C ALA F 168 -34.50 13.77 -29.98
N LYS F 169 -33.66 12.99 -30.64
CA LYS F 169 -33.33 13.18 -32.03
C LYS F 169 -34.39 12.54 -32.94
N GLU F 170 -35.07 11.52 -32.43
CA GLU F 170 -36.25 10.93 -33.08
C GLU F 170 -37.41 11.89 -32.89
N ASP F 171 -37.19 12.92 -32.10
CA ASP F 171 -38.07 14.10 -32.11
C ASP F 171 -39.29 14.06 -31.18
N GLU F 172 -39.59 12.90 -30.59
CA GLU F 172 -40.64 12.90 -29.59
C GLU F 172 -40.16 12.18 -28.39
N ILE F 173 -40.21 12.86 -27.25
CA ILE F 173 -39.88 12.20 -25.98
C ILE F 173 -41.14 12.02 -25.15
N SER F 174 -41.65 10.80 -25.09
CA SER F 174 -42.81 10.54 -24.26
C SER F 174 -42.36 10.20 -22.84
N GLU F 175 -43.29 10.19 -21.90
CA GLU F 175 -42.97 9.79 -20.53
C GLU F 175 -42.35 8.38 -20.49
N ASN F 176 -42.74 7.57 -21.46
CA ASN F 176 -42.23 6.20 -21.54
C ASN F 176 -40.74 6.10 -21.84
N ASP F 177 -40.17 7.21 -22.29
CA ASP F 177 -38.78 7.26 -22.69
C ASP F 177 -37.88 7.77 -21.56
N LEU F 178 -38.47 8.46 -20.59
CA LEU F 178 -37.71 9.04 -19.48
C LEU F 178 -37.14 7.96 -18.57
N PRO F 179 -35.84 8.04 -18.23
CA PRO F 179 -35.23 6.99 -17.38
C PRO F 179 -35.86 6.94 -16.01
N LYS F 180 -35.96 5.74 -15.46
CA LYS F 180 -36.45 5.52 -14.13
C LYS F 180 -35.56 4.51 -13.42
N LEU F 181 -34.44 4.99 -12.91
CA LEU F 181 -33.36 4.16 -12.44
C LEU F 181 -33.08 4.43 -10.97
N VAL F 182 -32.88 3.32 -10.25
CA VAL F 182 -32.34 3.33 -8.93
C VAL F 182 -31.04 2.50 -8.96
N ILE F 183 -29.94 3.17 -8.68
CA ILE F 183 -28.65 2.52 -8.83
C ILE F 183 -28.03 2.21 -7.46
N ASP F 184 -27.54 0.98 -7.30
CA ASP F 184 -26.86 0.62 -6.04
C ASP F 184 -25.89 -0.53 -6.27
N ARG F 185 -25.37 -1.07 -5.18
CA ARG F 185 -24.43 -2.18 -5.24
C ARG F 185 -24.90 -3.28 -6.20
N ASN F 186 -26.17 -3.68 -6.08
CA ASN F 186 -26.70 -4.78 -6.89
C ASN F 186 -26.87 -4.42 -8.39
N THR F 187 -26.79 -3.14 -8.74
CA THR F 187 -26.88 -2.73 -10.15
C THR F 187 -25.84 -3.46 -10.96
N LEU F 188 -24.69 -3.72 -10.34
CA LEU F 188 -23.54 -4.30 -11.04
C LEU F 188 -23.80 -5.72 -11.46
N LEU F 189 -24.62 -6.44 -10.68
CA LEU F 189 -25.03 -7.79 -11.06
C LEU F 189 -25.78 -7.92 -12.41
N GLU F 190 -26.38 -6.84 -12.92
CA GLU F 190 -27.05 -6.94 -14.24
C GLU F 190 -26.16 -6.45 -15.37
N ARG F 191 -24.93 -6.08 -15.07
CA ARG F 191 -24.08 -5.54 -16.10
C ARG F 191 -22.89 -6.43 -16.44
N GLU F 192 -22.15 -6.06 -17.46
CA GLU F 192 -20.99 -6.83 -17.90
C GLU F 192 -19.83 -5.88 -17.80
N GLU F 193 -19.83 -5.06 -16.75
CA GLU F 193 -18.82 -4.01 -16.60
C GLU F 193 -17.40 -4.61 -16.52
N PHE F 194 -17.25 -5.57 -15.60
CA PHE F 194 -15.96 -6.16 -15.25
C PHE F 194 -15.72 -7.49 -15.91
N GLU F 195 -14.59 -7.61 -16.59
CA GLU F 195 -14.13 -8.94 -17.05
C GLU F 195 -13.74 -9.87 -15.93
N ASN F 196 -13.13 -9.35 -14.86
CA ASN F 196 -12.68 -10.21 -13.76
C ASN F 196 -13.72 -10.22 -12.62
N PRO F 197 -14.23 -11.39 -12.24
CA PRO F 197 -15.29 -11.39 -11.22
C PRO F 197 -14.84 -10.83 -9.84
N TYR F 198 -13.55 -10.91 -9.49
CA TYR F 198 -13.15 -10.25 -8.23
C TYR F 198 -13.16 -8.72 -8.33
N ALA F 199 -12.91 -8.19 -9.54
CA ALA F 199 -13.02 -6.76 -9.76
C ALA F 199 -14.48 -6.36 -9.56
N MET F 200 -15.40 -7.13 -10.12
CA MET F 200 -16.81 -6.89 -9.84
C MET F 200 -17.11 -6.89 -8.31
N VAL F 201 -16.72 -7.93 -7.56
CA VAL F 201 -17.13 -7.96 -6.15
C VAL F 201 -16.40 -6.90 -5.27
N LYS F 202 -15.22 -6.45 -5.69
CA LYS F 202 -14.58 -5.32 -4.99
C LYS F 202 -15.33 -4.02 -5.32
N ALA F 203 -15.81 -3.89 -6.57
CA ALA F 203 -16.60 -2.72 -6.90
C ALA F 203 -17.94 -2.76 -6.17
N MET F 204 -18.52 -3.97 -5.95
CA MET F 204 -19.74 -4.10 -5.16
C MET F 204 -19.51 -3.65 -3.70
N ALA F 205 -18.40 -4.09 -3.13
CA ALA F 205 -18.03 -3.75 -1.73
C ALA F 205 -17.92 -2.20 -1.59
N ALA F 206 -17.23 -1.59 -2.54
CA ALA F 206 -17.09 -0.15 -2.62
C ALA F 206 -18.45 0.55 -2.66
N LEU F 207 -19.36 0.05 -3.49
CA LEU F 207 -20.68 0.69 -3.55
C LEU F 207 -21.45 0.48 -2.24
N GLU F 208 -21.26 -0.71 -1.66
CA GLU F 208 -21.88 -1.01 -0.37
C GLU F 208 -21.39 -0.03 0.67
N ILE F 209 -20.07 0.12 0.79
CA ILE F 209 -19.50 1.05 1.78
C ILE F 209 -19.98 2.54 1.50
N ALA F 210 -19.87 2.98 0.26
CA ALA F 210 -20.35 4.31 -0.11
C ALA F 210 -21.81 4.53 0.34
N GLU F 211 -22.68 3.58 0.01
CA GLU F 211 -24.04 3.68 0.45
C GLU F 211 -24.18 3.75 1.95
N ASN F 212 -23.43 2.90 2.66
CA ASN F 212 -23.41 2.92 4.11
C ASN F 212 -22.89 4.25 4.70
N VAL F 213 -22.05 4.96 3.95
CA VAL F 213 -21.58 6.27 4.39
C VAL F 213 -22.74 7.25 4.72
N ALA F 214 -23.79 7.19 3.94
CA ALA F 214 -24.91 8.12 4.07
C ALA F 214 -25.52 8.05 5.47
N ASP F 215 -25.70 6.84 6.01
CA ASP F 215 -26.32 6.70 7.31
C ASP F 215 -25.44 7.24 8.46
N VAL F 216 -24.14 7.04 8.30
CA VAL F 216 -23.17 7.62 9.25
C VAL F 216 -23.24 9.15 9.25
N SER F 217 -23.25 9.73 8.05
CA SER F 217 -23.34 11.20 7.91
C SER F 217 -24.61 11.74 8.51
N VAL F 218 -25.72 11.13 8.12
CA VAL F 218 -27.04 11.49 8.66
C VAL F 218 -27.07 11.41 10.17
N GLU F 219 -26.53 10.33 10.74
CA GLU F 219 -26.50 10.23 12.19
C GLU F 219 -25.67 11.37 12.75
N GLY F 220 -24.50 11.62 12.19
CA GLY F 220 -23.68 12.71 12.71
C GLY F 220 -24.20 14.15 12.46
N CYS F 221 -24.92 14.35 11.38
CA CYS F 221 -25.41 15.71 11.09
C CYS F 221 -26.78 16.06 11.69
N PHE F 222 -27.66 15.07 11.76
CA PHE F 222 -29.08 15.31 12.08
C PHE F 222 -29.56 14.60 13.36
N VAL F 223 -28.78 13.69 13.91
CA VAL F 223 -29.24 12.96 15.09
C VAL F 223 -28.40 13.27 16.33
N GLU F 224 -27.11 12.96 16.26
CA GLU F 224 -26.22 13.19 17.39
C GLU F 224 -26.05 14.68 17.63
N GLN F 225 -26.24 15.11 18.87
CA GLN F 225 -26.20 16.54 19.19
C GLN F 225 -24.95 16.96 19.95
N ASP F 226 -24.25 15.98 20.50
CA ASP F 226 -23.04 16.24 21.30
C ASP F 226 -21.82 16.24 20.39
N LYS F 227 -21.20 17.41 20.19
CA LYS F 227 -20.08 17.52 19.27
C LYS F 227 -18.91 16.59 19.60
N GLU F 228 -18.77 16.20 20.86
CA GLU F 228 -17.78 15.21 21.23
C GLU F 228 -18.07 13.88 20.59
N ARG F 229 -19.31 13.67 20.23
CA ARG F 229 -19.68 12.45 19.55
C ARG F 229 -19.81 12.67 18.08
N TYR F 230 -20.45 13.78 17.67
CA TYR F 230 -20.67 13.97 16.22
C TYR F 230 -19.45 14.25 15.36
N VAL F 231 -18.44 14.92 15.89
CA VAL F 231 -17.27 15.19 15.06
C VAL F 231 -16.60 13.86 14.66
N PRO F 232 -16.26 12.99 15.65
CA PRO F 232 -15.73 11.69 15.26
C PRO F 232 -16.66 10.95 14.28
N ILE F 233 -17.96 11.00 14.53
CA ILE F 233 -18.86 10.24 13.70
C ILE F 233 -18.77 10.68 12.25
N VAL F 234 -18.84 11.98 11.99
CA VAL F 234 -18.78 12.37 10.62
C VAL F 234 -17.40 12.10 10.01
N ALA F 235 -16.34 12.24 10.80
CA ALA F 235 -14.98 12.00 10.28
C ALA F 235 -14.81 10.50 9.91
N SER F 236 -15.46 9.61 10.67
CA SER F 236 -15.43 8.16 10.34
C SER F 236 -16.14 7.86 9.00
N ALA F 237 -17.18 8.63 8.68
CA ALA F 237 -17.85 8.48 7.37
C ALA F 237 -16.88 8.81 6.26
N HIS F 238 -16.06 9.83 6.43
CA HIS F 238 -15.00 10.12 5.45
C HIS F 238 -13.89 9.06 5.29
N GLU F 239 -13.45 8.48 6.39
CA GLU F 239 -12.49 7.35 6.36
C GLU F 239 -13.07 6.16 5.58
N MET F 240 -14.37 5.92 5.71
CA MET F 240 -15.09 4.93 4.87
C MET F 240 -15.01 5.23 3.40
N MET F 241 -15.39 6.44 3.02
CA MET F 241 -15.45 6.76 1.64
C MET F 241 -14.03 6.62 1.05
N ARG F 242 -13.04 7.03 1.81
CA ARG F 242 -11.64 6.89 1.39
C ARG F 242 -11.28 5.43 1.05
N LYS F 243 -11.71 4.51 1.93
CA LYS F 243 -11.52 3.11 1.64
C LYS F 243 -12.40 2.58 0.49
N ALA F 244 -13.66 2.98 0.38
CA ALA F 244 -14.45 2.63 -0.85
C ALA F 244 -13.69 3.00 -2.13
N ALA F 245 -13.00 4.15 -2.10
CA ALA F 245 -12.25 4.60 -3.30
C ALA F 245 -11.06 3.67 -3.55
N GLU F 246 -10.40 3.26 -2.48
CA GLU F 246 -9.28 2.34 -2.62
CA GLU F 246 -9.28 2.35 -2.60
C GLU F 246 -9.72 1.01 -3.18
N LEU F 247 -10.90 0.51 -2.74
CA LEU F 247 -11.51 -0.71 -3.34
C LEU F 247 -11.81 -0.50 -4.85
N ALA F 248 -12.38 0.67 -5.18
CA ALA F 248 -12.75 0.89 -6.58
C ALA F 248 -11.47 0.92 -7.43
N ASP F 249 -10.45 1.62 -6.92
CA ASP F 249 -9.13 1.60 -7.52
C ASP F 249 -8.62 0.15 -7.72
N GLU F 250 -8.65 -0.64 -6.64
CA GLU F 250 -8.22 -2.02 -6.73
C GLU F 250 -8.92 -2.80 -7.82
N ALA F 251 -10.22 -2.62 -7.99
CA ALA F 251 -10.97 -3.29 -9.09
C ALA F 251 -10.45 -2.89 -10.46
N ARG F 252 -10.28 -1.60 -10.66
CA ARG F 252 -9.73 -1.17 -11.87
C ARG F 252 -8.36 -1.75 -12.25
N GLU F 253 -7.42 -1.72 -11.36
CA GLU F 253 -6.11 -2.36 -11.54
C GLU F 253 -6.27 -3.84 -11.92
N LEU F 254 -7.21 -4.56 -11.28
CA LEU F 254 -7.46 -5.91 -11.73
C LEU F 254 -7.79 -5.94 -13.21
N GLU F 255 -8.68 -5.05 -13.66
CA GLU F 255 -9.01 -5.07 -15.08
C GLU F 255 -7.80 -4.76 -15.95
N LYS F 256 -6.96 -3.84 -15.47
CA LYS F 256 -5.68 -3.50 -16.16
C LYS F 256 -4.79 -4.76 -16.29
N SER F 257 -4.80 -5.59 -15.28
CA SER F 257 -3.88 -6.76 -15.24
C SER F 257 -4.28 -7.80 -16.25
N ASN F 258 -5.51 -7.70 -16.74
CA ASN F 258 -6.03 -8.61 -17.75
C ASN F 258 -6.23 -7.87 -19.09
N ASP F 259 -5.67 -6.68 -19.21
CA ASP F 259 -5.91 -5.90 -20.39
C ASP F 259 -7.37 -5.95 -20.81
N ALA F 260 -8.24 -5.70 -19.84
CA ALA F 260 -9.66 -5.81 -20.04
C ALA F 260 -10.46 -4.59 -19.58
N VAL F 261 -9.88 -3.39 -19.59
CA VAL F 261 -10.60 -2.27 -19.04
C VAL F 261 -11.65 -1.77 -20.09
N LEU F 262 -12.94 -1.92 -19.79
CA LEU F 262 -13.98 -1.47 -20.71
C LEU F 262 -13.92 0.06 -20.95
N ARG F 263 -13.81 0.49 -22.19
CA ARG F 263 -13.95 1.91 -22.45
C ARG F 263 -15.04 2.10 -23.51
N THR F 264 -15.95 3.02 -23.26
CA THR F 264 -17.04 3.26 -24.18
C THR F 264 -17.09 4.75 -24.53
N PRO F 265 -16.14 5.24 -25.32
CA PRO F 265 -16.09 6.68 -25.71
C PRO F 265 -17.15 7.08 -26.79
N HIS F 266 -17.52 8.36 -26.89
CA HIS F 266 -18.39 8.83 -28.02
C HIS F 266 -17.59 9.10 -29.28
N ALA F 267 -18.19 8.82 -30.44
CA ALA F 267 -17.72 9.29 -31.75
C ALA F 267 -18.33 10.66 -31.94
N PRO F 268 -17.78 11.49 -32.86
CA PRO F 268 -18.25 12.83 -33.14
C PRO F 268 -19.74 12.90 -33.54
N ASP F 269 -20.26 11.83 -34.15
CA ASP F 269 -21.68 11.77 -34.42
C ASP F 269 -22.48 11.25 -33.19
N GLY F 270 -21.89 11.24 -32.01
CA GLY F 270 -22.65 10.80 -30.83
C GLY F 270 -22.77 9.31 -30.52
N LYS F 271 -22.42 8.47 -31.48
CA LYS F 271 -22.49 7.03 -31.32
C LYS F 271 -21.55 6.58 -30.19
N VAL F 272 -21.99 5.63 -29.36
CA VAL F 272 -21.16 5.14 -28.30
C VAL F 272 -20.33 3.89 -28.68
N LEU F 273 -19.02 4.01 -28.64
CA LEU F 273 -18.15 2.95 -29.13
C LEU F 273 -17.74 2.10 -27.96
N SER F 274 -17.03 1.02 -28.26
CA SER F 274 -16.67 0.10 -27.22
C SER F 274 -15.33 -0.59 -27.49
N LYS F 275 -14.65 -0.99 -26.41
CA LYS F 275 -13.40 -1.71 -26.52
C LYS F 275 -12.95 -2.23 -25.14
N ARG F 276 -12.01 -3.15 -25.17
CA ARG F 276 -11.47 -3.73 -23.96
C ARG F 276 -9.96 -3.67 -23.92
N LYS F 277 -9.35 -4.08 -25.01
CA LYS F 277 -7.91 -4.17 -25.08
C LYS F 277 -7.32 -2.78 -25.31
N PHE F 278 -6.25 -2.49 -24.58
CA PHE F 278 -5.66 -1.18 -24.60
C PHE F 278 -5.35 -0.68 -26.01
N MET F 279 -4.76 -1.54 -26.83
CA MET F 279 -4.42 -1.17 -28.21
C MET F 279 -5.55 -1.31 -29.23
N GLU F 280 -6.71 -1.77 -28.80
CA GLU F 280 -7.79 -1.98 -29.74
C GLU F 280 -8.59 -0.67 -30.03
N ASP F 281 -8.79 -0.32 -31.28
CA ASP F 281 -9.63 0.81 -31.64
C ASP F 281 -11.02 0.59 -31.07
N PRO F 282 -11.61 1.64 -30.51
CA PRO F 282 -13.00 1.53 -30.05
C PRO F 282 -13.97 1.45 -31.22
N GLU F 283 -14.99 0.59 -31.12
CA GLU F 283 -15.90 0.43 -32.27
C GLU F 283 -17.36 0.23 -31.88
N1 H4M G . 24.88 -8.39 -5.68
C2 H4M G . 24.83 -8.45 -4.33
NA2 H4M G . 24.49 -7.36 -3.60
N3 H4M G . 25.13 -9.59 -3.68
C4 H4M G . 25.47 -10.71 -4.34
OH4 H4M G . 25.75 -11.75 -3.70
C4A H4M G . 25.54 -10.67 -5.72
N5 H4M G . 25.89 -11.79 -6.49
C6 H4M G . 26.52 -11.53 -7.77
C7 H4M G . 25.50 -10.66 -8.50
C7M H4M G . 26.02 -10.37 -9.90
N8 H4M G . 25.28 -9.43 -7.75
C8A H4M G . 25.23 -9.49 -6.39
C9 H4M G . 26.69 -12.92 -8.37
C9M H4M G . 27.95 -12.98 -9.22
C10 H4M G . 26.45 -13.05 -5.99
N10 H4M G . 26.87 -13.77 -7.20
C11 H4M G . 26.82 -17.97 -7.50
C12 H4M G . 26.81 -17.19 -8.65
C13 H4M G . 26.82 -15.79 -8.56
C14 H4M G . 26.85 -15.17 -7.31
C15 H4M G . 26.88 -15.95 -6.15
C16 H4M G . 26.86 -17.34 -6.25
CX1 H4M G . 26.84 -19.48 -7.55
CX2 H4M G . 25.69 -20.06 -8.35
CX3 H4M G . 25.95 -21.53 -8.70
CX4 H4M G . 24.76 -22.20 -9.38
CX5 H4M G . 24.84 -22.07 -10.90
OX2 H4M G . 24.48 -19.95 -7.58
OX3 H4M G . 27.04 -21.63 -9.60
OX4 H4M G . 24.73 -23.58 -9.00
OX5 H4M G . 23.76 -22.81 -11.47
O5J H4M G . 22.04 -26.10 -15.03
C5J H4M G . 21.71 -24.72 -14.98
C4J H4M G . 21.93 -24.16 -13.58
O4J H4M G . 23.24 -24.41 -13.06
C3J H4M G . 21.79 -22.67 -13.74
O3J H4M G . 21.01 -22.17 -12.65
C2J H4M G . 23.24 -22.19 -13.74
O2J H4M G . 23.38 -20.85 -13.28
C1J H4M G . 23.95 -23.19 -12.83
PA H4M G . 23.15 -26.67 -16.07
O1A H4M G . 22.27 -27.43 -17.04
O2A H4M G . 23.85 -25.45 -16.66
O3A H4M G . 24.06 -27.51 -15.21
N1 H4M H . -11.26 17.81 -16.94
C2 H4M H . -10.10 18.28 -16.45
NA2 H4M H . -9.95 18.46 -15.09
N3 H4M H . -9.10 18.60 -17.31
C4 H4M H . -9.26 18.46 -18.66
OH4 H4M H . -8.30 18.76 -19.42
C4A H4M H . -10.43 17.98 -19.19
N5 H4M H . -10.69 17.81 -20.61
C6 H4M H . -12.08 17.92 -21.06
C7 H4M H . -12.82 16.88 -20.19
C7M H4M H . -14.33 17.00 -20.35
N8 H4M H . -12.58 17.14 -18.76
C8A H4M H . -11.43 17.65 -18.29
C9 H4M H . -12.02 17.70 -22.60
C9M H4M H . -13.03 18.61 -23.32
C10 H4M H . -9.99 18.56 -21.66
N10 H4M H . -10.70 18.18 -22.91
C11 H4M H . -8.70 18.15 -26.59
C12 H4M H . -9.98 17.59 -26.51
C13 H4M H . -10.68 17.60 -25.30
C14 H4M H . -10.07 18.14 -24.15
C15 H4M H . -8.81 18.71 -24.24
C16 H4M H . -8.11 18.71 -25.45
CX1 H4M H . -7.93 18.20 -27.92
CX2 H4M H . -7.77 16.81 -28.54
CX3 H4M H . -7.46 16.84 -30.07
CX4 H4M H . -7.08 15.45 -30.43
CX5 H4M H . -8.33 14.66 -30.80
OX2 H4M H . -6.71 16.08 -27.85
OX3 H4M H . -8.65 17.00 -30.91
OX4 H4M H . -6.22 15.50 -31.54
OX5 H4M H . -7.90 13.36 -31.12
O5J H4M H . -9.06 10.07 -34.63
C5J H4M H . -7.68 10.25 -34.37
C4J H4M H . -7.48 10.80 -32.97
O4J H4M H . -7.62 12.22 -33.00
C3J H4M H . -8.53 10.32 -31.95
O3J H4M H . -7.78 10.16 -30.76
C2J H4M H . -9.43 11.50 -31.64
O2J H4M H . -9.49 11.56 -30.22
C1J H4M H . -8.65 12.72 -32.16
PA H4M H . -9.54 10.18 -36.18
O1A H4M H . -10.70 9.21 -36.38
O2A H4M H . -10.02 11.64 -36.21
O3A H4M H . -8.24 9.81 -36.89
CA CA I . -12.70 45.31 -26.32
C1 GOL J . -8.78 47.35 -20.52
O1 GOL J . -10.00 46.79 -20.95
C2 GOL J . -9.17 48.51 -19.63
O2 GOL J . -8.61 48.39 -18.35
C3 GOL J . -10.71 48.55 -19.62
O3 GOL J . -11.19 49.35 -18.55
N1 H4M K . -16.25 -17.72 11.74
C2 H4M K . -16.71 -16.53 12.15
NA2 H4M K . -15.89 -15.63 12.75
N3 H4M K . -17.99 -16.15 11.94
C4 H4M K . -18.85 -16.99 11.36
OH4 H4M K . -20.04 -16.65 11.15
C4A H4M K . -18.43 -18.23 10.98
N5 H4M K . -19.32 -19.12 10.39
C6 H4M K . -19.12 -20.53 10.64
C7 H4M K . -17.66 -20.76 10.21
C7M H4M K . -17.18 -22.18 10.48
N8 H4M K . -16.72 -19.84 10.81
C8A H4M K . -17.12 -18.61 11.20
C9 H4M K . -20.18 -21.14 9.74
C9M H4M K . -20.90 -22.31 10.45
C10 H4M K . -20.76 -18.89 10.33
N10 H4M K . -21.21 -20.12 9.68
C11 H4M K . -24.77 -20.81 7.48
C12 H4M K . -23.70 -21.73 7.44
C13 H4M K . -22.53 -21.48 8.17
C14 H4M K . -22.39 -20.32 8.94
C15 H4M K . -23.44 -19.42 9.00
C16 H4M K . -24.61 -19.67 8.25
CX1 H4M K . -26.08 -21.04 6.71
CX2 H4M K . -25.98 -20.85 5.17
CX3 H4M K . -27.31 -21.12 4.43
CX4 H4M K . -27.10 -21.30 2.93
CX5 H4M K . -26.37 -22.58 2.64
OX2 H4M K . -25.53 -19.50 4.85
OX3 H4M K . -27.95 -22.31 4.90
OX4 H4M K . -28.38 -21.51 2.34
OX5 H4M K . -26.16 -22.66 1.24
O5J H4M K . -27.26 -25.45 -2.60
C5J H4M K . -27.38 -24.05 -2.78
C4J H4M K . -26.80 -23.31 -1.60
O4J H4M K . -27.48 -23.62 -0.39
C3J H4M K . -25.34 -23.66 -1.42
O3J H4M K . -24.59 -22.42 -1.39
C2J H4M K . -25.30 -24.38 -0.08
O2J H4M K . -24.17 -23.98 0.70
C1J H4M K . -26.53 -23.90 0.64
PA H4M K . -28.27 -26.52 -3.36
O1A H4M K . -27.55 -26.78 -4.66
O2A H4M K . -28.31 -27.74 -2.43
O3A H4M K . -29.61 -25.81 -3.48
N1 H4M L . 24.25 9.23 -7.34
C2 H4M L . 23.41 9.36 -8.37
NA2 H4M L . 22.78 8.26 -8.85
N3 H4M L . 23.20 10.60 -8.96
C4 H4M L . 23.84 11.68 -8.45
OH4 H4M L . 23.69 12.85 -8.89
C4A H4M L . 24.71 11.53 -7.41
N5 H4M L . 25.38 12.64 -6.89
C6 H4M L . 26.64 12.41 -6.21
C7 H4M L . 26.27 11.39 -5.13
C7M H4M L . 27.50 11.08 -4.28
N8 H4M L . 25.75 10.21 -5.78
C8A H4M L . 24.89 10.30 -6.83
C9 H4M L . 26.97 13.81 -5.68
C9M H4M L . 28.46 14.04 -5.54
C10 H4M L . 25.38 13.98 -7.48
N10 H4M L . 26.44 14.67 -6.74
C11 H4M L . 26.75 18.87 -6.28
C12 H4M L . 27.41 18.01 -5.40
C13 H4M L . 27.28 16.62 -5.57
C14 H4M L . 26.53 16.08 -6.61
C15 H4M L . 25.87 16.95 -7.50
C16 H4M L . 26.00 18.33 -7.32
CX1 H4M L . 26.87 20.39 -6.12
CX2 H4M L . 25.95 20.93 -5.02
CX3 H4M L . 26.19 22.41 -4.83
CX4 H4M L . 25.57 23.01 -3.59
CX5 H4M L . 26.35 22.87 -2.29
OX2 H4M L . 24.57 20.81 -5.40
OX3 H4M L . 27.60 22.66 -4.80
OX4 H4M L . 25.58 24.40 -3.86
OX5 H4M L . 25.81 23.85 -1.37
O5J H4M L . 25.87 27.15 1.97
C5J H4M L . 25.79 25.82 2.40
C4J H4M L . 25.06 25.14 1.30
O4J H4M L . 25.91 25.32 0.17
C3J H4M L . 25.02 23.67 1.65
O3J H4M L . 23.85 23.19 1.03
C2J H4M L . 26.22 23.10 0.93
O2J H4M L . 25.85 21.83 0.40
C1J H4M L . 26.54 24.12 -0.20
PA H4M L . 26.65 28.15 2.97
O1A H4M L . 25.65 28.43 4.07
O2A H4M L . 27.84 27.26 3.34
O3A H4M L . 26.92 29.37 2.13
NA NA M . 13.76 12.71 3.42
N1 H4M N . -0.88 -18.03 20.07
C2 H4M N . -0.10 -18.52 19.13
NA2 H4M N . -0.63 -18.71 17.89
N3 H4M N . 1.17 -18.84 19.36
C4 H4M N . 1.74 -18.65 20.56
OH4 H4M N . 2.96 -18.91 20.73
C4A H4M N . 0.96 -18.15 21.55
N5 H4M N . 1.46 -17.97 22.86
C6 H4M N . 0.46 -18.10 23.90
C7 H4M N . -0.64 -17.10 23.54
C7M H4M N . -1.81 -17.18 24.50
N8 H4M N . -1.18 -17.38 22.20
C8A H4M N . -0.37 -17.87 21.28
C9 H4M N . 1.29 -17.87 25.19
C9M H4M N . 0.72 -18.70 26.37
C10 H4M N . 2.59 -18.74 23.37
N10 H4M N . 2.57 -18.46 24.81
C11 H4M N . 5.98 -18.02 27.22
C12 H4M N . 4.78 -17.43 27.62
C13 H4M N . 3.66 -17.59 26.81
C14 H4M N . 3.72 -18.30 25.61
C15 H4M N . 4.91 -18.89 25.24
C16 H4M N . 6.05 -18.75 26.04
CX1 H4M N . 7.22 -17.91 28.09
CX2 H4M N . 7.63 -16.48 28.41
CX3 H4M N . 8.80 -16.54 29.37
CX4 H4M N . 9.20 -15.11 29.67
CX5 H4M N . 8.29 -14.42 30.65
OX2 H4M N . 8.20 -15.86 27.23
OX3 H4M N . 8.44 -17.21 30.57
OX4 H4M N . 10.50 -15.06 30.23
OX5 H4M N . 8.98 -13.20 30.90
O5J H4M N . 9.46 -9.61 34.56
C5J H4M N . 10.44 -9.89 33.59
C4J H4M N . 9.82 -10.60 32.41
O4J H4M N . 9.85 -12.00 32.63
C3J H4M N . 8.37 -10.24 32.00
O3J H4M N . 8.48 -9.81 30.64
C2J H4M N . 7.59 -11.54 32.10
O2J H4M N . 6.62 -11.84 31.03
C1J H4M N . 8.67 -12.62 32.17
PA H4M N . 9.88 -9.53 36.14
O1A H4M N . 9.20 -8.26 36.71
O2A H4M N . 9.28 -10.84 36.70
O3A H4M N . 11.41 -9.47 36.08
NA NA O . 4.70 -21.47 28.93
N1 H4M P . -20.72 17.08 -2.21
C2 H4M P . -21.22 15.83 -2.25
NA2 H4M P . -20.77 14.96 -3.17
N3 H4M P . -22.18 15.44 -1.38
C4 H4M P . -22.64 16.28 -0.42
OH4 H4M P . -23.51 15.98 0.45
C4A H4M P . -22.15 17.53 -0.42
N5 H4M P . -22.64 18.42 0.52
C6 H4M P . -22.66 19.81 0.14
C7 H4M P . -21.19 20.11 -0.20
C7M H4M P . -21.00 21.55 -0.74
N8 H4M P . -20.73 19.21 -1.23
C8A H4M P . -21.20 17.96 -1.32
C9 H4M P . -23.19 20.44 1.43
C9M H4M P . -24.06 21.67 1.13
C10 H4M P . -23.82 18.12 1.29
N10 H4M P . -23.99 19.38 2.03
C11 H4M P . -26.06 19.92 5.68
C12 H4M P . -25.24 20.92 5.17
C13 H4M P . -24.56 20.72 3.96
C14 H4M P . -24.69 19.53 3.26
C15 H4M P . -25.51 18.52 3.77
C16 H4M P . -26.20 18.73 4.98
CX1 H4M P . -26.83 20.16 6.98
CX2 H4M P . -25.94 20.16 8.22
CX3 H4M P . -26.82 20.31 9.43
CX4 H4M P . -25.93 20.22 10.65
CX5 H4M P . -25.06 21.48 10.72
OX2 H4M P . -25.29 18.88 8.35
OX3 H4M P . -27.43 21.59 9.38
OX4 H4M P . -26.80 20.25 11.76
OX5 H4M P . -24.57 21.62 12.04
O5J H4M P . -23.14 24.50 15.34
C5J H4M P . -23.15 23.14 15.71
C4J H4M P . -23.29 22.40 14.41
O4J H4M P . -24.51 22.84 13.83
C3J H4M P . -22.18 22.82 13.47
O3J H4M P . -21.42 21.65 13.13
C2J H4M P . -22.90 23.46 12.29
O2J H4M P . -22.26 23.13 11.05
C1J H4M P . -24.35 22.95 12.42
PA H4M P . -23.49 25.60 16.48
O1A H4M P . -22.15 26.04 17.05
O2A H4M P . -24.23 26.68 15.71
O3A H4M P . -24.32 24.81 17.50
NA NA Q . -18.48 25.49 14.90
#